data_7DKE
#
_entry.id   7DKE
#
_cell.length_a   68.035
_cell.length_b   74.555
_cell.length_c   153.868
_cell.angle_alpha   90.000
_cell.angle_beta   94.437
_cell.angle_gamma   90.000
#
_symmetry.space_group_name_H-M   'P 1 21 1'
#
loop_
_entity.id
_entity.type
_entity.pdbx_description
1 polymer Dipeptidyl-peptidase
2 non-polymer PHENYLALANINE
3 non-polymer TYROSINE
4 non-polymer GLYCEROL
5 water water
#
_entity_poly.entity_id   1
_entity_poly.type   'polypeptide(L)'
_entity_poly.pdbx_seq_one_letter_code
;MRSNLLAFSIVASLGLAQVAHAAEGMWVPQQLPEIAGPLQKAGLKLSPEQLANLTGDPMGAVVALGGCTASFVSPQGLVV
TNHHCAYGAIQLNSTAQKNLIKDGFNAPTLKDELSAGPNARVFVLDQITDVTAQAKAAIAGAGNDPLARSRALDAFDKAQ
VAACEADAGFRCRLYSFSGGNTYRLFRNMEIKDVRLVYAPPGSVGKFGGDVDNWMWPRHTGDFSFYRAYVGKDGKPAAFA
ADNVPYQPKHFLKFADQPLGADDFVMVAGYPGRTNRYALAGEFNETASFTYPTIAKHYNAVLKMIADAGKADADVKVKYA
ATAASMNNVAKNYLGQLEGFKRIDAAGQKQAEEAAVLAWLKKQGAAGKPALAAHAQLLKHLDTSKSTRERDLFVGQFNNT
SAVGAAITLYRLSIERSKPDAEREAGYQERDLTTIEGGLKQMDRRYVAKMDQQLQTYWLDQYVALPAAQRDNEVLNKWLA
GSDAAAVKSLVNKLGGTELGSLDTRLKWFKADRAAFEASNDPAIQYAVAVMPALLKQEEQKKIREGESLTARPLYLQAVA
DYKKSQGEFVYPDANLSLRITFGNVMGYGKDGVKYTPFTTLEGVAAKETGEDPFDSPKALLDAVKAKRYGGLEDKRLGSV
PVNFLSNLDITGGNSGSPVLDANGKLVGLAFDGNWESVSSNWVFDPVMTRMIAVDSRYMQWIMQEVAPAPQLLKELNLAK
;
_entity_poly.pdbx_strand_id   A,B
#
loop_
_chem_comp.id
_chem_comp.type
_chem_comp.name
_chem_comp.formula
GOL non-polymer GLYCEROL 'C3 H8 O3'
#
# COMPACT_ATOMS: atom_id res chain seq x y z
N ALA A 23 -13.70 -22.60 10.15
CA ALA A 23 -13.55 -23.98 9.58
C ALA A 23 -13.60 -23.91 8.05
N GLU A 24 -12.76 -24.70 7.35
CA GLU A 24 -12.91 -24.91 5.89
C GLU A 24 -14.27 -25.53 5.55
N GLY A 25 -14.86 -25.10 4.43
CA GLY A 25 -15.98 -25.82 3.82
C GLY A 25 -17.21 -24.98 3.59
N MET A 26 -17.82 -25.16 2.43
CA MET A 26 -19.14 -24.58 2.09
C MET A 26 -20.11 -25.73 2.06
N TRP A 27 -20.56 -26.11 3.23
CA TRP A 27 -21.24 -27.39 3.47
C TRP A 27 -22.67 -27.28 2.95
N VAL A 28 -23.13 -28.30 2.24
CA VAL A 28 -24.55 -28.31 1.81
C VAL A 28 -25.35 -28.70 3.04
N PRO A 29 -26.63 -28.30 3.09
CA PRO A 29 -27.46 -28.66 4.22
C PRO A 29 -27.46 -30.18 4.48
N GLN A 30 -27.32 -30.96 3.43
CA GLN A 30 -27.39 -32.44 3.49
C GLN A 30 -26.13 -32.99 4.20
N GLN A 31 -25.11 -32.16 4.38
CA GLN A 31 -23.86 -32.53 5.11
C GLN A 31 -23.94 -32.14 6.59
N LEU A 32 -25.07 -31.60 7.05
CA LEU A 32 -25.23 -31.21 8.47
C LEU A 32 -24.79 -32.37 9.39
N PRO A 33 -25.20 -33.63 9.16
CA PRO A 33 -24.77 -34.72 10.05
C PRO A 33 -23.25 -34.79 10.23
N GLU A 34 -22.49 -34.53 9.17
CA GLU A 34 -21.00 -34.56 9.17
C GLU A 34 -20.41 -33.35 9.92
N ILE A 35 -21.09 -32.19 9.95
CA ILE A 35 -20.54 -31.00 10.65
C ILE A 35 -21.22 -30.77 12.01
N ALA A 36 -22.23 -31.57 12.39
CA ALA A 36 -22.96 -31.40 13.68
C ALA A 36 -21.97 -31.43 14.85
N GLY A 37 -21.03 -32.37 14.89
CA GLY A 37 -20.06 -32.46 15.99
C GLY A 37 -19.11 -31.26 15.97
N PRO A 38 -18.43 -31.00 14.84
CA PRO A 38 -17.64 -29.76 14.73
C PRO A 38 -18.43 -28.48 15.09
N LEU A 39 -19.67 -28.34 14.65
CA LEU A 39 -20.50 -27.14 15.00
C LEU A 39 -20.58 -27.00 16.52
N GLN A 40 -20.98 -28.07 17.23
CA GLN A 40 -21.07 -28.05 18.70
C GLN A 40 -19.72 -27.71 19.33
N LYS A 41 -18.66 -28.34 18.86
CA LYS A 41 -17.30 -28.18 19.44
C LYS A 41 -16.85 -26.71 19.34
N ALA A 42 -17.21 -26.06 18.23
CA ALA A 42 -16.86 -24.64 17.97
C ALA A 42 -17.74 -23.70 18.79
N GLY A 43 -18.87 -24.17 19.33
CA GLY A 43 -19.68 -23.35 20.24
C GLY A 43 -21.16 -23.16 19.86
N LEU A 44 -21.68 -23.84 18.83
CA LEU A 44 -23.14 -23.80 18.49
C LEU A 44 -23.97 -24.30 19.70
N LYS A 45 -24.90 -23.49 20.17
CA LYS A 45 -25.83 -23.85 21.27
C LYS A 45 -27.20 -24.29 20.74
N LEU A 46 -27.55 -23.97 19.50
CA LEU A 46 -28.72 -24.62 18.83
C LEU A 46 -28.38 -26.10 18.57
N SER A 47 -29.39 -26.95 18.50
CA SER A 47 -29.22 -28.36 18.06
C SER A 47 -28.97 -28.32 16.55
N PRO A 48 -27.91 -29.00 16.04
CA PRO A 48 -27.70 -29.10 14.60
C PRO A 48 -29.01 -29.46 13.88
N GLU A 49 -29.86 -30.27 14.53
CA GLU A 49 -31.25 -30.60 14.10
C GLU A 49 -32.04 -29.33 13.74
N GLN A 50 -32.02 -28.29 14.57
CA GLN A 50 -32.76 -27.02 14.29
C GLN A 50 -32.24 -26.39 12.99
N LEU A 51 -30.95 -26.57 12.66
CA LEU A 51 -30.35 -25.99 11.43
C LEU A 51 -30.80 -26.78 10.19
N ALA A 52 -31.18 -28.05 10.36
CA ALA A 52 -31.59 -28.93 9.23
C ALA A 52 -33.01 -28.59 8.77
N ASN A 53 -33.83 -27.91 9.57
CA ASN A 53 -35.14 -27.42 9.06
C ASN A 53 -34.91 -26.12 8.27
N LEU A 54 -34.75 -26.22 6.97
CA LEU A 54 -34.30 -25.07 6.14
C LEU A 54 -35.43 -24.06 5.90
N THR A 55 -36.67 -24.37 6.25
CA THR A 55 -37.79 -23.39 6.18
C THR A 55 -38.25 -23.01 7.59
N GLY A 56 -37.48 -23.38 8.63
CA GLY A 56 -37.84 -23.11 10.04
C GLY A 56 -36.98 -22.01 10.63
N ASP A 57 -36.99 -21.86 11.95
CA ASP A 57 -36.25 -20.80 12.65
C ASP A 57 -34.90 -21.38 13.02
N PRO A 58 -33.73 -20.78 12.66
CA PRO A 58 -33.62 -19.53 11.88
C PRO A 58 -33.35 -19.58 10.35
N MET A 59 -33.08 -20.77 9.78
CA MET A 59 -32.61 -20.92 8.37
C MET A 59 -33.66 -20.37 7.38
N GLY A 60 -34.93 -20.43 7.75
CA GLY A 60 -36.05 -19.97 6.90
C GLY A 60 -36.01 -18.47 6.71
N ALA A 61 -35.28 -17.74 7.58
CA ALA A 61 -35.22 -16.25 7.46
C ALA A 61 -34.17 -15.87 6.42
N VAL A 62 -33.28 -16.80 6.06
CA VAL A 62 -32.20 -16.54 5.06
C VAL A 62 -32.78 -16.63 3.64
N VAL A 63 -32.48 -15.62 2.81
CA VAL A 63 -33.05 -15.53 1.46
C VAL A 63 -31.93 -15.29 0.46
N ALA A 64 -32.19 -15.67 -0.80
CA ALA A 64 -31.27 -15.35 -1.93
C ALA A 64 -31.77 -14.08 -2.63
N LEU A 65 -30.87 -13.27 -3.14
CA LEU A 65 -31.28 -12.07 -3.90
C LEU A 65 -30.96 -12.26 -5.38
N GLY A 66 -30.20 -13.32 -5.70
CA GLY A 66 -29.62 -13.53 -7.05
C GLY A 66 -28.28 -12.85 -7.12
N GLY A 67 -27.23 -13.47 -6.62
CA GLY A 67 -25.87 -12.87 -6.62
C GLY A 67 -25.44 -12.37 -5.24
N CYS A 68 -26.36 -12.25 -4.28
CA CYS A 68 -26.12 -11.77 -2.90
C CYS A 68 -27.08 -12.58 -2.03
N THR A 69 -26.81 -12.58 -0.75
CA THR A 69 -27.63 -13.17 0.33
C THR A 69 -28.29 -12.01 1.07
N ALA A 70 -29.38 -12.29 1.76
CA ALA A 70 -30.05 -11.33 2.64
C ALA A 70 -30.79 -12.14 3.70
N SER A 71 -31.49 -11.46 4.59
CA SER A 71 -32.33 -12.16 5.58
C SER A 71 -33.48 -11.27 5.99
N PHE A 72 -34.60 -11.91 6.29
CA PHE A 72 -35.74 -11.24 6.96
C PHE A 72 -35.38 -10.90 8.41
N VAL A 73 -35.68 -9.67 8.81
CA VAL A 73 -35.43 -9.13 10.15
C VAL A 73 -36.68 -8.48 10.70
N SER A 74 -37.83 -8.62 10.07
CA SER A 74 -39.08 -8.24 10.77
C SER A 74 -40.22 -9.05 10.19
N PRO A 75 -41.35 -9.12 10.92
CA PRO A 75 -42.53 -9.84 10.42
C PRO A 75 -43.29 -9.14 9.30
N GLN A 76 -42.88 -7.92 8.97
CA GLN A 76 -43.51 -7.12 7.88
C GLN A 76 -42.54 -7.04 6.70
N GLY A 77 -41.64 -8.00 6.61
CA GLY A 77 -40.95 -8.32 5.37
C GLY A 77 -39.71 -7.44 5.19
N LEU A 78 -39.23 -6.85 6.27
CA LEU A 78 -37.94 -6.12 6.24
C LEU A 78 -36.82 -7.13 5.98
N VAL A 79 -35.90 -6.75 5.11
CA VAL A 79 -34.79 -7.60 4.63
C VAL A 79 -33.53 -6.78 4.81
N VAL A 80 -32.51 -7.39 5.37
CA VAL A 80 -31.21 -6.69 5.52
C VAL A 80 -30.18 -7.40 4.65
N THR A 81 -29.33 -6.60 4.03
CA THR A 81 -28.25 -7.07 3.15
C THR A 81 -27.14 -6.04 3.20
N ASN A 82 -26.12 -6.22 2.37
CA ASN A 82 -25.01 -5.26 2.34
C ASN A 82 -25.45 -4.01 1.57
N HIS A 83 -24.78 -2.91 1.78
CA HIS A 83 -24.87 -1.70 0.92
C HIS A 83 -24.49 -2.05 -0.53
N HIS A 84 -23.39 -2.76 -0.74
CA HIS A 84 -22.90 -3.09 -2.11
C HIS A 84 -23.86 -4.06 -2.82
N CYS A 85 -24.72 -4.78 -2.11
CA CYS A 85 -25.77 -5.63 -2.68
C CYS A 85 -26.97 -4.77 -3.08
N ALA A 86 -27.29 -3.74 -2.32
CA ALA A 86 -28.41 -2.78 -2.58
C ALA A 86 -27.93 -1.70 -3.53
N TYR A 87 -26.63 -1.68 -3.80
CA TYR A 87 -26.01 -0.59 -4.63
C TYR A 87 -26.74 -0.39 -5.95
N GLY A 88 -27.00 -1.47 -6.70
CA GLY A 88 -27.74 -1.42 -7.97
C GLY A 88 -29.07 -0.71 -7.76
N ALA A 89 -29.89 -1.14 -6.81
CA ALA A 89 -31.19 -0.51 -6.53
C ALA A 89 -31.01 0.95 -6.14
N ILE A 90 -29.97 1.29 -5.37
CA ILE A 90 -29.79 2.68 -4.88
C ILE A 90 -29.45 3.50 -6.12
N GLN A 91 -28.57 2.98 -6.99
CA GLN A 91 -28.11 3.64 -8.25
C GLN A 91 -29.30 3.84 -9.20
N LEU A 92 -30.20 2.86 -9.31
CA LEU A 92 -31.37 2.96 -10.21
C LEU A 92 -32.27 4.11 -9.77
N ASN A 93 -32.24 4.44 -8.48
CA ASN A 93 -33.07 5.51 -7.87
C ASN A 93 -32.29 6.81 -7.69
N SER A 94 -31.07 6.89 -8.19
CA SER A 94 -30.20 8.07 -8.02
C SER A 94 -30.26 8.91 -9.30
N THR A 95 -30.13 10.22 -9.17
CA THR A 95 -29.84 11.16 -10.26
C THR A 95 -28.59 11.99 -9.89
N ALA A 96 -28.01 12.65 -10.87
CA ALA A 96 -26.90 13.60 -10.63
C ALA A 96 -27.29 14.61 -9.54
N GLN A 97 -28.56 15.05 -9.49
CA GLN A 97 -29.02 16.07 -8.52
C GLN A 97 -29.39 15.44 -7.16
N LYS A 98 -29.99 14.26 -7.16
CA LYS A 98 -30.44 13.55 -5.93
C LYS A 98 -29.72 12.19 -5.92
N ASN A 99 -28.47 12.20 -5.50
CA ASN A 99 -27.55 11.05 -5.65
C ASN A 99 -27.62 10.26 -4.36
N LEU A 100 -28.48 9.25 -4.31
CA LEU A 100 -28.71 8.44 -3.09
C LEU A 100 -27.45 7.63 -2.76
N ILE A 101 -26.61 7.36 -3.73
CA ILE A 101 -25.38 6.57 -3.45
C ILE A 101 -24.56 7.40 -2.48
N LYS A 102 -24.41 8.69 -2.77
CA LYS A 102 -23.69 9.64 -1.89
C LYS A 102 -24.51 9.94 -0.63
N ASP A 103 -25.79 10.29 -0.75
CA ASP A 103 -26.60 10.85 0.33
C ASP A 103 -27.18 9.79 1.26
N GLY A 104 -27.34 8.56 0.81
CA GLY A 104 -28.12 7.56 1.53
C GLY A 104 -29.60 7.81 1.31
N PHE A 105 -30.41 7.05 2.03
CA PHE A 105 -31.87 7.08 1.81
C PHE A 105 -32.53 6.56 3.08
N ASN A 106 -33.69 7.11 3.42
CA ASN A 106 -34.52 6.51 4.46
C ASN A 106 -35.96 6.70 4.02
N ALA A 107 -36.76 5.70 4.27
CA ALA A 107 -38.22 5.76 4.05
C ALA A 107 -38.93 5.75 5.41
N PRO A 108 -39.44 6.90 5.90
CA PRO A 108 -40.12 6.94 7.19
C PRO A 108 -41.38 6.08 7.26
N THR A 109 -42.10 5.93 6.14
CA THR A 109 -43.36 5.15 6.08
C THR A 109 -43.30 4.21 4.87
N LEU A 110 -44.24 3.26 4.80
CA LEU A 110 -44.28 2.24 3.73
C LEU A 110 -44.33 2.95 2.38
N LYS A 111 -45.17 3.97 2.23
CA LYS A 111 -45.36 4.71 0.97
C LYS A 111 -44.10 5.47 0.53
N ASP A 112 -43.10 5.68 1.38
CA ASP A 112 -41.84 6.37 0.97
C ASP A 112 -40.83 5.39 0.37
N GLU A 113 -41.03 4.08 0.53
CA GLU A 113 -40.08 3.04 0.02
C GLU A 113 -40.05 3.05 -1.52
N LEU A 114 -38.85 2.99 -2.10
CA LEU A 114 -38.65 3.11 -3.56
C LEU A 114 -38.58 1.73 -4.19
N SER A 115 -39.18 1.53 -5.36
CA SER A 115 -38.96 0.27 -6.11
C SER A 115 -37.46 0.07 -6.33
N ALA A 116 -36.95 -1.10 -5.95
CA ALA A 116 -35.55 -1.54 -6.17
C ALA A 116 -35.31 -1.86 -7.67
N GLY A 117 -36.34 -1.75 -8.51
CA GLY A 117 -36.25 -2.03 -9.95
C GLY A 117 -37.01 -3.31 -10.32
N PRO A 118 -37.39 -3.45 -11.60
CA PRO A 118 -38.21 -4.56 -12.04
C PRO A 118 -37.51 -5.91 -11.84
N ASN A 119 -36.16 -5.96 -11.83
CA ASN A 119 -35.47 -7.27 -11.81
C ASN A 119 -34.97 -7.60 -10.41
N ALA A 120 -35.26 -6.77 -9.40
CA ALA A 120 -34.94 -7.07 -8.00
C ALA A 120 -35.80 -8.26 -7.57
N ARG A 121 -35.21 -9.18 -6.85
CA ARG A 121 -35.91 -10.41 -6.39
C ARG A 121 -35.55 -10.71 -4.94
N VAL A 122 -36.49 -11.34 -4.23
CA VAL A 122 -36.18 -12.00 -2.95
C VAL A 122 -36.68 -13.44 -3.14
N PHE A 123 -35.77 -14.39 -2.98
CA PHE A 123 -36.09 -15.82 -3.11
C PHE A 123 -36.17 -16.45 -1.73
N VAL A 124 -37.35 -16.96 -1.39
CA VAL A 124 -37.63 -17.61 -0.09
C VAL A 124 -37.66 -19.12 -0.34
N LEU A 125 -36.79 -19.88 0.31
CA LEU A 125 -36.65 -21.33 0.05
C LEU A 125 -37.93 -22.05 0.50
N ASP A 126 -38.47 -22.87 -0.40
CA ASP A 126 -39.68 -23.69 -0.12
C ASP A 126 -39.25 -25.17 -0.03
N GLN A 127 -38.42 -25.68 -0.94
CA GLN A 127 -38.15 -27.15 -1.02
C GLN A 127 -36.85 -27.40 -1.74
N ILE A 128 -36.12 -28.41 -1.28
CA ILE A 128 -34.96 -28.99 -2.03
C ILE A 128 -35.32 -30.46 -2.28
N THR A 129 -35.19 -30.92 -3.53
CA THR A 129 -35.40 -32.33 -3.91
C THR A 129 -34.11 -32.85 -4.51
N ASP A 130 -33.67 -34.02 -4.07
CA ASP A 130 -32.56 -34.72 -4.76
C ASP A 130 -33.10 -35.37 -6.03
N VAL A 131 -32.58 -35.03 -7.23
CA VAL A 131 -33.08 -35.62 -8.50
C VAL A 131 -31.87 -36.21 -9.25
N THR A 132 -30.81 -36.59 -8.53
CA THR A 132 -29.56 -37.14 -9.10
C THR A 132 -29.91 -38.35 -9.99
N ALA A 133 -30.61 -39.36 -9.48
CA ALA A 133 -30.85 -40.61 -10.26
C ALA A 133 -31.60 -40.27 -11.56
N GLN A 134 -32.62 -39.40 -11.51
CA GLN A 134 -33.39 -39.01 -12.71
C GLN A 134 -32.54 -38.20 -13.70
N ALA A 135 -31.65 -37.31 -13.21
CA ALA A 135 -30.82 -36.47 -14.08
C ALA A 135 -29.80 -37.37 -14.76
N LYS A 136 -29.23 -38.33 -14.00
CA LYS A 136 -28.20 -39.25 -14.55
C LYS A 136 -28.85 -40.16 -15.62
N ALA A 137 -30.07 -40.66 -15.37
CA ALA A 137 -30.86 -41.47 -16.33
C ALA A 137 -31.13 -40.66 -17.61
N ALA A 138 -31.43 -39.36 -17.51
CA ALA A 138 -31.74 -38.53 -18.69
C ALA A 138 -30.44 -38.39 -19.49
N ILE A 139 -29.33 -38.20 -18.82
CA ILE A 139 -28.03 -38.02 -19.51
C ILE A 139 -27.65 -39.34 -20.22
N ALA A 140 -27.74 -40.47 -19.53
CA ALA A 140 -27.33 -41.80 -20.03
C ALA A 140 -28.23 -42.18 -21.20
N GLY A 141 -29.54 -41.93 -21.07
CA GLY A 141 -30.56 -42.05 -22.12
C GLY A 141 -30.13 -41.48 -23.46
N ALA A 142 -29.13 -40.58 -23.53
CA ALA A 142 -28.71 -39.90 -24.77
C ALA A 142 -27.63 -40.68 -25.54
N GLY A 143 -26.99 -41.67 -24.92
CA GLY A 143 -25.96 -42.49 -25.59
C GLY A 143 -24.66 -41.73 -25.69
N ASN A 144 -23.85 -41.98 -26.73
CA ASN A 144 -22.48 -41.43 -26.87
C ASN A 144 -22.48 -40.15 -27.72
N ASP A 145 -23.62 -39.47 -27.93
CA ASP A 145 -23.63 -38.20 -28.73
C ASP A 145 -23.64 -36.98 -27.80
N PRO A 146 -22.59 -36.13 -27.81
CA PRO A 146 -22.48 -35.05 -26.84
C PRO A 146 -23.59 -33.99 -26.95
N LEU A 147 -24.04 -33.65 -28.15
CA LEU A 147 -25.09 -32.64 -28.35
C LEU A 147 -26.43 -33.17 -27.83
N ALA A 148 -26.67 -34.47 -27.94
CA ALA A 148 -27.91 -35.14 -27.46
C ALA A 148 -27.86 -35.17 -25.91
N ARG A 149 -26.67 -35.38 -25.36
CA ARG A 149 -26.44 -35.42 -23.89
C ARG A 149 -26.78 -34.02 -23.33
N SER A 150 -26.23 -32.97 -23.95
CA SER A 150 -26.51 -31.57 -23.52
C SER A 150 -28.01 -31.29 -23.68
N ARG A 151 -28.65 -31.66 -24.78
CA ARG A 151 -30.10 -31.42 -24.98
C ARG A 151 -30.93 -32.23 -23.98
N ALA A 152 -30.48 -33.43 -23.62
CA ALA A 152 -31.22 -34.29 -22.67
C ALA A 152 -31.27 -33.61 -21.29
N LEU A 153 -30.12 -33.12 -20.80
CA LEU A 153 -30.08 -32.45 -19.48
C LEU A 153 -30.91 -31.17 -19.55
N ASP A 154 -30.76 -30.40 -20.63
CA ASP A 154 -31.58 -29.18 -20.88
C ASP A 154 -33.07 -29.52 -20.76
N ALA A 155 -33.53 -30.57 -21.45
CA ALA A 155 -34.94 -30.98 -21.49
C ALA A 155 -35.38 -31.41 -20.08
N PHE A 156 -34.56 -32.22 -19.40
CA PHE A 156 -34.80 -32.67 -18.02
C PHE A 156 -34.93 -31.44 -17.10
N ASP A 157 -34.00 -30.50 -17.23
CA ASP A 157 -33.95 -29.26 -16.40
C ASP A 157 -35.25 -28.50 -16.63
N LYS A 158 -35.57 -28.20 -17.88
CA LYS A 158 -36.85 -27.54 -18.23
C LYS A 158 -38.06 -28.29 -17.69
N ALA A 159 -38.10 -29.62 -17.71
CA ALA A 159 -39.33 -30.35 -17.34
C ALA A 159 -39.49 -30.30 -15.82
N GLN A 160 -38.38 -30.46 -15.08
CA GLN A 160 -38.41 -30.40 -13.60
C GLN A 160 -38.93 -29.02 -13.17
N VAL A 161 -38.37 -27.98 -13.80
CA VAL A 161 -38.63 -26.56 -13.46
C VAL A 161 -40.09 -26.27 -13.82
N ALA A 162 -40.60 -26.77 -14.96
CA ALA A 162 -41.99 -26.47 -15.37
C ALA A 162 -42.94 -27.09 -14.34
N ALA A 163 -42.73 -28.32 -13.92
CA ALA A 163 -43.63 -29.00 -12.96
C ALA A 163 -43.60 -28.24 -11.62
N CYS A 164 -42.40 -27.87 -11.18
CA CYS A 164 -42.14 -27.18 -9.90
C CYS A 164 -42.71 -25.74 -9.92
N GLU A 165 -42.85 -25.12 -11.08
CA GLU A 165 -43.37 -23.73 -11.21
C GLU A 165 -44.86 -23.71 -11.56
N ALA A 166 -45.56 -24.83 -11.54
CA ALA A 166 -46.95 -24.89 -12.00
C ALA A 166 -47.82 -24.06 -11.06
N ASP A 167 -47.51 -24.08 -9.76
CA ASP A 167 -48.16 -23.20 -8.74
C ASP A 167 -47.63 -21.76 -8.88
N ALA A 168 -48.52 -20.78 -9.03
CA ALA A 168 -48.18 -19.36 -9.19
C ALA A 168 -47.27 -18.90 -8.02
N GLY A 169 -46.20 -18.18 -8.36
CA GLY A 169 -45.37 -17.43 -7.42
C GLY A 169 -44.11 -18.19 -7.07
N PHE A 170 -43.95 -19.40 -7.58
CA PHE A 170 -42.71 -20.19 -7.33
C PHE A 170 -41.79 -20.11 -8.53
N ARG A 171 -40.50 -20.14 -8.23
CA ARG A 171 -39.49 -20.28 -9.28
C ARG A 171 -38.50 -21.35 -8.84
N CYS A 172 -38.09 -22.18 -9.78
CA CYS A 172 -37.28 -23.40 -9.46
C CYS A 172 -35.99 -23.30 -10.18
N ARG A 173 -35.01 -24.04 -9.70
CA ARG A 173 -33.70 -24.03 -10.35
C ARG A 173 -33.10 -25.41 -10.08
N LEU A 174 -32.53 -25.98 -11.11
CA LEU A 174 -31.84 -27.27 -10.98
C LEU A 174 -30.38 -26.95 -10.76
N TYR A 175 -29.78 -27.57 -9.77
CA TYR A 175 -28.36 -27.34 -9.43
C TYR A 175 -27.56 -28.60 -9.64
N SER A 176 -26.43 -28.44 -10.27
CA SER A 176 -25.43 -29.51 -10.47
C SER A 176 -24.33 -29.35 -9.42
N PHE A 177 -24.06 -30.40 -8.65
CA PHE A 177 -23.03 -30.38 -7.58
C PHE A 177 -21.89 -31.35 -7.92
N SER A 178 -20.67 -31.03 -7.49
CA SER A 178 -19.54 -32.01 -7.48
C SER A 178 -19.31 -32.54 -8.90
N GLY A 179 -19.25 -31.64 -9.88
CA GLY A 179 -18.99 -31.96 -11.29
C GLY A 179 -20.12 -32.72 -11.97
N GLY A 180 -21.33 -32.72 -11.42
CA GLY A 180 -22.45 -33.51 -11.96
C GLY A 180 -22.60 -34.86 -11.29
N ASN A 181 -21.98 -35.08 -10.13
CA ASN A 181 -22.24 -36.33 -9.36
C ASN A 181 -23.54 -36.24 -8.60
N THR A 182 -24.11 -35.05 -8.39
CA THR A 182 -25.35 -34.89 -7.58
C THR A 182 -26.13 -33.75 -8.21
N TYR A 183 -27.45 -33.89 -8.27
CA TYR A 183 -28.35 -32.83 -8.81
C TYR A 183 -29.45 -32.67 -7.80
N ARG A 184 -29.80 -31.42 -7.47
CA ARG A 184 -30.94 -31.10 -6.60
C ARG A 184 -31.72 -29.97 -7.25
N LEU A 185 -33.01 -30.05 -7.07
CA LEU A 185 -33.96 -29.03 -7.55
C LEU A 185 -34.38 -28.18 -6.35
N PHE A 186 -34.16 -26.87 -6.45
CA PHE A 186 -34.58 -25.89 -5.43
C PHE A 186 -35.88 -25.26 -5.89
N ARG A 187 -36.85 -25.23 -5.01
CA ARG A 187 -38.10 -24.46 -5.23
C ARG A 187 -38.09 -23.25 -4.29
N ASN A 188 -38.33 -22.05 -4.83
CA ASN A 188 -38.36 -20.78 -4.08
C ASN A 188 -39.68 -20.05 -4.32
N MET A 189 -40.22 -19.39 -3.31
CA MET A 189 -41.21 -18.30 -3.56
C MET A 189 -40.40 -17.12 -4.12
N GLU A 190 -40.78 -16.63 -5.28
CA GLU A 190 -40.03 -15.56 -5.98
C GLU A 190 -40.79 -14.27 -5.77
N ILE A 191 -40.33 -13.46 -4.81
CA ILE A 191 -40.91 -12.10 -4.59
C ILE A 191 -40.33 -11.17 -5.66
N LYS A 192 -41.20 -10.43 -6.31
CA LYS A 192 -40.86 -9.61 -7.51
C LYS A 192 -41.04 -8.12 -7.20
N ASP A 193 -41.56 -7.77 -6.05
CA ASP A 193 -41.74 -6.35 -5.62
C ASP A 193 -40.85 -6.10 -4.40
N VAL A 194 -39.63 -5.68 -4.65
CA VAL A 194 -38.64 -5.38 -3.60
C VAL A 194 -38.44 -3.86 -3.56
N ARG A 195 -38.53 -3.26 -2.37
CA ARG A 195 -38.42 -1.78 -2.23
C ARG A 195 -37.27 -1.43 -1.30
N LEU A 196 -36.57 -0.35 -1.59
CA LEU A 196 -35.53 0.25 -0.74
C LEU A 196 -36.17 0.98 0.45
N VAL A 197 -35.71 0.65 1.67
CA VAL A 197 -36.19 1.22 2.96
C VAL A 197 -35.11 2.12 3.53
N TYR A 198 -33.86 1.65 3.49
CA TYR A 198 -32.76 2.41 4.12
C TYR A 198 -31.42 2.07 3.48
N ALA A 199 -30.68 3.12 3.19
CA ALA A 199 -29.23 3.00 2.86
C ALA A 199 -28.51 4.08 3.65
N PRO A 200 -27.38 3.77 4.31
CA PRO A 200 -26.58 4.81 4.92
C PRO A 200 -25.95 5.58 3.77
N PRO A 201 -25.38 6.76 4.04
CA PRO A 201 -24.57 7.43 3.02
C PRO A 201 -23.48 6.50 2.49
N GLY A 202 -23.10 6.70 1.24
CA GLY A 202 -22.01 5.97 0.57
C GLY A 202 -20.72 6.02 1.37
N SER A 203 -20.45 7.14 2.07
CA SER A 203 -19.19 7.32 2.86
C SER A 203 -19.22 6.42 4.10
N VAL A 204 -20.39 5.89 4.46
CA VAL A 204 -20.52 4.85 5.50
C VAL A 204 -20.64 3.50 4.82
N GLY A 205 -21.63 3.35 3.93
CA GLY A 205 -21.92 2.09 3.24
C GLY A 205 -20.67 1.53 2.55
N LYS A 206 -19.84 2.40 2.00
CA LYS A 206 -18.66 2.04 1.20
C LYS A 206 -17.43 2.85 1.71
N PHE A 207 -17.32 3.05 3.00
CA PHE A 207 -16.17 3.78 3.61
C PHE A 207 -14.89 3.09 3.17
N GLY A 208 -13.93 3.88 2.70
CA GLY A 208 -12.65 3.41 2.15
C GLY A 208 -12.70 3.00 0.70
N GLY A 209 -13.90 2.84 0.09
CA GLY A 209 -14.06 2.62 -1.36
C GLY A 209 -13.21 1.50 -1.92
N ASP A 210 -12.57 1.74 -3.04
CA ASP A 210 -11.70 0.74 -3.70
C ASP A 210 -10.33 0.68 -3.03
N VAL A 211 -10.00 1.61 -2.14
CA VAL A 211 -8.68 1.58 -1.45
C VAL A 211 -8.70 0.45 -0.39
N ASP A 212 -9.76 0.40 0.37
CA ASP A 212 -9.93 -0.57 1.50
C ASP A 212 -10.56 -1.89 1.01
N ASN A 213 -11.13 -1.90 -0.19
CA ASN A 213 -11.76 -3.10 -0.79
C ASN A 213 -10.80 -4.29 -0.70
N TRP A 214 -11.31 -5.45 -0.24
CA TRP A 214 -10.50 -6.69 -0.05
C TRP A 214 -9.39 -6.49 0.99
N MET A 215 -9.58 -5.60 1.96
CA MET A 215 -8.53 -5.30 2.97
C MET A 215 -9.10 -5.29 4.40
N TRP A 216 -8.24 -5.75 5.31
CA TRP A 216 -8.30 -5.54 6.75
C TRP A 216 -7.03 -4.81 7.13
N PRO A 217 -7.02 -3.86 8.08
CA PRO A 217 -8.20 -3.46 8.84
C PRO A 217 -9.29 -2.77 8.01
N ARG A 218 -10.54 -2.95 8.44
CA ARG A 218 -11.70 -2.49 7.67
C ARG A 218 -12.68 -1.77 8.60
N HIS A 219 -13.34 -0.75 8.03
CA HIS A 219 -14.12 0.25 8.77
C HIS A 219 -15.36 0.63 7.99
N THR A 220 -15.99 -0.33 7.33
CA THR A 220 -17.05 -0.11 6.31
C THR A 220 -18.39 -0.53 6.91
N GLY A 221 -19.34 0.39 6.94
CA GLY A 221 -20.72 0.10 7.37
C GLY A 221 -21.54 -0.47 6.24
N ASP A 222 -21.21 -1.69 5.80
CA ASP A 222 -21.75 -2.30 4.56
C ASP A 222 -23.11 -2.97 4.85
N PHE A 223 -24.16 -2.16 4.94
CA PHE A 223 -25.54 -2.65 5.20
C PHE A 223 -26.54 -1.71 4.52
N SER A 224 -27.70 -2.28 4.19
CA SER A 224 -28.90 -1.53 3.72
C SER A 224 -30.11 -2.44 3.95
N PHE A 225 -31.30 -1.89 3.78
CA PHE A 225 -32.57 -2.58 4.06
C PHE A 225 -33.47 -2.41 2.83
N TYR A 226 -34.08 -3.53 2.50
CA TYR A 226 -35.24 -3.63 1.59
C TYR A 226 -36.49 -4.01 2.39
N ARG A 227 -37.62 -3.97 1.69
CA ARG A 227 -38.86 -4.64 2.12
C ARG A 227 -39.44 -5.40 0.92
N ALA A 228 -39.81 -6.61 1.19
CA ALA A 228 -40.52 -7.53 0.30
C ALA A 228 -42.03 -7.22 0.35
N TYR A 229 -42.63 -7.16 -0.82
CA TYR A 229 -44.06 -6.92 -1.09
C TYR A 229 -44.60 -8.01 -1.99
N VAL A 230 -45.92 -8.22 -1.86
CA VAL A 230 -46.72 -9.17 -2.64
C VAL A 230 -48.03 -8.47 -3.02
N GLY A 231 -48.77 -9.06 -3.96
CA GLY A 231 -50.04 -8.47 -4.35
C GLY A 231 -51.05 -8.66 -3.24
N LYS A 232 -52.12 -7.91 -3.28
CA LYS A 232 -53.18 -7.97 -2.25
C LYS A 232 -53.78 -9.37 -2.14
N ASP A 233 -53.67 -10.20 -3.17
CA ASP A 233 -54.11 -11.62 -3.20
C ASP A 233 -53.08 -12.52 -2.55
N GLY A 234 -51.94 -11.99 -2.11
CA GLY A 234 -50.93 -12.78 -1.38
C GLY A 234 -49.85 -13.36 -2.25
N LYS A 235 -49.99 -13.28 -3.58
CA LYS A 235 -49.06 -13.93 -4.54
C LYS A 235 -48.06 -12.88 -4.99
N PRO A 236 -46.83 -13.26 -5.35
CA PRO A 236 -45.88 -12.31 -5.92
C PRO A 236 -46.46 -11.55 -7.10
N ALA A 237 -46.06 -10.28 -7.21
CA ALA A 237 -46.52 -9.36 -8.26
C ALA A 237 -45.39 -8.36 -8.49
N ALA A 238 -45.27 -7.88 -9.71
CA ALA A 238 -44.41 -6.72 -9.98
C ALA A 238 -44.96 -5.51 -9.21
N PHE A 239 -44.15 -4.46 -9.09
CA PHE A 239 -44.50 -3.23 -8.37
C PHE A 239 -45.93 -2.77 -8.71
N ALA A 240 -46.70 -2.44 -7.68
CA ALA A 240 -48.01 -1.80 -7.83
C ALA A 240 -48.35 -1.08 -6.53
N ALA A 241 -49.10 0.01 -6.64
CA ALA A 241 -49.49 0.87 -5.50
C ALA A 241 -50.20 0.05 -4.42
N ASP A 242 -51.03 -0.93 -4.77
CA ASP A 242 -51.88 -1.65 -3.77
C ASP A 242 -51.21 -2.95 -3.33
N ASN A 243 -49.95 -3.19 -3.73
CA ASN A 243 -49.16 -4.29 -3.15
C ASN A 243 -48.95 -4.00 -1.65
N VAL A 244 -48.75 -5.04 -0.85
CA VAL A 244 -48.67 -4.95 0.62
C VAL A 244 -47.42 -5.71 1.02
N PRO A 245 -46.81 -5.39 2.18
CA PRO A 245 -45.62 -6.14 2.61
C PRO A 245 -45.86 -7.65 2.77
N TYR A 246 -44.88 -8.41 2.31
CA TYR A 246 -44.79 -9.84 2.59
C TYR A 246 -44.71 -10.09 4.11
N GLN A 247 -45.42 -11.12 4.59
CA GLN A 247 -45.35 -11.56 6.00
C GLN A 247 -44.54 -12.84 6.09
N PRO A 248 -43.20 -12.79 6.35
CA PRO A 248 -42.40 -14.00 6.43
C PRO A 248 -42.77 -14.82 7.68
N LYS A 249 -42.72 -16.14 7.56
CA LYS A 249 -42.96 -17.10 8.67
C LYS A 249 -41.86 -16.89 9.72
N HIS A 250 -40.61 -16.65 9.29
CA HIS A 250 -39.44 -16.53 10.21
C HIS A 250 -38.59 -15.30 9.84
N PHE A 251 -38.03 -14.65 10.86
CA PHE A 251 -37.09 -13.53 10.70
C PHE A 251 -36.07 -13.64 11.79
N LEU A 252 -34.90 -13.10 11.52
CA LEU A 252 -33.79 -13.13 12.50
C LEU A 252 -33.99 -12.03 13.55
N LYS A 253 -33.44 -12.25 14.74
CA LYS A 253 -33.38 -11.21 15.78
C LYS A 253 -31.93 -10.77 15.93
N PHE A 254 -31.71 -9.47 16.11
CA PHE A 254 -30.37 -8.87 16.42
C PHE A 254 -29.93 -9.44 17.77
N ALA A 255 -28.66 -9.85 17.87
CA ALA A 255 -28.06 -10.41 19.11
C ALA A 255 -28.18 -9.41 20.28
N ASP A 256 -28.52 -9.92 21.46
CA ASP A 256 -28.53 -9.23 22.77
C ASP A 256 -27.21 -9.52 23.51
N GLN A 257 -26.52 -10.61 23.18
CA GLN A 257 -25.20 -10.96 23.74
C GLN A 257 -24.12 -10.29 22.92
N PRO A 258 -23.13 -9.65 23.58
CA PRO A 258 -22.10 -8.92 22.85
C PRO A 258 -21.09 -9.90 22.22
N LEU A 259 -20.90 -9.81 20.91
CA LEU A 259 -19.95 -10.67 20.19
C LEU A 259 -18.52 -10.33 20.61
N GLY A 260 -17.75 -11.34 20.96
CA GLY A 260 -16.36 -11.14 21.37
C GLY A 260 -15.40 -12.07 20.66
N ALA A 261 -14.11 -11.84 20.81
CA ALA A 261 -13.07 -12.73 20.24
C ALA A 261 -13.32 -14.17 20.74
N ASP A 262 -13.10 -15.12 19.84
CA ASP A 262 -13.17 -16.60 20.01
C ASP A 262 -14.62 -17.08 19.96
N ASP A 263 -15.62 -16.19 19.93
CA ASP A 263 -17.04 -16.58 19.89
C ASP A 263 -17.35 -17.33 18.60
N PHE A 264 -18.21 -18.33 18.73
CA PHE A 264 -18.77 -19.11 17.62
C PHE A 264 -19.53 -18.17 16.69
N VAL A 265 -19.24 -18.26 15.41
CA VAL A 265 -20.15 -17.64 14.41
C VAL A 265 -20.40 -18.62 13.29
N MET A 266 -21.53 -18.44 12.64
CA MET A 266 -21.86 -19.21 11.45
C MET A 266 -22.58 -18.35 10.42
N VAL A 267 -22.50 -18.77 9.16
CA VAL A 267 -23.13 -18.08 8.01
C VAL A 267 -23.87 -19.11 7.19
N ALA A 268 -25.09 -18.74 6.82
CA ALA A 268 -25.90 -19.43 5.81
C ALA A 268 -26.06 -18.48 4.63
N GLY A 269 -25.73 -18.93 3.43
CA GLY A 269 -25.89 -18.06 2.26
C GLY A 269 -25.70 -18.78 0.95
N TYR A 270 -25.53 -17.98 -0.08
CA TYR A 270 -25.58 -18.46 -1.48
C TYR A 270 -24.27 -18.12 -2.17
N PRO A 271 -23.18 -18.81 -1.81
CA PRO A 271 -21.90 -18.61 -2.48
C PRO A 271 -22.10 -18.99 -3.95
N GLY A 272 -21.52 -18.22 -4.86
CA GLY A 272 -21.71 -18.36 -6.31
C GLY A 272 -20.87 -19.47 -6.91
N ARG A 273 -19.54 -19.31 -6.96
CA ARG A 273 -18.67 -20.24 -7.70
C ARG A 273 -17.31 -20.28 -7.00
N THR A 274 -16.88 -21.48 -6.60
CA THR A 274 -15.46 -21.73 -6.26
C THR A 274 -14.89 -22.70 -7.29
N ASN A 275 -13.57 -22.83 -7.34
CA ASN A 275 -12.86 -23.61 -8.38
C ASN A 275 -11.83 -24.51 -7.71
N ARG A 276 -12.10 -25.02 -6.52
CA ARG A 276 -11.09 -25.81 -5.76
C ARG A 276 -10.86 -27.17 -6.42
N TYR A 277 -11.83 -27.63 -7.21
CA TYR A 277 -11.75 -28.93 -7.94
C TYR A 277 -11.34 -28.76 -9.41
N ALA A 278 -10.95 -27.56 -9.86
CA ALA A 278 -10.47 -27.28 -11.24
C ALA A 278 -9.21 -28.13 -11.54
N LEU A 279 -8.99 -28.51 -12.80
CA LEU A 279 -7.71 -29.17 -13.21
C LEU A 279 -6.59 -28.15 -13.11
N ALA A 280 -5.37 -28.62 -12.88
CA ALA A 280 -4.14 -27.80 -12.81
C ALA A 280 -4.06 -26.89 -14.04
N GLY A 281 -4.44 -27.38 -15.21
CA GLY A 281 -4.39 -26.61 -16.45
C GLY A 281 -5.46 -25.53 -16.49
N GLU A 282 -6.63 -25.77 -15.90
CA GLU A 282 -7.71 -24.72 -15.83
C GLU A 282 -7.19 -23.58 -14.93
N PHE A 283 -6.58 -23.92 -13.78
CA PHE A 283 -5.93 -22.95 -12.87
C PHE A 283 -4.84 -22.18 -13.64
N ASN A 284 -3.90 -22.90 -14.27
CA ASN A 284 -2.77 -22.25 -14.99
C ASN A 284 -3.28 -21.23 -16.03
N GLU A 285 -4.33 -21.56 -16.79
CA GLU A 285 -4.92 -20.68 -17.82
C GLU A 285 -5.47 -19.40 -17.16
N THR A 286 -6.20 -19.57 -16.07
CA THR A 286 -6.82 -18.46 -15.31
C THR A 286 -5.74 -17.53 -14.75
N ALA A 287 -4.71 -18.11 -14.13
CA ALA A 287 -3.57 -17.37 -13.56
C ALA A 287 -2.78 -16.65 -14.66
N SER A 288 -2.41 -17.33 -15.74
CA SER A 288 -1.43 -16.77 -16.72
C SER A 288 -2.14 -15.88 -17.75
N PHE A 289 -3.43 -16.08 -18.01
CA PHE A 289 -4.14 -15.27 -19.03
C PHE A 289 -5.34 -14.53 -18.40
N THR A 290 -6.36 -15.24 -17.94
CA THR A 290 -7.71 -14.60 -17.70
C THR A 290 -7.57 -13.46 -16.69
N TYR A 291 -6.99 -13.74 -15.53
CA TYR A 291 -6.92 -12.76 -14.41
C TYR A 291 -6.10 -11.54 -14.76
N PRO A 292 -4.82 -11.64 -15.19
CA PRO A 292 -4.07 -10.45 -15.54
C PRO A 292 -4.71 -9.66 -16.70
N THR A 293 -5.30 -10.35 -17.67
CA THR A 293 -5.83 -9.73 -18.91
C THR A 293 -7.13 -8.96 -18.55
N ILE A 294 -8.03 -9.59 -17.83
CA ILE A 294 -9.27 -8.85 -17.40
C ILE A 294 -8.89 -7.66 -16.52
N ALA A 295 -8.01 -7.83 -15.53
CA ALA A 295 -7.57 -6.72 -14.67
C ALA A 295 -7.00 -5.59 -15.53
N LYS A 296 -6.15 -5.92 -16.51
CA LYS A 296 -5.51 -4.82 -17.30
C LYS A 296 -6.61 -3.99 -17.99
N HIS A 297 -7.52 -4.65 -18.70
CA HIS A 297 -8.52 -3.97 -19.57
C HIS A 297 -9.55 -3.28 -18.67
N TYR A 298 -9.98 -3.91 -17.57
CA TYR A 298 -10.98 -3.31 -16.67
C TYR A 298 -10.39 -2.03 -16.05
N ASN A 299 -9.11 -2.03 -15.67
CA ASN A 299 -8.47 -0.83 -15.08
C ASN A 299 -8.52 0.30 -16.13
N ALA A 300 -8.24 0.00 -17.39
CA ALA A 300 -8.22 1.01 -18.47
C ALA A 300 -9.66 1.50 -18.73
N VAL A 301 -10.65 0.60 -18.77
CA VAL A 301 -12.08 1.03 -18.98
C VAL A 301 -12.48 1.93 -17.81
N LEU A 302 -12.11 1.56 -16.58
CA LEU A 302 -12.45 2.34 -15.34
C LEU A 302 -11.89 3.77 -15.43
N LYS A 303 -10.68 3.96 -15.93
CA LYS A 303 -10.10 5.31 -16.10
C LYS A 303 -11.00 6.11 -17.01
N MET A 304 -11.44 5.48 -18.09
CA MET A 304 -12.30 6.06 -19.16
C MET A 304 -13.65 6.46 -18.55
N ILE A 305 -14.24 5.56 -17.79
CA ILE A 305 -15.54 5.88 -17.09
C ILE A 305 -15.33 7.00 -16.04
N ALA A 306 -14.25 6.94 -15.23
CA ALA A 306 -13.94 7.99 -14.24
C ALA A 306 -13.79 9.34 -14.95
N ASP A 307 -13.05 9.40 -16.06
CA ASP A 307 -12.89 10.68 -16.81
C ASP A 307 -14.26 11.20 -17.29
N ALA A 308 -15.09 10.34 -17.85
CA ALA A 308 -16.40 10.74 -18.40
C ALA A 308 -17.30 11.24 -17.26
N GLY A 309 -17.28 10.55 -16.12
CA GLY A 309 -18.00 10.90 -14.88
C GLY A 309 -17.64 12.29 -14.36
N LYS A 310 -16.36 12.72 -14.48
CA LYS A 310 -15.91 14.06 -14.03
C LYS A 310 -16.45 15.19 -14.93
N ALA A 311 -16.66 14.90 -16.21
CA ALA A 311 -17.25 15.84 -17.21
C ALA A 311 -18.78 15.92 -17.08
N ASP A 312 -19.45 14.86 -16.64
CA ASP A 312 -20.93 14.80 -16.61
C ASP A 312 -21.34 13.83 -15.50
N ALA A 313 -21.94 14.35 -14.44
CA ALA A 313 -22.35 13.60 -13.21
C ALA A 313 -23.44 12.60 -13.57
N ASP A 314 -24.20 12.88 -14.62
CA ASP A 314 -25.19 11.92 -15.16
C ASP A 314 -24.45 10.66 -15.61
N VAL A 315 -23.29 10.77 -16.26
CA VAL A 315 -22.49 9.59 -16.66
C VAL A 315 -22.02 8.90 -15.38
N LYS A 316 -21.50 9.67 -14.44
CA LYS A 316 -20.99 9.11 -13.17
C LYS A 316 -22.10 8.28 -12.49
N VAL A 317 -23.29 8.84 -12.39
CA VAL A 317 -24.41 8.12 -11.73
C VAL A 317 -24.86 6.93 -12.61
N LYS A 318 -25.04 7.08 -13.93
CA LYS A 318 -25.60 6.01 -14.80
C LYS A 318 -24.65 4.82 -14.87
N TYR A 319 -23.34 5.03 -14.72
CA TYR A 319 -22.31 3.98 -14.82
C TYR A 319 -21.81 3.58 -13.43
N ALA A 320 -22.43 4.01 -12.33
CA ALA A 320 -21.84 3.82 -10.98
C ALA A 320 -21.82 2.32 -10.64
N ALA A 321 -22.87 1.57 -10.99
CA ALA A 321 -22.94 0.14 -10.61
C ALA A 321 -21.90 -0.68 -11.39
N THR A 322 -21.77 -0.39 -12.69
CA THR A 322 -20.77 -1.01 -13.59
C THR A 322 -19.39 -0.69 -13.04
N ALA A 323 -19.11 0.58 -12.76
CA ALA A 323 -17.77 1.03 -12.25
C ALA A 323 -17.47 0.29 -10.93
N ALA A 324 -18.44 0.23 -10.03
CA ALA A 324 -18.26 -0.52 -8.78
C ALA A 324 -17.90 -1.99 -9.04
N SER A 325 -18.64 -2.74 -9.87
CA SER A 325 -18.41 -4.20 -10.12
C SER A 325 -17.06 -4.37 -10.79
N MET A 326 -16.77 -3.52 -11.77
CA MET A 326 -15.49 -3.65 -12.52
C MET A 326 -14.30 -3.40 -11.58
N ASN A 327 -14.40 -2.43 -10.66
CA ASN A 327 -13.35 -2.13 -9.63
C ASN A 327 -13.14 -3.36 -8.75
N ASN A 328 -14.25 -3.93 -8.28
CA ASN A 328 -14.20 -5.11 -7.37
C ASN A 328 -13.50 -6.30 -8.06
N VAL A 329 -13.84 -6.58 -9.32
CA VAL A 329 -13.32 -7.75 -10.06
C VAL A 329 -11.84 -7.50 -10.32
N ALA A 330 -11.47 -6.33 -10.74
CA ALA A 330 -10.10 -6.06 -11.19
C ALA A 330 -9.18 -6.19 -9.98
N LYS A 331 -9.62 -5.70 -8.82
CA LYS A 331 -8.82 -5.73 -7.57
C LYS A 331 -8.79 -7.17 -7.06
N ASN A 332 -9.92 -7.87 -7.09
CA ASN A 332 -9.99 -9.30 -6.69
C ASN A 332 -8.93 -10.10 -7.50
N TYR A 333 -8.89 -9.90 -8.81
CA TYR A 333 -8.00 -10.66 -9.74
C TYR A 333 -6.54 -10.40 -9.33
N LEU A 334 -6.17 -9.15 -9.09
CA LEU A 334 -4.81 -8.74 -8.68
C LEU A 334 -4.49 -9.40 -7.33
N GLY A 335 -5.48 -9.48 -6.44
CA GLY A 335 -5.32 -10.19 -5.16
C GLY A 335 -5.17 -11.69 -5.33
N GLN A 336 -5.87 -12.28 -6.26
CA GLN A 336 -5.77 -13.75 -6.47
C GLN A 336 -4.36 -14.04 -6.98
N LEU A 337 -3.86 -13.20 -7.86
CA LEU A 337 -2.54 -13.48 -8.48
C LEU A 337 -1.46 -13.39 -7.41
N GLU A 338 -1.54 -12.40 -6.52
CA GLU A 338 -0.59 -12.26 -5.40
C GLU A 338 -0.72 -13.47 -4.48
N GLY A 339 -1.95 -13.86 -4.15
CA GLY A 339 -2.22 -15.05 -3.32
C GLY A 339 -1.61 -16.33 -3.89
N PHE A 340 -1.78 -16.57 -5.19
CA PHE A 340 -1.23 -17.80 -5.83
C PHE A 340 0.28 -17.85 -5.54
N LYS A 341 0.99 -16.75 -5.70
CA LYS A 341 2.45 -16.68 -5.39
C LYS A 341 2.68 -16.95 -3.91
N ARG A 342 1.81 -16.40 -3.04
CA ARG A 342 1.94 -16.54 -1.56
C ARG A 342 1.94 -18.03 -1.19
N ILE A 343 0.99 -18.81 -1.71
CA ILE A 343 0.76 -20.21 -1.25
C ILE A 343 1.37 -21.20 -2.25
N ASP A 344 2.05 -20.71 -3.30
CA ASP A 344 2.48 -21.47 -4.49
C ASP A 344 1.33 -22.35 -4.98
N ALA A 345 0.22 -21.72 -5.33
CA ALA A 345 -0.99 -22.39 -5.85
C ALA A 345 -0.64 -23.31 -7.03
N ALA A 346 0.24 -22.89 -7.96
CA ALA A 346 0.64 -23.66 -9.16
C ALA A 346 1.30 -24.97 -8.72
N GLY A 347 2.23 -24.90 -7.77
CA GLY A 347 2.90 -26.07 -7.17
C GLY A 347 1.89 -27.01 -6.55
N GLN A 348 0.93 -26.46 -5.81
CA GLN A 348 -0.04 -27.24 -5.00
C GLN A 348 -1.01 -27.94 -5.96
N LYS A 349 -1.47 -27.26 -7.01
CA LYS A 349 -2.38 -27.88 -8.01
C LYS A 349 -1.63 -29.01 -8.74
N GLN A 350 -0.41 -28.76 -9.18
CA GLN A 350 0.43 -29.74 -9.91
C GLN A 350 0.60 -31.00 -9.04
N ALA A 351 0.95 -30.84 -7.76
CA ALA A 351 1.25 -31.96 -6.83
C ALA A 351 -0.03 -32.76 -6.58
N GLU A 352 -1.17 -32.09 -6.40
CA GLU A 352 -2.42 -32.79 -6.08
C GLU A 352 -2.84 -33.62 -7.29
N GLU A 353 -2.82 -33.01 -8.49
CA GLU A 353 -3.23 -33.66 -9.74
C GLU A 353 -2.32 -34.87 -9.98
N ALA A 354 -1.02 -34.74 -9.72
CA ALA A 354 -0.03 -35.84 -9.84
C ALA A 354 -0.39 -36.96 -8.83
N ALA A 355 -0.71 -36.62 -7.58
CA ALA A 355 -1.10 -37.60 -6.55
C ALA A 355 -2.41 -38.30 -6.94
N VAL A 356 -3.40 -37.60 -7.50
CA VAL A 356 -4.69 -38.24 -7.90
C VAL A 356 -4.42 -39.23 -9.04
N LEU A 357 -3.69 -38.83 -10.08
CA LEU A 357 -3.41 -39.70 -11.27
C LEU A 357 -2.58 -40.92 -10.81
N ALA A 358 -1.60 -40.76 -9.92
CA ALA A 358 -0.78 -41.87 -9.37
C ALA A 358 -1.64 -42.79 -8.48
N TRP A 359 -2.60 -42.24 -7.76
CA TRP A 359 -3.49 -43.00 -6.85
C TRP A 359 -4.47 -43.84 -7.68
N LEU A 360 -5.01 -43.28 -8.76
CA LEU A 360 -5.87 -44.03 -9.72
C LEU A 360 -5.08 -45.22 -10.28
N LYS A 361 -3.89 -44.97 -10.82
CA LYS A 361 -3.02 -46.01 -11.44
C LYS A 361 -2.93 -47.21 -10.49
N LYS A 362 -2.57 -47.00 -9.22
CA LYS A 362 -2.46 -48.06 -8.17
C LYS A 362 -3.81 -48.77 -7.94
N GLN A 363 -4.90 -48.26 -8.52
CA GLN A 363 -6.25 -48.87 -8.36
C GLN A 363 -6.53 -49.84 -9.52
N GLY A 364 -5.68 -49.84 -10.55
CA GLY A 364 -5.75 -50.74 -11.72
C GLY A 364 -7.02 -50.53 -12.52
N ALA A 365 -7.71 -51.62 -12.87
CA ALA A 365 -8.93 -51.63 -13.70
C ALA A 365 -9.85 -50.48 -13.30
N ALA A 366 -10.30 -50.51 -12.04
CA ALA A 366 -11.35 -49.65 -11.44
C ALA A 366 -11.02 -48.17 -11.67
N GLY A 367 -9.73 -47.83 -11.76
CA GLY A 367 -9.24 -46.44 -11.90
C GLY A 367 -9.03 -45.98 -13.34
N LYS A 368 -9.30 -46.82 -14.35
CA LYS A 368 -9.07 -46.46 -15.78
C LYS A 368 -10.13 -45.46 -16.28
N PRO A 369 -11.42 -45.60 -15.91
CA PRO A 369 -12.44 -44.62 -16.33
C PRO A 369 -12.12 -43.15 -15.95
N ALA A 370 -11.82 -42.90 -14.67
CA ALA A 370 -11.41 -41.57 -14.16
C ALA A 370 -10.19 -41.07 -14.94
N LEU A 371 -9.21 -41.96 -15.15
CA LEU A 371 -7.94 -41.62 -15.83
C LEU A 371 -8.28 -41.15 -17.23
N ALA A 372 -9.20 -41.85 -17.89
CA ALA A 372 -9.65 -41.51 -19.27
C ALA A 372 -10.48 -40.22 -19.23
N ALA A 373 -11.35 -40.04 -18.24
CA ALA A 373 -12.09 -38.77 -18.03
C ALA A 373 -11.10 -37.62 -17.87
N HIS A 374 -10.04 -37.81 -17.08
CA HIS A 374 -9.00 -36.77 -16.90
C HIS A 374 -8.43 -36.41 -18.28
N ALA A 375 -7.88 -37.40 -18.98
CA ALA A 375 -7.23 -37.23 -20.31
C ALA A 375 -8.14 -36.40 -21.24
N GLN A 376 -9.46 -36.63 -21.20
CA GLN A 376 -10.52 -35.96 -22.01
C GLN A 376 -10.70 -34.49 -21.58
N LEU A 377 -10.82 -34.23 -20.27
CA LEU A 377 -10.90 -32.83 -19.77
C LEU A 377 -9.60 -32.12 -20.14
N LEU A 378 -8.48 -32.83 -20.02
CA LEU A 378 -7.14 -32.24 -20.28
C LEU A 378 -7.13 -31.75 -21.73
N LYS A 379 -7.71 -32.52 -22.66
CA LYS A 379 -7.83 -32.18 -24.10
C LYS A 379 -8.65 -30.90 -24.31
N HIS A 380 -9.71 -30.69 -23.53
CA HIS A 380 -10.64 -29.54 -23.63
C HIS A 380 -9.93 -28.18 -23.44
N LEU A 381 -8.78 -28.16 -22.76
CA LEU A 381 -8.09 -26.89 -22.36
C LEU A 381 -7.64 -26.10 -23.60
N ASP A 382 -6.85 -26.75 -24.45
CA ASP A 382 -5.99 -26.13 -25.49
C ASP A 382 -6.84 -25.36 -26.51
N THR A 383 -8.11 -25.75 -26.67
CA THR A 383 -9.11 -25.19 -27.61
C THR A 383 -8.98 -23.66 -27.74
N SER A 384 -8.77 -22.94 -26.63
CA SER A 384 -8.62 -21.46 -26.61
C SER A 384 -7.13 -21.10 -26.38
N LYS A 385 -6.44 -20.64 -27.43
CA LYS A 385 -5.00 -20.26 -27.37
C LYS A 385 -4.77 -18.96 -28.16
N SER A 386 -5.09 -18.96 -29.45
CA SER A 386 -5.02 -17.74 -30.30
C SER A 386 -6.43 -17.25 -30.63
N THR A 387 -7.48 -17.78 -29.99
CA THR A 387 -8.84 -17.18 -30.05
C THR A 387 -9.24 -16.50 -28.72
N ARG A 388 -8.48 -16.64 -27.63
CA ARG A 388 -8.92 -16.13 -26.30
C ARG A 388 -8.94 -14.60 -26.33
N GLU A 389 -7.91 -13.96 -26.89
CA GLU A 389 -7.86 -12.47 -26.94
C GLU A 389 -9.03 -11.99 -27.81
N ARG A 390 -9.21 -12.59 -28.98
CA ARG A 390 -10.29 -12.19 -29.92
C ARG A 390 -11.64 -12.36 -29.23
N ASP A 391 -11.86 -13.53 -28.64
CA ASP A 391 -13.15 -13.88 -28.00
C ASP A 391 -13.44 -12.84 -26.91
N LEU A 392 -12.41 -12.40 -26.18
CA LEU A 392 -12.62 -11.43 -25.08
C LEU A 392 -13.10 -10.12 -25.66
N PHE A 393 -12.40 -9.59 -26.65
CA PHE A 393 -12.66 -8.25 -27.22
C PHE A 393 -14.01 -8.25 -27.94
N VAL A 394 -14.28 -9.28 -28.75
CA VAL A 394 -15.55 -9.38 -29.52
C VAL A 394 -16.70 -9.56 -28.51
N GLY A 395 -16.49 -10.45 -27.54
CA GLY A 395 -17.41 -10.71 -26.41
C GLY A 395 -17.79 -9.41 -25.68
N GLN A 396 -16.79 -8.61 -25.29
CA GLN A 396 -16.99 -7.32 -24.61
C GLN A 396 -17.70 -6.33 -25.54
N PHE A 397 -17.26 -6.20 -26.81
CA PHE A 397 -17.93 -5.31 -27.79
C PHE A 397 -19.42 -5.66 -27.90
N ASN A 398 -19.73 -6.94 -28.01
CA ASN A 398 -21.12 -7.42 -28.23
C ASN A 398 -21.96 -7.23 -26.97
N ASN A 399 -21.31 -7.08 -25.81
CA ASN A 399 -22.00 -6.84 -24.51
C ASN A 399 -22.04 -5.35 -24.18
N THR A 400 -21.58 -4.44 -25.03
CA THR A 400 -21.84 -2.99 -24.86
C THR A 400 -23.36 -2.77 -24.98
N SER A 401 -23.87 -1.67 -24.49
CA SER A 401 -25.32 -1.56 -24.16
C SER A 401 -26.21 -1.67 -25.40
N ALA A 402 -26.04 -0.82 -26.43
CA ALA A 402 -26.94 -0.79 -27.62
C ALA A 402 -26.80 -2.12 -28.39
N VAL A 403 -25.57 -2.55 -28.63
CA VAL A 403 -25.28 -3.79 -29.39
C VAL A 403 -25.86 -4.99 -28.63
N GLY A 404 -25.60 -5.10 -27.33
CA GLY A 404 -26.07 -6.22 -26.50
C GLY A 404 -27.59 -6.22 -26.47
N ALA A 405 -28.22 -5.05 -26.43
CA ALA A 405 -29.70 -4.96 -26.41
C ALA A 405 -30.21 -5.48 -27.76
N ALA A 406 -29.56 -5.08 -28.85
CA ALA A 406 -29.96 -5.51 -30.21
C ALA A 406 -29.84 -7.03 -30.31
N ILE A 407 -28.74 -7.60 -29.82
CA ILE A 407 -28.51 -9.08 -29.90
C ILE A 407 -29.58 -9.83 -29.08
N THR A 408 -29.83 -9.42 -27.83
CA THR A 408 -30.84 -10.04 -26.94
C THR A 408 -32.21 -9.92 -27.63
N LEU A 409 -32.53 -8.74 -28.14
CA LEU A 409 -33.90 -8.50 -28.69
C LEU A 409 -34.10 -9.38 -29.94
N TYR A 410 -33.09 -9.43 -30.81
CA TYR A 410 -33.15 -10.24 -32.06
C TYR A 410 -33.23 -11.71 -31.67
N ARG A 411 -32.41 -12.14 -30.70
CA ARG A 411 -32.42 -13.55 -30.24
C ARG A 411 -33.81 -13.90 -29.72
N LEU A 412 -34.42 -13.01 -28.95
CA LEU A 412 -35.75 -13.32 -28.38
C LEU A 412 -36.74 -13.52 -29.53
N SER A 413 -36.66 -12.73 -30.60
CA SER A 413 -37.61 -12.76 -31.76
C SER A 413 -37.53 -14.14 -32.44
N ILE A 414 -36.33 -14.70 -32.52
CA ILE A 414 -36.05 -16.06 -33.04
C ILE A 414 -36.65 -17.08 -32.08
N GLU A 415 -36.41 -16.98 -30.78
CA GLU A 415 -36.87 -18.06 -29.88
C GLU A 415 -38.40 -18.06 -29.85
N ARG A 416 -39.04 -16.90 -29.98
CA ARG A 416 -40.51 -16.79 -29.80
C ARG A 416 -41.23 -17.64 -30.86
N SER A 417 -40.64 -17.89 -32.04
CA SER A 417 -41.27 -18.68 -33.15
C SER A 417 -41.32 -20.17 -32.78
N LYS A 418 -40.57 -20.61 -31.77
CA LYS A 418 -40.52 -22.03 -31.36
C LYS A 418 -41.53 -22.29 -30.27
N PRO A 419 -41.92 -23.57 -30.06
CA PRO A 419 -42.65 -23.95 -28.85
C PRO A 419 -41.79 -23.70 -27.61
N ASP A 420 -42.44 -23.27 -26.53
CA ASP A 420 -41.76 -22.76 -25.31
C ASP A 420 -40.72 -23.77 -24.81
N ALA A 421 -41.05 -25.06 -24.73
CA ALA A 421 -40.11 -26.09 -24.24
C ALA A 421 -38.85 -26.18 -25.13
N GLU A 422 -38.87 -25.67 -26.36
CA GLU A 422 -37.70 -25.74 -27.28
C GLU A 422 -36.90 -24.43 -27.27
N ARG A 423 -37.37 -23.39 -26.60
CA ARG A 423 -36.65 -22.11 -26.57
C ARG A 423 -35.42 -22.26 -25.67
N GLU A 424 -34.36 -21.57 -26.05
CA GLU A 424 -33.10 -21.46 -25.27
C GLU A 424 -33.42 -20.99 -23.83
N ALA A 425 -32.86 -21.66 -22.82
CA ALA A 425 -32.87 -21.20 -21.41
C ALA A 425 -32.49 -19.72 -21.39
N GLY A 426 -33.29 -18.88 -20.72
CA GLY A 426 -33.05 -17.43 -20.80
C GLY A 426 -34.05 -16.73 -21.70
N TYR A 427 -34.71 -17.45 -22.61
CA TYR A 427 -35.63 -16.84 -23.59
C TYR A 427 -36.97 -17.56 -23.61
N GLN A 428 -37.23 -18.34 -22.57
CA GLN A 428 -38.56 -18.97 -22.39
C GLN A 428 -39.59 -17.97 -21.84
N GLU A 429 -40.85 -18.39 -21.81
CA GLU A 429 -41.96 -17.55 -21.27
C GLU A 429 -41.62 -17.10 -19.84
N ARG A 430 -41.06 -17.99 -19.03
CA ARG A 430 -40.69 -17.72 -17.63
C ARG A 430 -39.57 -16.68 -17.52
N ASP A 431 -38.90 -16.28 -18.62
CA ASP A 431 -37.81 -15.27 -18.64
C ASP A 431 -38.27 -13.93 -19.20
N LEU A 432 -39.44 -13.83 -19.82
CA LEU A 432 -39.85 -12.62 -20.57
C LEU A 432 -39.81 -11.38 -19.65
N THR A 433 -40.32 -11.45 -18.42
CA THR A 433 -40.43 -10.26 -17.52
C THR A 433 -39.01 -9.83 -17.10
N THR A 434 -38.09 -10.77 -16.98
CA THR A 434 -36.66 -10.46 -16.69
C THR A 434 -35.96 -9.79 -17.87
N ILE A 435 -36.24 -10.22 -19.11
CA ILE A 435 -35.67 -9.61 -20.34
C ILE A 435 -36.19 -8.19 -20.38
N GLU A 436 -37.51 -8.03 -20.18
CA GLU A 436 -38.18 -6.71 -20.29
C GLU A 436 -37.60 -5.78 -19.19
N GLY A 437 -37.46 -6.28 -17.97
CA GLY A 437 -36.90 -5.53 -16.85
C GLY A 437 -35.49 -5.06 -17.19
N GLY A 438 -34.69 -5.88 -17.85
CA GLY A 438 -33.33 -5.50 -18.24
C GLY A 438 -33.38 -4.30 -19.18
N LEU A 439 -34.28 -4.33 -20.15
CA LEU A 439 -34.46 -3.24 -21.16
C LEU A 439 -34.87 -1.97 -20.41
N LYS A 440 -35.71 -2.09 -19.36
CA LYS A 440 -36.18 -0.96 -18.53
C LYS A 440 -35.02 -0.44 -17.70
N GLN A 441 -34.28 -1.34 -17.04
CA GLN A 441 -33.18 -0.88 -16.13
C GLN A 441 -32.11 -0.16 -16.95
N MET A 442 -31.91 -0.52 -18.23
CA MET A 442 -30.89 0.11 -19.09
C MET A 442 -31.14 1.62 -19.20
N ASP A 443 -32.38 2.07 -19.06
CA ASP A 443 -32.68 3.54 -19.09
C ASP A 443 -31.87 4.25 -17.98
N ARG A 444 -31.61 3.61 -16.87
CA ARG A 444 -30.91 4.25 -15.74
C ARG A 444 -29.41 3.95 -15.83
N ARG A 445 -28.94 3.30 -16.90
CA ARG A 445 -27.55 2.80 -16.93
C ARG A 445 -26.91 2.97 -18.29
N TYR A 446 -27.35 3.92 -19.09
CA TYR A 446 -26.94 4.09 -20.49
C TYR A 446 -26.82 5.56 -20.82
N VAL A 447 -25.67 5.94 -21.38
CA VAL A 447 -25.42 7.28 -21.96
C VAL A 447 -24.69 6.98 -23.25
N ALA A 448 -25.25 7.42 -24.39
CA ALA A 448 -24.71 7.19 -25.74
C ALA A 448 -23.21 7.54 -25.77
N LYS A 449 -22.80 8.70 -25.24
CA LYS A 449 -21.37 9.17 -25.37
C LYS A 449 -20.46 8.23 -24.57
N MET A 450 -20.93 7.64 -23.49
CA MET A 450 -20.12 6.65 -22.71
C MET A 450 -20.10 5.32 -23.45
N ASP A 451 -21.26 4.84 -23.92
CA ASP A 451 -21.32 3.60 -24.73
C ASP A 451 -20.34 3.69 -25.92
N GLN A 452 -20.31 4.81 -26.64
CA GLN A 452 -19.42 4.96 -27.82
C GLN A 452 -17.96 4.76 -27.38
N GLN A 453 -17.58 5.30 -26.24
CA GLN A 453 -16.20 5.18 -25.70
C GLN A 453 -15.90 3.71 -25.38
N LEU A 454 -16.89 2.97 -24.89
CA LEU A 454 -16.75 1.51 -24.59
C LEU A 454 -16.63 0.72 -25.89
N GLN A 455 -17.51 0.98 -26.86
CA GLN A 455 -17.38 0.37 -28.20
C GLN A 455 -15.98 0.65 -28.76
N THR A 456 -15.52 1.90 -28.71
CA THR A 456 -14.20 2.32 -29.27
C THR A 456 -13.09 1.53 -28.58
N TYR A 457 -13.16 1.43 -27.25
CA TYR A 457 -12.13 0.76 -26.42
C TYR A 457 -12.00 -0.69 -26.89
N TRP A 458 -13.10 -1.46 -26.93
CA TRP A 458 -12.99 -2.90 -27.31
C TRP A 458 -12.69 -3.10 -28.80
N LEU A 459 -13.21 -2.25 -29.70
CA LEU A 459 -12.87 -2.37 -31.13
C LEU A 459 -11.36 -2.08 -31.29
N ASP A 460 -10.85 -1.07 -30.59
CA ASP A 460 -9.42 -0.69 -30.65
C ASP A 460 -8.55 -1.91 -30.29
N GLN A 461 -8.91 -2.64 -29.25
CA GLN A 461 -8.14 -3.84 -28.83
C GLN A 461 -8.21 -4.91 -29.91
N TYR A 462 -9.39 -5.07 -30.51
CA TYR A 462 -9.64 -6.02 -31.61
C TYR A 462 -8.73 -5.70 -32.80
N VAL A 463 -8.75 -4.46 -33.30
CA VAL A 463 -7.99 -4.07 -34.52
C VAL A 463 -6.47 -4.14 -34.23
N ALA A 464 -6.04 -4.09 -32.98
CA ALA A 464 -4.60 -4.20 -32.60
C ALA A 464 -4.13 -5.66 -32.58
N LEU A 465 -5.02 -6.65 -32.70
CA LEU A 465 -4.62 -8.07 -32.78
C LEU A 465 -3.92 -8.33 -34.13
N PRO A 466 -3.02 -9.34 -34.22
CA PRO A 466 -2.46 -9.74 -35.51
C PRO A 466 -3.58 -10.27 -36.43
N ALA A 467 -3.41 -10.06 -37.73
CA ALA A 467 -4.40 -10.33 -38.79
C ALA A 467 -4.91 -11.77 -38.69
N ALA A 468 -4.05 -12.72 -38.31
CA ALA A 468 -4.43 -14.14 -38.10
C ALA A 468 -5.61 -14.23 -37.12
N GLN A 469 -5.59 -13.42 -36.07
CA GLN A 469 -6.56 -13.52 -34.93
C GLN A 469 -7.80 -12.62 -35.14
N ARG A 470 -7.66 -11.53 -35.89
CA ARG A 470 -8.78 -10.62 -36.24
C ARG A 470 -9.60 -11.23 -37.37
N ASP A 471 -10.19 -12.38 -37.14
CA ASP A 471 -10.86 -13.17 -38.20
C ASP A 471 -12.36 -13.21 -37.88
N ASN A 472 -12.89 -12.19 -37.21
CA ASN A 472 -14.36 -12.09 -37.06
C ASN A 472 -14.86 -11.43 -38.34
N GLU A 473 -15.43 -12.22 -39.23
CA GLU A 473 -15.67 -11.78 -40.63
C GLU A 473 -16.72 -10.68 -40.61
N VAL A 474 -17.78 -10.81 -39.80
CA VAL A 474 -18.82 -9.75 -39.78
C VAL A 474 -18.20 -8.44 -39.30
N LEU A 475 -17.43 -8.49 -38.21
CA LEU A 475 -16.84 -7.29 -37.61
C LEU A 475 -15.84 -6.69 -38.61
N ASN A 476 -15.02 -7.53 -39.24
CA ASN A 476 -14.12 -7.13 -40.35
C ASN A 476 -14.91 -6.38 -41.43
N LYS A 477 -16.10 -6.86 -41.78
CA LYS A 477 -16.92 -6.20 -42.84
C LYS A 477 -17.37 -4.82 -42.34
N TRP A 478 -17.86 -4.71 -41.10
CA TRP A 478 -18.41 -3.44 -40.53
C TRP A 478 -17.26 -2.46 -40.24
N LEU A 479 -16.08 -2.93 -39.87
CA LEU A 479 -14.94 -2.04 -39.64
C LEU A 479 -14.41 -1.54 -41.00
N ALA A 480 -14.20 -2.45 -41.95
CA ALA A 480 -13.57 -2.17 -43.26
C ALA A 480 -12.28 -1.39 -43.03
N GLY A 481 -11.39 -1.93 -42.20
CA GLY A 481 -10.10 -1.32 -41.86
C GLY A 481 -9.61 -1.92 -40.58
N SER A 482 -8.41 -1.60 -40.15
CA SER A 482 -7.80 -2.18 -38.92
C SER A 482 -7.02 -1.08 -38.18
N ASP A 483 -7.48 0.16 -38.29
CA ASP A 483 -6.83 1.35 -37.69
C ASP A 483 -7.90 2.28 -37.09
N ALA A 484 -7.43 3.36 -36.46
CA ALA A 484 -8.23 4.31 -35.65
C ALA A 484 -9.45 4.80 -36.45
N ALA A 485 -9.29 5.13 -37.73
CA ALA A 485 -10.35 5.74 -38.56
C ALA A 485 -11.44 4.70 -38.82
N ALA A 486 -11.06 3.44 -38.93
CA ALA A 486 -12.02 2.33 -39.19
C ALA A 486 -12.91 2.19 -37.95
N VAL A 487 -12.30 2.25 -36.76
CA VAL A 487 -13.04 2.13 -35.46
C VAL A 487 -14.01 3.33 -35.34
N LYS A 488 -13.52 4.54 -35.57
CA LYS A 488 -14.30 5.80 -35.46
C LYS A 488 -15.50 5.74 -36.41
N SER A 489 -15.26 5.17 -37.58
CA SER A 489 -16.26 5.06 -38.65
C SER A 489 -17.39 4.10 -38.22
N LEU A 490 -17.04 2.96 -37.64
CA LEU A 490 -18.06 1.97 -37.20
C LEU A 490 -18.87 2.52 -36.00
N VAL A 491 -18.20 3.17 -35.07
CA VAL A 491 -18.84 3.76 -33.87
C VAL A 491 -19.77 4.88 -34.35
N ASN A 492 -19.29 5.70 -35.29
CA ASN A 492 -20.13 6.75 -35.93
C ASN A 492 -21.38 6.12 -36.53
N LYS A 493 -21.22 5.03 -37.27
CA LYS A 493 -22.36 4.32 -37.91
C LYS A 493 -23.32 3.85 -36.81
N LEU A 494 -22.81 3.15 -35.79
CA LEU A 494 -23.66 2.54 -34.72
C LEU A 494 -24.35 3.65 -33.92
N GLY A 495 -23.78 4.86 -33.90
CA GLY A 495 -24.36 6.06 -33.27
C GLY A 495 -25.75 6.38 -33.78
N GLY A 496 -26.07 6.00 -35.01
CA GLY A 496 -27.42 6.25 -35.54
C GLY A 496 -28.48 5.34 -34.95
N THR A 497 -28.12 4.39 -34.07
CA THR A 497 -29.11 3.48 -33.45
C THR A 497 -30.20 4.27 -32.73
N GLU A 498 -31.43 3.75 -32.69
CA GLU A 498 -32.55 4.28 -31.83
C GLU A 498 -32.73 3.43 -30.56
N LEU A 499 -31.87 2.43 -30.32
CA LEU A 499 -32.02 1.52 -29.15
C LEU A 499 -31.68 2.20 -27.82
N GLY A 500 -31.09 3.39 -27.81
CA GLY A 500 -31.03 4.27 -26.63
C GLY A 500 -32.41 4.62 -26.13
N SER A 501 -33.45 4.51 -26.93
CA SER A 501 -34.81 4.91 -26.52
C SER A 501 -35.50 3.73 -25.84
N LEU A 502 -36.01 3.96 -24.64
CA LEU A 502 -36.70 2.90 -23.85
C LEU A 502 -37.89 2.45 -24.67
N ASP A 503 -38.69 3.38 -25.18
CA ASP A 503 -39.88 3.02 -25.97
C ASP A 503 -39.48 2.17 -27.20
N THR A 504 -38.38 2.49 -27.88
CA THR A 504 -37.89 1.73 -29.04
C THR A 504 -37.59 0.31 -28.53
N ARG A 505 -36.87 0.18 -27.41
CA ARG A 505 -36.51 -1.19 -26.92
C ARG A 505 -37.77 -2.00 -26.59
N LEU A 506 -38.78 -1.37 -25.99
CA LEU A 506 -40.01 -2.09 -25.57
C LEU A 506 -40.82 -2.48 -26.80
N LYS A 507 -40.72 -1.74 -27.91
CA LYS A 507 -41.42 -2.08 -29.19
C LYS A 507 -40.71 -3.30 -29.78
N TRP A 508 -39.38 -3.25 -29.86
CA TRP A 508 -38.56 -4.37 -30.37
C TRP A 508 -38.78 -5.63 -29.53
N PHE A 509 -39.07 -5.47 -28.24
CA PHE A 509 -39.30 -6.60 -27.31
C PHE A 509 -40.49 -7.45 -27.81
N LYS A 510 -41.47 -6.84 -28.48
CA LYS A 510 -42.69 -7.53 -28.93
C LYS A 510 -42.64 -7.88 -30.43
N ALA A 511 -41.59 -7.47 -31.15
CA ALA A 511 -41.50 -7.51 -32.63
C ALA A 511 -41.16 -8.93 -33.12
N ASP A 512 -41.62 -9.28 -34.33
CA ASP A 512 -41.25 -10.61 -34.89
C ASP A 512 -39.92 -10.47 -35.62
N ARG A 513 -39.33 -11.62 -35.88
CA ARG A 513 -38.01 -11.83 -36.53
C ARG A 513 -37.94 -11.02 -37.84
N ALA A 514 -39.00 -11.04 -38.63
CA ALA A 514 -39.03 -10.36 -39.93
C ALA A 514 -38.81 -8.86 -39.73
N ALA A 515 -39.36 -8.25 -38.66
CA ALA A 515 -39.24 -6.80 -38.44
C ALA A 515 -37.76 -6.46 -38.16
N PHE A 516 -37.06 -7.30 -37.40
CA PHE A 516 -35.63 -7.10 -37.11
C PHE A 516 -34.84 -7.08 -38.43
N GLU A 517 -35.15 -8.07 -39.26
CA GLU A 517 -34.43 -8.33 -40.54
C GLU A 517 -34.67 -7.20 -41.56
N ALA A 518 -35.77 -6.46 -41.45
CA ALA A 518 -36.10 -5.32 -42.34
C ALA A 518 -35.58 -3.98 -41.78
N SER A 519 -35.16 -3.89 -40.51
CA SER A 519 -34.74 -2.62 -39.87
C SER A 519 -33.48 -2.09 -40.54
N ASN A 520 -33.40 -0.77 -40.73
CA ASN A 520 -32.15 -0.07 -41.08
C ASN A 520 -31.51 0.52 -39.82
N ASP A 521 -31.98 0.15 -38.61
CA ASP A 521 -31.26 0.52 -37.36
C ASP A 521 -29.91 -0.19 -37.40
N PRO A 522 -28.77 0.52 -37.40
CA PRO A 522 -27.47 -0.16 -37.54
C PRO A 522 -27.11 -1.17 -36.45
N ALA A 523 -27.54 -0.92 -35.21
CA ALA A 523 -27.34 -1.86 -34.08
C ALA A 523 -28.11 -3.15 -34.39
N ILE A 524 -29.35 -3.04 -34.84
CA ILE A 524 -30.19 -4.21 -35.22
C ILE A 524 -29.55 -4.96 -36.38
N GLN A 525 -29.09 -4.25 -37.41
CA GLN A 525 -28.46 -4.84 -38.61
C GLN A 525 -27.25 -5.65 -38.14
N TYR A 526 -26.49 -5.11 -37.19
CA TYR A 526 -25.28 -5.78 -36.66
C TYR A 526 -25.72 -7.08 -35.97
N ALA A 527 -26.79 -7.04 -35.17
CA ALA A 527 -27.26 -8.22 -34.43
C ALA A 527 -27.70 -9.31 -35.40
N VAL A 528 -28.47 -8.94 -36.43
CA VAL A 528 -28.93 -9.88 -37.49
C VAL A 528 -27.69 -10.48 -38.20
N ALA A 529 -26.69 -9.67 -38.50
CA ALA A 529 -25.48 -10.15 -39.22
C ALA A 529 -24.66 -11.13 -38.36
N VAL A 530 -24.46 -10.85 -37.07
CA VAL A 530 -23.59 -11.69 -36.19
C VAL A 530 -24.34 -12.94 -35.69
N MET A 531 -25.67 -12.95 -35.71
CA MET A 531 -26.46 -14.00 -35.02
C MET A 531 -26.13 -15.41 -35.54
N PRO A 532 -26.02 -15.67 -36.88
CA PRO A 532 -25.72 -17.02 -37.34
C PRO A 532 -24.39 -17.51 -36.73
N ALA A 533 -23.35 -16.69 -36.71
CA ALA A 533 -22.05 -17.12 -36.12
C ALA A 533 -22.22 -17.29 -34.59
N LEU A 534 -23.02 -16.44 -33.92
CA LEU A 534 -23.31 -16.64 -32.46
C LEU A 534 -23.99 -17.99 -32.23
N LEU A 535 -25.00 -18.38 -33.03
CA LEU A 535 -25.71 -19.66 -32.78
C LEU A 535 -24.74 -20.84 -33.00
N LYS A 536 -23.87 -20.76 -34.00
CA LYS A 536 -22.88 -21.83 -34.23
C LYS A 536 -21.91 -21.92 -33.03
N GLN A 537 -21.50 -20.78 -32.45
CA GLN A 537 -20.55 -20.76 -31.28
C GLN A 537 -21.25 -21.39 -30.07
N GLU A 538 -22.56 -21.12 -29.93
CA GLU A 538 -23.40 -21.69 -28.87
C GLU A 538 -23.50 -23.20 -29.05
N GLU A 539 -23.73 -23.68 -30.29
CA GLU A 539 -23.83 -25.14 -30.58
C GLU A 539 -22.50 -25.80 -30.19
N GLN A 540 -21.37 -25.20 -30.54
CA GLN A 540 -20.02 -25.74 -30.19
C GLN A 540 -19.87 -25.88 -28.68
N LYS A 541 -20.29 -24.85 -27.93
CA LYS A 541 -20.31 -24.81 -26.44
C LYS A 541 -21.09 -26.02 -25.92
N LYS A 542 -22.31 -26.25 -26.44
CA LYS A 542 -23.22 -27.30 -25.96
C LYS A 542 -22.57 -28.65 -26.25
N ILE A 543 -21.79 -28.75 -27.34
CA ILE A 543 -21.04 -29.99 -27.65
C ILE A 543 -20.01 -30.21 -26.55
N ARG A 544 -19.21 -29.18 -26.22
CA ARG A 544 -18.17 -29.26 -25.15
C ARG A 544 -18.87 -29.59 -23.82
N GLU A 545 -19.99 -28.96 -23.51
CA GLU A 545 -20.79 -29.26 -22.30
C GLU A 545 -21.15 -30.75 -22.27
N GLY A 546 -21.72 -31.27 -23.36
CA GLY A 546 -22.12 -32.68 -23.46
C GLY A 546 -20.95 -33.63 -23.25
N GLU A 547 -19.76 -33.31 -23.77
CA GLU A 547 -18.53 -34.14 -23.52
C GLU A 547 -18.18 -34.08 -22.02
N SER A 548 -18.33 -32.92 -21.37
CA SER A 548 -18.02 -32.75 -19.93
C SER A 548 -19.06 -33.47 -19.06
N LEU A 549 -20.31 -33.61 -19.52
CA LEU A 549 -21.38 -34.18 -18.67
C LEU A 549 -21.01 -35.60 -18.27
N THR A 550 -20.12 -36.26 -18.99
CA THR A 550 -19.67 -37.63 -18.62
C THR A 550 -18.25 -37.58 -18.02
N ALA A 551 -17.32 -36.78 -18.52
CA ALA A 551 -15.91 -36.83 -18.03
C ALA A 551 -15.79 -36.12 -16.67
N ARG A 552 -16.44 -34.95 -16.51
CA ARG A 552 -16.25 -34.13 -15.30
C ARG A 552 -16.65 -34.94 -14.07
N PRO A 553 -17.84 -35.56 -13.98
CA PRO A 553 -18.22 -36.26 -12.75
C PRO A 553 -17.26 -37.40 -12.42
N LEU A 554 -16.85 -38.15 -13.43
CA LEU A 554 -15.94 -39.31 -13.17
C LEU A 554 -14.68 -38.80 -12.48
N TYR A 555 -14.02 -37.82 -13.06
CA TYR A 555 -12.73 -37.30 -12.58
C TYR A 555 -12.89 -36.60 -11.23
N LEU A 556 -13.93 -35.77 -11.07
CA LEU A 556 -14.18 -35.06 -9.79
C LEU A 556 -14.50 -36.04 -8.66
N GLN A 557 -15.25 -37.10 -8.95
CA GLN A 557 -15.48 -38.17 -7.95
C GLN A 557 -14.14 -38.79 -7.54
N ALA A 558 -13.22 -39.06 -8.48
CA ALA A 558 -11.88 -39.60 -8.11
C ALA A 558 -11.13 -38.60 -7.20
N VAL A 559 -11.08 -37.31 -7.56
CA VAL A 559 -10.42 -36.28 -6.70
C VAL A 559 -11.06 -36.31 -5.30
N ALA A 560 -12.39 -36.37 -5.22
CA ALA A 560 -13.10 -36.38 -3.92
C ALA A 560 -12.71 -37.67 -3.18
N ASP A 561 -12.66 -38.80 -3.86
CA ASP A 561 -12.30 -40.10 -3.23
C ASP A 561 -10.88 -39.99 -2.68
N TYR A 562 -9.94 -39.47 -3.47
CA TYR A 562 -8.53 -39.26 -3.10
C TYR A 562 -8.47 -38.37 -1.86
N LYS A 563 -9.10 -37.19 -1.93
CA LYS A 563 -9.23 -36.27 -0.77
C LYS A 563 -9.72 -37.01 0.47
N LYS A 564 -10.76 -37.85 0.37
CA LYS A 564 -11.25 -38.56 1.57
C LYS A 564 -10.18 -39.56 2.06
N SER A 565 -9.39 -40.15 1.17
CA SER A 565 -8.31 -41.12 1.52
C SER A 565 -7.23 -40.40 2.33
N GLN A 566 -7.10 -39.08 2.14
CA GLN A 566 -6.04 -38.22 2.73
C GLN A 566 -6.57 -37.46 3.95
N GLY A 567 -7.77 -37.82 4.42
CA GLY A 567 -8.49 -37.21 5.56
C GLY A 567 -8.82 -35.74 5.32
N GLU A 568 -8.90 -35.27 4.07
CA GLU A 568 -9.18 -33.84 3.74
C GLU A 568 -10.70 -33.61 3.70
N PHE A 569 -11.13 -32.38 3.96
CA PHE A 569 -12.57 -32.04 3.97
C PHE A 569 -13.10 -32.11 2.52
N VAL A 570 -14.24 -32.79 2.36
CA VAL A 570 -14.88 -32.98 1.03
C VAL A 570 -16.26 -32.32 1.05
N TYR A 571 -16.39 -31.28 0.23
CA TYR A 571 -17.64 -30.48 0.07
C TYR A 571 -17.61 -29.94 -1.36
N PRO A 572 -18.78 -29.74 -1.98
CA PRO A 572 -18.84 -29.30 -3.37
C PRO A 572 -18.33 -27.89 -3.58
N ASP A 573 -17.77 -27.56 -4.75
CA ASP A 573 -17.50 -26.16 -5.15
C ASP A 573 -18.83 -25.41 -5.02
N ALA A 574 -18.77 -24.11 -4.69
CA ALA A 574 -20.00 -23.27 -4.67
C ALA A 574 -20.64 -23.31 -6.04
N ASN A 575 -21.96 -23.25 -6.11
CA ASN A 575 -22.70 -23.26 -7.39
C ASN A 575 -24.01 -22.49 -7.25
N LEU A 576 -24.04 -21.43 -6.43
CA LEU A 576 -25.16 -20.46 -6.20
C LEU A 576 -26.27 -21.08 -5.35
N SER A 577 -26.05 -22.25 -4.75
CA SER A 577 -26.99 -22.91 -3.83
C SER A 577 -26.61 -22.58 -2.36
N LEU A 578 -27.52 -22.89 -1.42
CA LEU A 578 -27.49 -22.63 0.02
C LEU A 578 -26.37 -23.41 0.69
N ARG A 579 -25.48 -22.75 1.40
CA ARG A 579 -24.34 -23.42 2.06
C ARG A 579 -24.23 -22.90 3.48
N ILE A 580 -23.68 -23.71 4.38
CA ILE A 580 -23.40 -23.33 5.76
C ILE A 580 -21.89 -23.33 5.97
N THR A 581 -21.35 -22.30 6.60
CA THR A 581 -19.92 -22.30 7.01
C THR A 581 -19.93 -21.84 8.46
N PHE A 582 -18.94 -22.26 9.27
CA PHE A 582 -18.89 -21.92 10.69
C PHE A 582 -17.43 -21.85 11.09
N GLY A 583 -17.26 -21.29 12.25
CA GLY A 583 -15.93 -21.08 12.87
C GLY A 583 -16.04 -20.11 14.03
N ASN A 584 -15.03 -19.27 14.22
CA ASN A 584 -14.94 -18.42 15.41
C ASN A 584 -14.41 -17.04 15.00
N VAL A 585 -14.73 -16.05 15.80
CA VAL A 585 -14.19 -14.67 15.66
C VAL A 585 -12.69 -14.74 15.98
N MET A 586 -11.84 -14.34 15.06
CA MET A 586 -10.39 -14.44 15.30
C MET A 586 -9.68 -13.64 14.22
N GLY A 587 -8.54 -13.07 14.58
CA GLY A 587 -7.71 -12.40 13.59
C GLY A 587 -6.75 -13.35 12.92
N TYR A 588 -5.70 -12.82 12.32
CA TYR A 588 -4.70 -13.65 11.62
C TYR A 588 -3.39 -12.87 11.65
N GLY A 589 -2.32 -13.44 11.09
CA GLY A 589 -0.99 -12.84 11.26
C GLY A 589 -0.11 -13.06 10.04
N LYS A 590 0.84 -12.14 9.87
CA LYS A 590 2.01 -12.30 9.00
C LYS A 590 3.21 -12.01 9.88
N ASP A 591 4.41 -12.23 9.35
CA ASP A 591 5.64 -11.92 10.10
C ASP A 591 5.63 -10.44 10.49
N GLY A 592 5.78 -10.15 11.77
CA GLY A 592 5.86 -8.76 12.28
C GLY A 592 4.50 -8.17 12.61
N VAL A 593 3.39 -8.87 12.33
CA VAL A 593 2.04 -8.25 12.43
C VAL A 593 1.03 -9.27 12.97
N LYS A 594 0.14 -8.83 13.84
CA LYS A 594 -1.05 -9.63 14.24
C LYS A 594 -2.27 -8.74 14.03
N TYR A 595 -3.16 -9.17 13.14
CA TYR A 595 -4.45 -8.51 12.90
C TYR A 595 -5.38 -8.89 14.04
N THR A 596 -5.94 -7.91 14.70
CA THR A 596 -6.88 -8.14 15.85
C THR A 596 -8.25 -8.32 15.27
N PRO A 597 -9.16 -9.07 15.93
CA PRO A 597 -10.41 -9.45 15.29
C PRO A 597 -11.46 -8.34 15.15
N PHE A 598 -11.29 -7.21 15.83
CA PHE A 598 -12.25 -6.11 15.74
C PHE A 598 -11.56 -4.82 15.33
N THR A 599 -12.31 -4.03 14.57
CA THR A 599 -12.06 -2.58 14.47
C THR A 599 -13.12 -1.87 15.29
N THR A 600 -12.92 -0.59 15.50
CA THR A 600 -13.74 0.24 16.42
C THR A 600 -13.93 1.63 15.81
N LEU A 601 -14.81 2.42 16.41
CA LEU A 601 -15.19 3.74 15.87
C LEU A 601 -13.98 4.65 15.69
N GLU A 602 -13.04 4.61 16.62
CA GLU A 602 -11.83 5.46 16.60
C GLU A 602 -11.03 5.18 15.34
N GLY A 603 -11.02 3.94 14.85
CA GLY A 603 -10.31 3.56 13.60
C GLY A 603 -10.94 4.19 12.38
N VAL A 604 -12.26 4.40 12.38
CA VAL A 604 -12.96 5.14 11.29
C VAL A 604 -12.48 6.60 11.25
N ALA A 605 -12.57 7.30 12.37
CA ALA A 605 -12.10 8.70 12.49
C ALA A 605 -10.59 8.81 12.21
N ALA A 606 -9.77 7.82 12.58
CA ALA A 606 -8.32 7.88 12.32
C ALA A 606 -8.05 7.81 10.81
N LYS A 607 -8.97 7.28 10.00
CA LYS A 607 -8.72 7.20 8.54
C LYS A 607 -9.25 8.45 7.81
N GLU A 608 -9.92 9.36 8.52
CA GLU A 608 -10.60 10.52 7.85
C GLU A 608 -9.56 11.35 7.08
N THR A 609 -9.86 11.74 5.86
CA THR A 609 -9.05 12.71 5.08
C THR A 609 -9.91 13.89 4.62
N GLY A 610 -11.23 13.77 4.71
CA GLY A 610 -12.14 14.75 4.11
C GLY A 610 -12.28 14.57 2.60
N GLU A 611 -11.64 13.56 2.01
CA GLU A 611 -11.63 13.32 0.54
C GLU A 611 -12.13 11.90 0.30
N ASP A 612 -13.00 11.75 -0.70
CA ASP A 612 -13.53 10.42 -1.12
C ASP A 612 -12.34 9.51 -1.36
N PRO A 613 -12.27 8.25 -0.84
CA PRO A 613 -13.37 7.60 -0.09
C PRO A 613 -13.28 7.60 1.44
N PHE A 614 -12.44 8.46 2.03
CA PHE A 614 -12.27 8.55 3.49
C PHE A 614 -12.90 9.84 4.02
N ASP A 615 -14.16 10.04 3.69
CA ASP A 615 -14.87 11.32 3.96
C ASP A 615 -16.16 10.97 4.72
N SER A 616 -16.08 10.55 5.99
CA SER A 616 -17.24 10.16 6.83
C SER A 616 -18.17 11.35 7.01
N PRO A 617 -19.48 11.12 7.23
CA PRO A 617 -20.39 12.21 7.56
C PRO A 617 -19.87 12.93 8.81
N LYS A 618 -20.07 14.24 8.85
CA LYS A 618 -19.78 15.08 10.02
C LYS A 618 -20.41 14.50 11.30
N ALA A 619 -21.64 13.97 11.28
CA ALA A 619 -22.33 13.49 12.49
C ALA A 619 -21.56 12.25 12.98
N LEU A 620 -20.92 11.52 12.09
CA LEU A 620 -20.08 10.37 12.56
C LEU A 620 -18.84 10.92 13.29
N LEU A 621 -18.07 11.80 12.66
CA LEU A 621 -16.81 12.35 13.23
C LEU A 621 -17.09 13.03 14.59
N ASP A 622 -18.20 13.79 14.66
CA ASP A 622 -18.67 14.46 15.90
C ASP A 622 -18.97 13.43 16.98
N ALA A 623 -19.70 12.35 16.66
CA ALA A 623 -20.12 11.35 17.66
C ALA A 623 -18.90 10.56 18.15
N VAL A 624 -17.95 10.29 17.29
CA VAL A 624 -16.73 9.54 17.70
C VAL A 624 -15.88 10.44 18.61
N LYS A 625 -15.71 11.70 18.24
CA LYS A 625 -14.87 12.64 19.06
C LYS A 625 -15.48 12.77 20.47
N ALA A 626 -16.81 12.84 20.59
CA ALA A 626 -17.55 12.96 21.87
C ALA A 626 -17.67 11.60 22.58
N LYS A 627 -17.17 10.50 21.99
CA LYS A 627 -17.36 9.11 22.48
C LYS A 627 -18.85 8.86 22.73
N ARG A 628 -19.72 9.27 21.81
CA ARG A 628 -21.16 8.93 21.92
C ARG A 628 -21.34 7.49 21.43
N TYR A 629 -21.28 6.51 22.31
CA TYR A 629 -21.30 5.07 21.99
C TYR A 629 -22.73 4.54 22.08
N GLY A 630 -23.69 5.35 22.49
CA GLY A 630 -25.11 5.12 22.21
C GLY A 630 -25.61 3.87 22.88
N GLY A 631 -24.91 3.42 23.93
CA GLY A 631 -25.25 2.20 24.68
C GLY A 631 -24.69 0.94 24.02
N LEU A 632 -23.81 1.06 23.04
CA LEU A 632 -23.39 -0.12 22.22
C LEU A 632 -21.91 -0.42 22.44
N GLU A 633 -21.25 0.27 23.35
CA GLU A 633 -19.82 -0.01 23.61
C GLU A 633 -19.66 -1.48 24.02
N ASP A 634 -18.60 -2.10 23.55
CA ASP A 634 -18.17 -3.41 24.09
C ASP A 634 -17.00 -3.08 25.00
N LYS A 635 -17.17 -3.29 26.30
CA LYS A 635 -16.14 -2.93 27.31
C LYS A 635 -14.84 -3.68 26.98
N ARG A 636 -14.91 -4.83 26.31
CA ARG A 636 -13.67 -5.58 25.98
C ARG A 636 -12.86 -4.83 24.94
N LEU A 637 -13.47 -3.93 24.18
CA LEU A 637 -12.77 -3.17 23.11
C LEU A 637 -12.57 -1.73 23.51
N GLY A 638 -13.41 -1.23 24.43
CA GLY A 638 -13.40 0.16 24.88
C GLY A 638 -14.06 1.06 23.86
N SER A 639 -14.85 0.49 22.95
CA SER A 639 -15.51 1.26 21.89
C SER A 639 -16.65 0.41 21.32
N VAL A 640 -17.38 0.99 20.40
CA VAL A 640 -18.33 0.24 19.54
C VAL A 640 -17.55 -0.42 18.41
N PRO A 641 -17.75 -1.72 18.24
CA PRO A 641 -17.10 -2.47 17.17
C PRO A 641 -17.69 -2.05 15.83
N VAL A 642 -16.85 -2.05 14.83
CA VAL A 642 -17.22 -1.65 13.45
C VAL A 642 -17.26 -2.91 12.61
N ASN A 643 -16.08 -3.51 12.35
CA ASN A 643 -16.00 -4.71 11.51
C ASN A 643 -15.31 -5.78 12.34
N PHE A 644 -15.53 -7.05 11.98
CA PHE A 644 -14.81 -8.17 12.65
C PHE A 644 -14.37 -9.19 11.63
N LEU A 645 -13.37 -9.95 12.07
CA LEU A 645 -12.75 -11.07 11.35
C LEU A 645 -13.25 -12.40 11.93
N SER A 646 -13.43 -13.38 11.06
CA SER A 646 -13.64 -14.77 11.49
C SER A 646 -13.11 -15.76 10.46
N ASN A 647 -12.88 -17.01 10.86
CA ASN A 647 -12.27 -18.01 9.95
C ASN A 647 -13.39 -18.83 9.27
N LEU A 648 -14.40 -18.15 8.72
CA LEU A 648 -15.44 -18.83 7.92
C LEU A 648 -14.98 -18.87 6.46
N ASP A 649 -15.71 -19.64 5.66
CA ASP A 649 -15.36 -19.98 4.27
C ASP A 649 -16.46 -19.43 3.39
N ILE A 650 -16.27 -18.20 2.90
CA ILE A 650 -17.25 -17.53 2.02
C ILE A 650 -16.58 -17.05 0.73
N THR A 651 -17.43 -16.68 -0.21
CA THR A 651 -17.00 -16.20 -1.55
C THR A 651 -18.10 -15.30 -2.12
N GLY A 652 -17.87 -14.80 -3.32
CA GLY A 652 -18.82 -13.93 -4.03
C GLY A 652 -20.19 -14.57 -4.03
N GLY A 653 -21.26 -13.85 -3.70
CA GLY A 653 -22.58 -14.44 -3.48
C GLY A 653 -22.92 -14.46 -2.01
N ASN A 654 -21.92 -14.62 -1.13
CA ASN A 654 -22.14 -14.58 0.34
C ASN A 654 -22.36 -13.17 0.87
N SER A 655 -22.05 -12.12 0.09
CA SER A 655 -22.30 -10.76 0.58
C SER A 655 -23.76 -10.68 1.02
N GLY A 656 -23.95 -10.11 2.20
CA GLY A 656 -25.28 -9.85 2.77
C GLY A 656 -25.73 -11.02 3.62
N SER A 657 -24.95 -12.10 3.64
CA SER A 657 -25.29 -13.26 4.49
C SER A 657 -25.32 -12.83 5.96
N PRO A 658 -26.35 -13.26 6.70
CA PRO A 658 -26.39 -13.02 8.13
C PRO A 658 -25.28 -13.85 8.82
N VAL A 659 -24.58 -13.21 9.73
CA VAL A 659 -23.65 -13.93 10.65
C VAL A 659 -24.44 -14.19 11.92
N LEU A 660 -24.62 -15.44 12.24
CA LEU A 660 -25.38 -15.86 13.43
C LEU A 660 -24.41 -16.30 14.52
N ASP A 661 -24.76 -15.99 15.75
CA ASP A 661 -23.98 -16.40 16.95
C ASP A 661 -24.47 -17.79 17.37
N ALA A 662 -23.94 -18.27 18.47
CA ALA A 662 -24.20 -19.62 19.03
C ALA A 662 -25.70 -19.89 19.21
N ASN A 663 -26.49 -18.84 19.42
CA ASN A 663 -27.96 -18.95 19.68
C ASN A 663 -28.77 -18.54 18.44
N GLY A 664 -28.14 -18.39 17.28
CA GLY A 664 -28.81 -18.12 15.99
C GLY A 664 -29.31 -16.69 15.86
N LYS A 665 -28.73 -15.77 16.62
CA LYS A 665 -29.07 -14.32 16.56
C LYS A 665 -28.07 -13.63 15.64
N LEU A 666 -28.53 -12.55 15.05
CA LEU A 666 -27.74 -11.77 14.04
C LEU A 666 -26.69 -10.91 14.76
N VAL A 667 -25.40 -11.20 14.55
CA VAL A 667 -24.27 -10.42 15.11
C VAL A 667 -23.59 -9.57 14.02
N GLY A 668 -23.97 -9.72 12.78
CA GLY A 668 -23.39 -8.92 11.68
C GLY A 668 -23.76 -9.47 10.30
N LEU A 669 -23.23 -8.84 9.26
CA LEU A 669 -23.42 -9.28 7.87
C LEU A 669 -22.03 -9.59 7.33
N ALA A 670 -21.91 -10.69 6.58
CA ALA A 670 -20.70 -10.95 5.75
C ALA A 670 -20.63 -9.88 4.66
N PHE A 671 -19.46 -9.36 4.33
CA PHE A 671 -19.40 -8.45 3.17
C PHE A 671 -18.09 -8.57 2.40
N ASP A 672 -17.00 -9.06 2.99
CA ASP A 672 -15.75 -9.06 2.20
C ASP A 672 -14.77 -10.07 2.79
N GLY A 673 -13.60 -10.19 2.19
CA GLY A 673 -12.54 -10.96 2.85
C GLY A 673 -11.26 -10.17 2.79
N ASN A 674 -10.33 -10.58 3.60
CA ASN A 674 -9.00 -9.94 3.67
C ASN A 674 -8.21 -10.27 2.39
N TRP A 675 -7.13 -9.52 2.16
CA TRP A 675 -6.36 -9.57 0.90
C TRP A 675 -5.96 -11.02 0.61
N GLU A 676 -5.54 -11.74 1.64
CA GLU A 676 -4.91 -13.07 1.49
C GLU A 676 -5.97 -14.14 1.28
N SER A 677 -7.24 -13.86 1.57
CA SER A 677 -8.37 -14.80 1.41
C SER A 677 -8.70 -15.09 -0.05
N VAL A 678 -8.40 -14.18 -0.99
CA VAL A 678 -9.09 -14.23 -2.31
C VAL A 678 -8.64 -15.41 -3.16
N SER A 679 -7.38 -15.82 -3.03
CA SER A 679 -6.84 -17.00 -3.72
C SER A 679 -7.48 -18.31 -3.20
N SER A 680 -8.27 -18.30 -2.13
CA SER A 680 -8.96 -19.52 -1.61
C SER A 680 -10.10 -19.91 -2.57
N ASN A 681 -10.42 -19.07 -3.55
CA ASN A 681 -11.29 -19.50 -4.67
C ASN A 681 -10.70 -20.73 -5.39
N TRP A 682 -9.37 -20.84 -5.46
CA TRP A 682 -8.63 -21.96 -6.12
C TRP A 682 -8.00 -22.92 -5.10
N VAL A 683 -7.33 -22.41 -4.07
CA VAL A 683 -6.60 -23.24 -3.09
C VAL A 683 -6.85 -22.63 -1.72
N PHE A 684 -7.64 -23.31 -0.89
CA PHE A 684 -8.07 -22.81 0.42
C PHE A 684 -6.84 -22.77 1.34
N ASP A 685 -6.63 -21.63 2.01
CA ASP A 685 -5.54 -21.47 2.99
C ASP A 685 -6.16 -21.13 4.34
N PRO A 686 -6.19 -22.07 5.32
CA PRO A 686 -6.85 -21.77 6.59
C PRO A 686 -6.12 -20.72 7.45
N VAL A 687 -4.83 -20.52 7.22
CA VAL A 687 -4.03 -19.63 8.09
C VAL A 687 -4.42 -18.16 7.83
N MET A 688 -4.65 -17.74 6.59
CA MET A 688 -4.82 -16.30 6.33
C MET A 688 -6.18 -16.06 5.65
N THR A 689 -7.07 -17.05 5.58
CA THR A 689 -8.42 -16.82 5.01
C THR A 689 -9.34 -16.34 6.12
N ARG A 690 -9.87 -15.11 6.01
CA ARG A 690 -10.84 -14.58 6.98
C ARG A 690 -12.02 -13.93 6.26
N MET A 691 -13.20 -14.12 6.82
CA MET A 691 -14.38 -13.29 6.47
C MET A 691 -14.25 -11.96 7.24
N ILE A 692 -14.61 -10.87 6.57
CA ILE A 692 -14.84 -9.54 7.17
C ILE A 692 -16.35 -9.32 7.17
N ALA A 693 -16.85 -9.02 8.35
CA ALA A 693 -18.28 -8.77 8.61
C ALA A 693 -18.46 -7.40 9.26
N VAL A 694 -19.62 -6.81 9.02
CA VAL A 694 -20.01 -5.57 9.71
C VAL A 694 -20.77 -5.99 10.97
N ASP A 695 -20.39 -5.44 12.12
CA ASP A 695 -20.96 -5.77 13.44
C ASP A 695 -22.39 -5.21 13.48
N SER A 696 -23.35 -5.99 13.96
CA SER A 696 -24.78 -5.58 14.10
C SER A 696 -24.86 -4.36 15.02
N ARG A 697 -23.89 -4.20 15.93
CA ARG A 697 -23.78 -3.03 16.83
C ARG A 697 -23.40 -1.77 16.05
N TYR A 698 -22.50 -1.84 15.10
CA TYR A 698 -22.21 -0.67 14.21
C TYR A 698 -23.43 -0.28 13.38
N MET A 699 -24.13 -1.26 12.84
CA MET A 699 -25.34 -1.00 12.00
C MET A 699 -26.35 -0.24 12.91
N GLN A 700 -26.55 -0.71 14.12
CA GLN A 700 -27.46 -0.01 15.10
C GLN A 700 -26.92 1.40 15.42
N TRP A 701 -25.61 1.52 15.64
CA TRP A 701 -24.98 2.80 15.98
C TRP A 701 -25.17 3.80 14.84
N ILE A 702 -24.93 3.40 13.58
CA ILE A 702 -25.14 4.30 12.42
C ILE A 702 -26.59 4.79 12.38
N MET A 703 -27.52 3.88 12.55
CA MET A 703 -28.98 4.23 12.50
C MET A 703 -29.42 5.06 13.71
N GLN A 704 -28.63 5.10 14.80
CA GLN A 704 -28.95 5.91 16.02
C GLN A 704 -28.30 7.27 15.92
N GLU A 705 -27.00 7.31 15.58
CA GLU A 705 -26.12 8.46 15.88
C GLU A 705 -25.81 9.24 14.60
N VAL A 706 -25.85 8.63 13.43
CA VAL A 706 -25.22 9.22 12.21
C VAL A 706 -26.27 9.50 11.15
N ALA A 707 -26.98 8.47 10.69
CA ALA A 707 -27.96 8.54 9.58
C ALA A 707 -29.23 7.90 10.12
N PRO A 708 -30.01 8.71 10.85
CA PRO A 708 -31.10 8.20 11.65
C PRO A 708 -32.17 7.43 10.88
N ALA A 709 -32.55 6.28 11.43
CA ALA A 709 -33.70 5.49 10.97
C ALA A 709 -34.52 5.12 12.19
N PRO A 710 -35.23 6.07 12.83
CA PRO A 710 -35.96 5.76 14.07
C PRO A 710 -37.07 4.72 13.89
N GLN A 711 -37.73 4.75 12.74
CA GLN A 711 -38.84 3.82 12.36
C GLN A 711 -38.29 2.41 12.20
N LEU A 712 -37.10 2.30 11.64
CA LEU A 712 -36.46 0.98 11.42
C LEU A 712 -36.01 0.38 12.76
N LEU A 713 -35.38 1.19 13.62
CA LEU A 713 -34.90 0.73 14.95
C LEU A 713 -36.11 0.27 15.76
N LYS A 714 -37.23 0.95 15.62
CA LYS A 714 -38.50 0.49 16.24
C LYS A 714 -38.92 -0.87 15.64
N GLU A 715 -38.95 -0.99 14.32
CA GLU A 715 -39.38 -2.23 13.63
C GLU A 715 -38.45 -3.39 14.05
N LEU A 716 -37.17 -3.12 14.27
CA LEU A 716 -36.18 -4.16 14.67
C LEU A 716 -36.24 -4.46 16.18
N ASN A 717 -37.12 -3.77 16.92
CA ASN A 717 -37.18 -3.82 18.41
C ASN A 717 -35.82 -3.46 19.01
N LEU A 718 -35.15 -2.42 18.48
CA LEU A 718 -33.84 -1.96 19.00
C LEU A 718 -34.01 -0.60 19.69
N ALA A 719 -35.18 0.02 19.56
CA ALA A 719 -35.58 1.31 20.17
C ALA A 719 -37.01 1.16 20.71
N ALA B 23 11.71 5.72 25.46
CA ALA B 23 11.62 7.05 26.10
C ALA B 23 11.86 8.15 25.08
N GLU B 24 11.12 9.25 25.20
CA GLU B 24 11.39 10.52 24.51
C GLU B 24 12.76 11.06 24.92
N GLY B 25 13.49 11.64 23.97
CA GLY B 25 14.65 12.48 24.25
C GLY B 25 15.88 12.00 23.52
N MET B 26 16.53 12.93 22.84
CA MET B 26 17.93 12.83 22.36
C MET B 26 18.82 13.57 23.39
N TRP B 27 19.14 12.85 24.45
CA TRP B 27 19.79 13.35 25.69
C TRP B 27 21.28 13.58 25.42
N VAL B 28 21.80 14.77 25.71
CA VAL B 28 23.26 15.03 25.62
C VAL B 28 23.94 14.30 26.78
N PRO B 29 25.22 13.88 26.68
CA PRO B 29 25.83 13.05 27.73
C PRO B 29 25.83 13.70 29.13
N GLN B 30 25.88 15.03 29.17
CA GLN B 30 25.84 15.86 30.39
C GLN B 30 24.51 15.66 31.14
N GLN B 31 23.42 15.31 30.43
CA GLN B 31 22.08 15.11 31.05
C GLN B 31 21.97 13.72 31.68
N LEU B 32 23.03 12.91 31.62
CA LEU B 32 23.06 11.53 32.19
C LEU B 32 22.52 11.49 33.63
N PRO B 33 22.84 12.47 34.51
CA PRO B 33 22.20 12.55 35.83
C PRO B 33 20.66 12.41 35.77
N GLU B 34 20.00 13.22 34.94
CA GLU B 34 18.51 13.29 34.89
C GLU B 34 17.89 11.96 34.47
N ILE B 35 18.53 11.23 33.55
CA ILE B 35 17.97 9.98 32.96
C ILE B 35 18.54 8.76 33.70
N ALA B 36 19.58 8.97 34.50
CA ALA B 36 20.22 7.92 35.33
C ALA B 36 19.17 6.93 35.83
N GLY B 37 18.09 7.41 36.45
CA GLY B 37 17.04 6.58 37.07
C GLY B 37 16.11 5.90 36.06
N PRO B 38 15.44 6.66 35.18
CA PRO B 38 14.67 6.06 34.08
C PRO B 38 15.50 5.00 33.33
N LEU B 39 16.75 5.33 32.97
CA LEU B 39 17.76 4.39 32.40
C LEU B 39 17.75 3.08 33.20
N GLN B 40 17.79 3.15 34.54
CA GLN B 40 17.81 1.97 35.44
C GLN B 40 16.40 1.33 35.53
N LYS B 41 15.35 2.15 35.60
CA LYS B 41 13.93 1.66 35.57
C LYS B 41 13.69 0.83 34.30
N ALA B 42 14.27 1.27 33.17
CA ALA B 42 14.10 0.66 31.83
C ALA B 42 14.79 -0.70 31.79
N GLY B 43 15.87 -0.88 32.57
CA GLY B 43 16.51 -2.19 32.77
C GLY B 43 18.00 -2.18 32.48
N LEU B 44 18.64 -1.01 32.50
CA LEU B 44 20.11 -0.83 32.28
C LEU B 44 20.86 -1.46 33.46
N LYS B 45 21.73 -2.44 33.20
CA LYS B 45 22.49 -3.26 34.20
C LYS B 45 23.92 -2.72 34.35
N LEU B 46 24.40 -1.92 33.40
CA LEU B 46 25.60 -1.05 33.51
C LEU B 46 25.23 0.17 34.35
N SER B 47 26.21 0.91 34.86
CA SER B 47 25.98 2.10 35.71
C SER B 47 25.97 3.35 34.84
N PRO B 48 25.06 4.33 35.08
CA PRO B 48 25.04 5.60 34.34
C PRO B 48 26.38 6.34 34.32
N GLU B 49 27.16 6.21 35.40
CA GLU B 49 28.53 6.78 35.55
C GLU B 49 29.40 6.28 34.40
N GLN B 50 29.32 4.97 34.10
CA GLN B 50 30.06 4.30 33.01
C GLN B 50 29.78 5.02 31.68
N LEU B 51 28.55 5.48 31.46
CA LEU B 51 28.11 6.17 30.20
C LEU B 51 28.67 7.59 30.12
N ALA B 52 28.89 8.27 31.24
CA ALA B 52 29.46 9.65 31.26
C ALA B 52 30.91 9.58 30.79
N ASN B 53 31.52 8.41 30.86
CA ASN B 53 32.91 8.17 30.36
C ASN B 53 32.87 8.06 28.84
N LEU B 54 33.02 9.20 28.15
CA LEU B 54 32.72 9.36 26.70
C LEU B 54 33.86 8.83 25.83
N THR B 55 35.11 8.87 26.31
CA THR B 55 36.26 8.24 25.61
C THR B 55 36.55 6.87 26.25
N GLY B 56 35.60 6.31 27.00
CA GLY B 56 35.73 5.01 27.69
C GLY B 56 34.85 3.93 27.10
N ASP B 57 34.58 2.87 27.87
CA ASP B 57 33.78 1.68 27.48
C ASP B 57 32.38 1.82 28.07
N PRO B 58 31.25 1.62 27.33
CA PRO B 58 31.23 1.28 25.90
C PRO B 58 31.27 2.48 24.93
N MET B 59 30.98 3.68 25.42
CA MET B 59 30.73 4.89 24.59
C MET B 59 31.91 5.23 23.68
N GLY B 60 33.14 4.80 23.99
CA GLY B 60 34.34 5.12 23.18
C GLY B 60 34.41 4.33 21.90
N ALA B 61 33.68 3.22 21.85
CA ALA B 61 33.51 2.39 20.63
C ALA B 61 32.68 3.16 19.58
N VAL B 62 31.83 4.09 20.02
CA VAL B 62 30.84 4.82 19.16
C VAL B 62 31.55 5.95 18.40
N VAL B 63 31.48 5.94 17.06
CA VAL B 63 32.15 6.97 16.21
C VAL B 63 31.13 7.63 15.27
N ALA B 64 31.51 8.81 14.79
CA ALA B 64 30.75 9.59 13.79
C ALA B 64 31.39 9.32 12.44
N LEU B 65 30.58 9.13 11.39
CA LEU B 65 31.05 9.04 9.98
C LEU B 65 30.80 10.37 9.25
N GLY B 66 30.03 11.29 9.85
CA GLY B 66 29.53 12.52 9.21
C GLY B 66 28.29 12.24 8.40
N GLY B 67 27.10 12.29 9.01
CA GLY B 67 25.82 11.93 8.38
C GLY B 67 25.35 10.54 8.78
N CYS B 68 26.22 9.77 9.41
CA CYS B 68 25.90 8.39 9.88
C CYS B 68 26.72 8.17 11.16
N THR B 69 26.30 7.20 11.95
CA THR B 69 26.98 6.73 13.16
C THR B 69 27.60 5.37 12.82
N ALA B 70 28.56 4.94 13.62
CA ALA B 70 29.15 3.59 13.48
C ALA B 70 29.83 3.28 14.81
N SER B 71 30.49 2.13 14.93
CA SER B 71 31.13 1.69 16.18
C SER B 71 32.28 0.72 15.89
N PHE B 72 33.37 0.84 16.64
CA PHE B 72 34.49 -0.15 16.61
C PHE B 72 33.97 -1.48 17.19
N VAL B 73 34.26 -2.57 16.50
CA VAL B 73 33.86 -3.96 16.87
C VAL B 73 35.05 -4.93 16.76
N SER B 74 36.28 -4.44 16.76
CA SER B 74 37.48 -5.31 16.86
C SER B 74 38.67 -4.47 17.27
N PRO B 75 39.72 -5.14 17.82
CA PRO B 75 40.97 -4.45 18.13
C PRO B 75 41.74 -3.97 16.89
N GLN B 76 41.39 -4.46 15.69
CA GLN B 76 42.06 -4.09 14.42
C GLN B 76 41.19 -3.09 13.62
N GLY B 77 40.52 -2.17 14.32
CA GLY B 77 39.84 -0.99 13.77
C GLY B 77 38.63 -1.40 12.93
N LEU B 78 38.08 -2.58 13.19
CA LEU B 78 36.89 -3.05 12.42
C LEU B 78 35.73 -2.16 12.85
N VAL B 79 35.02 -1.57 11.89
CA VAL B 79 33.90 -0.61 12.14
C VAL B 79 32.63 -1.22 11.55
N VAL B 80 31.52 -1.23 12.30
CA VAL B 80 30.21 -1.68 11.74
C VAL B 80 29.26 -0.47 11.66
N THR B 81 28.47 -0.43 10.61
CA THR B 81 27.51 0.64 10.26
C THR B 81 26.42 0.00 9.39
N ASN B 82 25.46 0.78 8.93
CA ASN B 82 24.46 0.27 7.97
C ASN B 82 25.02 0.16 6.55
N HIS B 83 24.46 -0.74 5.75
CA HIS B 83 24.65 -0.83 4.29
C HIS B 83 24.31 0.52 3.62
N HIS B 84 23.22 1.19 4.01
CA HIS B 84 22.84 2.47 3.35
C HIS B 84 23.80 3.59 3.76
N CYS B 85 24.53 3.46 4.86
CA CYS B 85 25.63 4.37 5.29
C CYS B 85 26.86 4.08 4.42
N ALA B 86 27.13 2.79 4.15
CA ALA B 86 28.24 2.33 3.27
C ALA B 86 27.87 2.47 1.78
N TYR B 87 26.63 2.82 1.45
CA TYR B 87 26.10 2.77 0.06
C TYR B 87 26.94 3.64 -0.89
N GLY B 88 27.31 4.84 -0.45
CA GLY B 88 28.14 5.78 -1.24
C GLY B 88 29.51 5.17 -1.56
N ALA B 89 30.11 4.47 -0.60
CA ALA B 89 31.43 3.80 -0.70
C ALA B 89 31.32 2.64 -1.69
N ILE B 90 30.31 1.82 -1.48
CA ILE B 90 30.03 0.68 -2.39
C ILE B 90 29.79 1.24 -3.79
N GLN B 91 28.99 2.31 -3.90
CA GLN B 91 28.63 3.01 -5.16
C GLN B 91 29.90 3.41 -5.92
N LEU B 92 30.88 3.99 -5.23
CA LEU B 92 32.13 4.57 -5.77
C LEU B 92 33.00 3.44 -6.32
N ASN B 93 32.91 2.26 -5.71
CA ASN B 93 33.70 1.05 -6.08
C ASN B 93 32.93 0.18 -7.07
N SER B 94 31.82 0.68 -7.60
CA SER B 94 30.91 -0.07 -8.50
C SER B 94 31.05 0.43 -9.95
N THR B 95 30.93 -0.50 -10.92
CA THR B 95 30.83 -0.21 -12.38
C THR B 95 29.61 -0.96 -12.92
N ALA B 96 29.15 -0.64 -14.14
CA ALA B 96 28.01 -1.33 -14.80
C ALA B 96 28.35 -2.81 -14.99
N GLN B 97 29.65 -3.10 -15.16
CA GLN B 97 30.23 -4.45 -15.38
C GLN B 97 30.34 -5.16 -14.02
N LYS B 98 31.13 -4.61 -13.10
CA LYS B 98 31.36 -5.14 -11.73
C LYS B 98 30.54 -4.29 -10.74
N ASN B 99 29.28 -4.65 -10.50
CA ASN B 99 28.33 -3.84 -9.71
C ASN B 99 28.21 -4.40 -8.28
N LEU B 100 28.94 -3.80 -7.31
CA LEU B 100 29.05 -4.27 -5.89
C LEU B 100 27.77 -3.92 -5.11
N ILE B 101 27.01 -2.91 -5.56
CA ILE B 101 25.65 -2.64 -5.00
C ILE B 101 24.85 -3.94 -5.09
N LYS B 102 24.72 -4.49 -6.30
CA LYS B 102 23.95 -5.72 -6.58
C LYS B 102 24.68 -6.95 -6.02
N ASP B 103 25.95 -7.14 -6.36
CA ASP B 103 26.68 -8.41 -6.07
C ASP B 103 26.98 -8.48 -4.57
N GLY B 104 27.22 -7.34 -3.94
CA GLY B 104 27.88 -7.27 -2.62
C GLY B 104 29.39 -7.28 -2.77
N PHE B 105 30.10 -7.38 -1.66
CA PHE B 105 31.57 -7.34 -1.62
C PHE B 105 32.03 -8.06 -0.37
N ASN B 106 33.20 -8.67 -0.44
CA ASN B 106 33.91 -9.22 0.74
C ASN B 106 35.40 -9.10 0.46
N ALA B 107 36.17 -8.68 1.45
CA ALA B 107 37.65 -8.59 1.40
C ALA B 107 38.19 -9.68 2.31
N PRO B 108 38.58 -10.85 1.77
CA PRO B 108 39.01 -11.97 2.61
C PRO B 108 40.27 -11.62 3.41
N THR B 109 41.10 -10.69 2.89
CA THR B 109 42.38 -10.23 3.49
C THR B 109 42.42 -8.69 3.60
N LEU B 110 43.28 -8.18 4.47
CA LEU B 110 43.52 -6.72 4.64
C LEU B 110 43.69 -6.06 3.27
N LYS B 111 44.51 -6.64 2.38
CA LYS B 111 44.90 -5.97 1.11
C LYS B 111 43.79 -6.05 0.05
N ASP B 112 42.69 -6.79 0.30
CA ASP B 112 41.51 -6.86 -0.62
C ASP B 112 40.52 -5.73 -0.30
N GLU B 113 40.73 -4.99 0.77
CA GLU B 113 39.81 -3.92 1.26
C GLU B 113 39.91 -2.72 0.32
N LEU B 114 38.76 -2.16 -0.09
CA LEU B 114 38.71 -1.10 -1.14
C LEU B 114 38.61 0.27 -0.46
N SER B 115 39.38 1.27 -0.90
CA SER B 115 39.21 2.64 -0.39
C SER B 115 37.71 2.96 -0.44
N ALA B 116 37.15 3.51 0.63
CA ALA B 116 35.72 3.91 0.73
C ALA B 116 35.56 5.28 0.11
N GLY B 117 36.67 5.88 -0.35
CA GLY B 117 36.66 7.19 -1.03
C GLY B 117 37.46 8.20 -0.24
N PRO B 118 38.04 9.22 -0.91
CA PRO B 118 38.84 10.23 -0.20
C PRO B 118 38.09 10.94 0.93
N ASN B 119 36.77 11.18 0.78
CA ASN B 119 35.99 11.97 1.76
C ASN B 119 35.37 11.07 2.82
N ALA B 120 35.58 9.75 2.77
CA ALA B 120 35.15 8.81 3.84
C ALA B 120 35.97 9.10 5.11
N ARG B 121 35.29 9.24 6.26
CA ARG B 121 35.93 9.53 7.58
C ARG B 121 35.42 8.60 8.68
N VAL B 122 36.26 8.42 9.70
CA VAL B 122 35.86 7.95 11.05
C VAL B 122 36.32 9.01 12.03
N PHE B 123 35.36 9.60 12.76
CA PHE B 123 35.60 10.56 13.87
C PHE B 123 35.50 9.81 15.21
N VAL B 124 36.62 9.76 15.95
CA VAL B 124 36.71 9.20 17.33
C VAL B 124 36.76 10.40 18.30
N LEU B 125 35.81 10.50 19.21
CA LEU B 125 35.67 11.64 20.15
C LEU B 125 36.92 11.70 21.05
N ASP B 126 37.60 12.87 21.08
CA ASP B 126 38.78 13.13 21.97
C ASP B 126 38.34 13.88 23.24
N GLN B 127 37.55 14.95 23.11
CA GLN B 127 36.97 15.67 24.29
C GLN B 127 35.86 16.65 23.87
N ILE B 128 34.99 16.96 24.82
CA ILE B 128 33.98 18.05 24.76
C ILE B 128 34.34 19.10 25.81
N THR B 129 34.53 20.34 25.39
CA THR B 129 34.69 21.52 26.28
C THR B 129 33.55 22.52 25.97
N ASP B 130 32.93 23.07 27.01
CA ASP B 130 31.95 24.18 26.91
C ASP B 130 32.69 25.51 26.71
N VAL B 131 32.28 26.28 25.71
CA VAL B 131 32.86 27.60 25.37
C VAL B 131 31.70 28.57 25.10
N THR B 132 30.61 28.41 25.85
CA THR B 132 29.32 29.18 25.78
C THR B 132 29.58 30.67 26.09
N ALA B 133 30.08 30.95 27.30
CA ALA B 133 30.39 32.30 27.82
C ALA B 133 31.18 33.09 26.77
N GLN B 134 32.28 32.53 26.27
CA GLN B 134 33.19 33.14 25.26
C GLN B 134 32.43 33.29 23.93
N ALA B 135 31.56 32.33 23.62
CA ALA B 135 30.67 32.38 22.44
C ALA B 135 29.71 33.57 22.59
N LYS B 136 29.02 33.69 23.73
CA LYS B 136 28.06 34.78 24.00
C LYS B 136 28.81 36.13 24.08
N ALA B 137 30.07 36.10 24.53
CA ALA B 137 30.97 37.28 24.54
C ALA B 137 31.20 37.76 23.09
N ALA B 138 31.75 36.89 22.25
CA ALA B 138 32.02 37.18 20.82
C ALA B 138 30.80 37.86 20.18
N ILE B 139 29.59 37.30 20.32
CA ILE B 139 28.34 37.85 19.70
C ILE B 139 28.10 39.26 20.27
N ALA B 140 28.03 39.40 21.61
CA ALA B 140 27.78 40.68 22.33
C ALA B 140 28.77 41.75 21.83
N GLY B 141 30.06 41.45 21.86
CA GLY B 141 31.16 42.41 21.62
C GLY B 141 31.25 42.84 20.17
N ALA B 142 30.25 42.50 19.35
CA ALA B 142 30.05 43.03 17.97
C ALA B 142 29.06 44.19 18.00
N GLY B 143 28.11 44.19 18.94
CA GLY B 143 27.10 45.25 19.14
C GLY B 143 25.78 44.93 18.46
N ASN B 144 25.37 45.77 17.50
CA ASN B 144 24.02 45.77 16.88
C ASN B 144 24.10 45.14 15.48
N ASP B 145 24.88 45.74 14.58
CA ASP B 145 24.94 45.44 13.11
C ASP B 145 24.87 43.93 12.89
N PRO B 146 23.69 43.39 12.51
CA PRO B 146 23.52 41.94 12.36
C PRO B 146 24.76 41.29 11.72
N LEU B 147 25.20 41.85 10.58
CA LEU B 147 26.31 41.30 9.74
C LEU B 147 27.59 41.15 10.57
N ALA B 148 27.90 42.12 11.44
CA ALA B 148 29.06 42.07 12.36
C ALA B 148 28.87 40.91 13.35
N ARG B 149 27.64 40.69 13.83
CA ARG B 149 27.32 39.63 14.82
C ARG B 149 27.67 38.26 14.22
N SER B 150 27.40 38.06 12.93
CA SER B 150 27.58 36.77 12.21
C SER B 150 29.06 36.62 11.81
N ARG B 151 29.68 37.71 11.34
CA ARG B 151 31.15 37.80 11.11
C ARG B 151 31.88 37.48 12.41
N ALA B 152 31.36 37.99 13.53
CA ALA B 152 31.96 37.81 14.88
C ALA B 152 31.93 36.33 15.23
N LEU B 153 30.75 35.69 15.15
CA LEU B 153 30.57 34.25 15.49
C LEU B 153 31.44 33.40 14.56
N ASP B 154 31.47 33.72 13.27
CA ASP B 154 32.30 33.02 12.26
C ASP B 154 33.77 33.09 12.71
N ALA B 155 34.26 34.28 13.07
CA ALA B 155 35.67 34.52 13.48
C ALA B 155 35.98 33.76 14.78
N PHE B 156 35.10 33.81 15.77
CA PHE B 156 35.26 33.04 17.03
C PHE B 156 35.27 31.53 16.72
N ASP B 157 34.45 31.10 15.74
CA ASP B 157 34.34 29.68 15.33
C ASP B 157 35.66 29.25 14.69
N LYS B 158 36.10 29.95 13.66
CA LYS B 158 37.36 29.71 12.90
C LYS B 158 38.55 29.65 13.87
N ALA B 159 38.58 30.57 14.84
CA ALA B 159 39.69 30.79 15.79
C ALA B 159 39.74 29.63 16.79
N GLN B 160 38.59 29.22 17.32
CA GLN B 160 38.47 28.12 18.32
C GLN B 160 38.88 26.78 17.69
N VAL B 161 38.58 26.61 16.40
CA VAL B 161 38.85 25.38 15.62
C VAL B 161 40.34 25.33 15.28
N ALA B 162 40.88 26.40 14.69
CA ALA B 162 42.29 26.55 14.28
C ALA B 162 43.22 26.12 15.42
N ALA B 163 42.83 26.46 16.65
CA ALA B 163 43.59 26.18 17.89
C ALA B 163 43.45 24.71 18.27
N CYS B 164 42.21 24.21 18.28
CA CYS B 164 41.84 22.86 18.74
C CYS B 164 42.46 21.78 17.83
N GLU B 165 42.69 22.12 16.55
CA GLU B 165 43.16 21.24 15.44
C GLU B 165 44.67 21.39 15.22
N ALA B 166 45.41 21.93 16.20
CA ALA B 166 46.82 22.35 16.00
C ALA B 166 47.70 21.10 15.86
N ASP B 167 47.50 20.12 16.75
CA ASP B 167 47.92 18.70 16.58
C ASP B 167 47.48 18.20 15.20
N ALA B 168 48.33 17.43 14.52
CA ALA B 168 48.24 17.06 13.09
C ALA B 168 46.90 16.37 12.78
N GLY B 169 46.47 15.41 13.59
CA GLY B 169 45.41 14.45 13.19
C GLY B 169 44.08 14.64 13.91
N PHE B 170 43.60 15.86 14.10
CA PHE B 170 42.32 16.12 14.81
C PHE B 170 41.42 17.03 14.00
N ARG B 171 40.11 16.81 14.16
CA ARG B 171 39.05 17.67 13.58
C ARG B 171 38.19 18.18 14.74
N CYS B 172 37.89 19.48 14.74
CA CYS B 172 37.09 20.09 15.82
C CYS B 172 35.85 20.73 15.19
N ARG B 173 34.78 20.83 15.94
CA ARG B 173 33.55 21.45 15.43
C ARG B 173 32.92 22.19 16.59
N LEU B 174 32.52 23.43 16.34
CA LEU B 174 31.67 24.19 17.27
C LEU B 174 30.21 23.79 17.02
N TYR B 175 29.54 23.32 18.05
CA TYR B 175 28.09 22.98 18.10
C TYR B 175 27.33 24.07 18.87
N SER B 176 26.33 24.66 18.24
CA SER B 176 25.29 25.47 18.92
C SER B 176 24.11 24.57 19.31
N PHE B 177 23.74 24.55 20.61
CA PHE B 177 22.57 23.82 21.19
C PHE B 177 21.46 24.79 21.60
N SER B 178 20.27 24.26 21.86
CA SER B 178 19.03 24.95 22.32
C SER B 178 18.93 26.38 21.77
N GLY B 179 19.20 26.58 20.49
CA GLY B 179 19.02 27.87 19.80
C GLY B 179 20.20 28.83 19.99
N GLY B 180 21.28 28.38 20.62
CA GLY B 180 22.44 29.23 20.97
C GLY B 180 22.44 29.64 22.44
N ASN B 181 21.79 28.86 23.31
CA ASN B 181 21.83 28.98 24.79
C ASN B 181 23.05 28.26 25.36
N THR B 182 23.79 27.53 24.53
CA THR B 182 24.88 26.62 24.94
C THR B 182 25.73 26.32 23.70
N TYR B 183 27.03 26.50 23.81
CA TYR B 183 27.97 26.19 22.73
C TYR B 183 28.98 25.21 23.31
N ARG B 184 29.43 24.28 22.48
CA ARG B 184 30.44 23.28 22.86
C ARG B 184 31.32 23.04 21.65
N LEU B 185 32.62 22.93 21.91
CA LEU B 185 33.65 22.54 20.92
C LEU B 185 33.79 21.02 21.05
N PHE B 186 33.76 20.30 19.93
CA PHE B 186 34.04 18.85 19.89
C PHE B 186 35.40 18.69 19.24
N ARG B 187 36.25 17.90 19.86
CA ARG B 187 37.59 17.56 19.34
C ARG B 187 37.58 16.07 19.00
N ASN B 188 37.85 15.71 17.76
CA ASN B 188 37.91 14.30 17.30
C ASN B 188 39.27 14.02 16.69
N MET B 189 39.77 12.81 16.90
CA MET B 189 40.73 12.18 15.97
C MET B 189 39.99 11.89 14.67
N GLU B 190 40.49 12.43 13.56
CA GLU B 190 39.97 12.31 12.18
C GLU B 190 40.76 11.21 11.47
N ILE B 191 40.17 10.02 11.35
CA ILE B 191 40.70 8.90 10.53
C ILE B 191 40.25 9.15 9.09
N LYS B 192 41.23 9.28 8.18
CA LYS B 192 41.10 9.73 6.77
C LYS B 192 41.24 8.54 5.82
N ASP B 193 41.67 7.38 6.31
CA ASP B 193 41.82 6.14 5.51
C ASP B 193 40.80 5.12 6.04
N VAL B 194 39.62 5.11 5.43
CA VAL B 194 38.52 4.16 5.72
C VAL B 194 38.35 3.25 4.49
N ARG B 195 38.34 1.94 4.71
CA ARG B 195 38.26 0.94 3.61
C ARG B 195 37.02 0.09 3.84
N LEU B 196 36.38 -0.32 2.76
CA LEU B 196 35.23 -1.25 2.77
C LEU B 196 35.79 -2.66 2.94
N VAL B 197 35.15 -3.45 3.81
CA VAL B 197 35.58 -4.83 4.18
C VAL B 197 34.52 -5.80 3.69
N TYR B 198 33.25 -5.44 3.87
CA TYR B 198 32.12 -6.37 3.63
C TYR B 198 30.83 -5.61 3.40
N ALA B 199 30.14 -5.97 2.33
CA ALA B 199 28.77 -5.52 2.03
C ALA B 199 28.00 -6.75 1.57
N PRO B 200 26.80 -7.01 2.12
CA PRO B 200 25.98 -8.07 1.58
C PRO B 200 25.44 -7.62 0.24
N PRO B 201 24.86 -8.54 -0.55
CA PRO B 201 24.09 -8.17 -1.73
C PRO B 201 23.11 -7.04 -1.39
N GLY B 202 22.85 -6.13 -2.35
CA GLY B 202 21.83 -5.08 -2.27
C GLY B 202 20.43 -5.64 -2.03
N SER B 203 20.18 -6.90 -2.43
CA SER B 203 18.90 -7.63 -2.21
C SER B 203 18.74 -8.02 -0.73
N VAL B 204 19.84 -8.05 0.02
CA VAL B 204 19.89 -8.22 1.50
C VAL B 204 20.05 -6.86 2.19
N GLY B 205 21.13 -6.13 1.86
CA GLY B 205 21.45 -4.83 2.47
C GLY B 205 20.28 -3.88 2.42
N LYS B 206 19.52 -3.93 1.34
CA LYS B 206 18.41 -3.00 1.02
C LYS B 206 17.20 -3.82 0.51
N PHE B 207 16.99 -4.99 1.09
CA PHE B 207 15.79 -5.81 0.82
C PHE B 207 14.56 -4.95 1.03
N GLY B 208 13.65 -4.92 0.06
CA GLY B 208 12.41 -4.14 0.08
C GLY B 208 12.60 -2.75 -0.50
N GLY B 209 13.84 -2.32 -0.74
CA GLY B 209 14.17 -1.06 -1.42
C GLY B 209 13.32 0.10 -0.93
N ASP B 210 12.83 0.94 -1.87
CA ASP B 210 11.99 2.12 -1.54
C ASP B 210 10.55 1.70 -1.23
N VAL B 211 10.18 0.42 -1.37
CA VAL B 211 8.81 -0.05 -1.02
C VAL B 211 8.73 -0.21 0.50
N ASP B 212 9.69 -0.92 1.09
CA ASP B 212 9.74 -1.18 2.56
C ASP B 212 10.37 -0.01 3.34
N ASN B 213 10.95 0.98 2.66
CA ASN B 213 11.63 2.12 3.32
C ASN B 213 10.58 2.89 4.13
N TRP B 214 10.94 3.20 5.38
CA TRP B 214 10.11 3.88 6.41
C TRP B 214 8.93 2.98 6.77
N MET B 215 9.10 1.65 6.69
CA MET B 215 7.96 0.73 6.95
C MET B 215 8.37 -0.41 7.85
N TRP B 216 7.38 -0.80 8.66
CA TRP B 216 7.29 -2.06 9.42
C TRP B 216 6.03 -2.75 8.94
N PRO B 217 6.01 -4.09 8.80
CA PRO B 217 7.17 -4.97 9.08
C PRO B 217 8.35 -4.85 8.14
N ARG B 218 9.54 -5.10 8.66
CA ARG B 218 10.74 -4.85 7.87
C ARG B 218 11.63 -6.09 7.93
N HIS B 219 12.30 -6.39 6.82
CA HIS B 219 13.17 -7.60 6.71
C HIS B 219 14.52 -7.27 6.09
N THR B 220 15.08 -6.11 6.40
CA THR B 220 16.26 -5.57 5.71
C THR B 220 17.51 -5.89 6.52
N GLY B 221 18.49 -6.59 5.95
CA GLY B 221 19.77 -6.79 6.62
C GLY B 221 20.70 -5.60 6.43
N ASP B 222 20.35 -4.46 7.06
CA ASP B 222 20.98 -3.15 6.76
C ASP B 222 22.29 -3.02 7.53
N PHE B 223 23.34 -3.63 7.02
CA PHE B 223 24.65 -3.61 7.72
C PHE B 223 25.77 -3.76 6.70
N SER B 224 26.93 -3.26 7.07
CA SER B 224 28.16 -3.33 6.25
C SER B 224 29.30 -3.08 7.20
N PHE B 225 30.52 -3.35 6.76
CA PHE B 225 31.73 -3.21 7.60
C PHE B 225 32.77 -2.39 6.85
N TYR B 226 33.41 -1.48 7.59
CA TYR B 226 34.57 -0.66 7.18
C TYR B 226 35.77 -1.08 8.03
N ARG B 227 36.98 -0.68 7.63
CA ARG B 227 38.17 -0.74 8.51
C ARG B 227 38.89 0.63 8.49
N ALA B 228 39.21 1.13 9.69
CA ALA B 228 39.89 2.42 9.97
C ALA B 228 41.40 2.16 9.91
N TYR B 229 42.09 2.89 9.03
CA TYR B 229 43.56 2.79 8.84
C TYR B 229 44.20 4.12 9.31
N VAL B 230 45.43 4.01 9.80
CA VAL B 230 46.30 5.18 10.06
C VAL B 230 47.69 4.86 9.46
N GLY B 231 48.57 5.86 9.34
CA GLY B 231 49.98 5.65 8.93
C GLY B 231 50.72 4.83 9.98
N LYS B 232 51.89 4.27 9.61
CA LYS B 232 52.73 3.41 10.50
C LYS B 232 53.19 4.19 11.74
N ASP B 233 53.31 5.51 11.64
CA ASP B 233 53.61 6.41 12.80
C ASP B 233 52.45 6.35 13.81
N GLY B 234 51.21 6.10 13.35
CA GLY B 234 50.03 5.99 14.23
C GLY B 234 49.15 7.22 14.19
N LYS B 235 49.54 8.24 13.42
CA LYS B 235 48.73 9.45 13.13
C LYS B 235 47.86 9.14 11.92
N PRO B 236 46.63 9.70 11.82
CA PRO B 236 45.82 9.53 10.63
C PRO B 236 46.53 10.04 9.37
N ALA B 237 46.20 9.46 8.22
CA ALA B 237 46.73 9.83 6.89
C ALA B 237 45.68 9.49 5.82
N ALA B 238 45.81 10.10 4.63
CA ALA B 238 45.03 9.77 3.42
C ALA B 238 45.42 8.35 2.99
N PHE B 239 44.61 7.73 2.12
CA PHE B 239 44.85 6.37 1.58
C PHE B 239 46.34 6.29 1.21
N ALA B 240 47.01 5.22 1.65
CA ALA B 240 48.37 4.84 1.17
C ALA B 240 48.53 3.34 1.40
N ALA B 241 49.28 2.67 0.50
CA ALA B 241 49.40 1.20 0.43
C ALA B 241 49.91 0.61 1.76
N ASP B 242 50.73 1.34 2.52
CA ASP B 242 51.37 0.76 3.73
C ASP B 242 50.89 1.50 4.98
N ASN B 243 49.73 2.15 4.92
CA ASN B 243 48.92 2.46 6.12
C ASN B 243 48.56 1.13 6.77
N VAL B 244 48.40 1.09 8.08
CA VAL B 244 47.97 -0.13 8.82
C VAL B 244 46.66 0.18 9.53
N PRO B 245 45.92 -0.85 10.00
CA PRO B 245 44.69 -0.63 10.74
C PRO B 245 44.93 0.14 12.05
N TYR B 246 44.05 1.11 12.33
CA TYR B 246 43.92 1.77 13.65
C TYR B 246 43.63 0.69 14.70
N GLN B 247 44.06 0.95 15.93
CA GLN B 247 43.88 0.00 17.07
C GLN B 247 43.09 0.75 18.13
N PRO B 248 41.74 0.74 18.03
CA PRO B 248 40.92 1.51 18.95
C PRO B 248 41.18 1.08 20.39
N LYS B 249 41.06 2.02 21.33
CA LYS B 249 41.09 1.79 22.79
C LYS B 249 39.86 0.95 23.21
N HIS B 250 38.72 1.15 22.54
CA HIS B 250 37.43 0.51 22.90
C HIS B 250 36.71 0.03 21.62
N PHE B 251 36.11 -1.16 21.72
CA PHE B 251 35.26 -1.78 20.68
C PHE B 251 34.15 -2.54 21.41
N LEU B 252 32.97 -2.62 20.79
CA LEU B 252 31.77 -3.32 21.32
C LEU B 252 31.91 -4.82 21.06
N LYS B 253 31.37 -5.64 21.96
CA LYS B 253 31.18 -7.10 21.82
C LYS B 253 29.73 -7.37 21.36
N PHE B 254 29.54 -8.27 20.40
CA PHE B 254 28.21 -8.77 19.95
C PHE B 254 27.57 -9.53 21.11
N ALA B 255 26.27 -9.31 21.33
CA ALA B 255 25.53 -9.88 22.49
C ALA B 255 25.60 -11.40 22.45
N ASP B 256 25.78 -12.04 23.60
CA ASP B 256 25.57 -13.51 23.76
C ASP B 256 24.18 -13.75 24.34
N GLN B 257 23.65 -12.79 25.12
CA GLN B 257 22.27 -12.81 25.66
C GLN B 257 21.28 -12.58 24.51
N PRO B 258 20.29 -13.47 24.35
CA PRO B 258 19.33 -13.35 23.26
C PRO B 258 18.33 -12.22 23.56
N LEU B 259 18.29 -11.20 22.69
CA LEU B 259 17.34 -10.05 22.80
C LEU B 259 15.90 -10.53 22.56
N GLY B 260 15.02 -10.24 23.52
CA GLY B 260 13.60 -10.60 23.43
C GLY B 260 12.70 -9.40 23.72
N ALA B 261 11.40 -9.57 23.51
CA ALA B 261 10.37 -8.53 23.71
C ALA B 261 10.51 -7.94 25.12
N ASP B 262 10.42 -6.61 25.27
CA ASP B 262 10.45 -5.87 26.54
C ASP B 262 11.90 -5.67 27.03
N ASP B 263 12.90 -6.23 26.36
CA ASP B 263 14.31 -6.00 26.82
C ASP B 263 14.69 -4.53 26.71
N PHE B 264 15.52 -4.10 27.65
CA PHE B 264 16.15 -2.77 27.65
C PHE B 264 17.06 -2.65 26.42
N VAL B 265 16.98 -1.51 25.75
CA VAL B 265 17.92 -1.21 24.64
C VAL B 265 18.26 0.26 24.78
N MET B 266 19.42 0.63 24.27
CA MET B 266 19.81 2.05 24.24
C MET B 266 20.65 2.24 23.01
N VAL B 267 20.75 3.49 22.58
CA VAL B 267 21.48 3.93 21.37
C VAL B 267 22.28 5.17 21.73
N ALA B 268 23.53 5.19 21.30
CA ALA B 268 24.41 6.37 21.29
C ALA B 268 24.73 6.70 19.84
N GLY B 269 24.63 7.95 19.44
CA GLY B 269 24.98 8.34 18.09
C GLY B 269 24.74 9.81 17.81
N TYR B 270 24.72 10.17 16.54
CA TYR B 270 24.92 11.55 16.09
C TYR B 270 23.68 11.94 15.29
N PRO B 271 22.52 12.13 15.94
CA PRO B 271 21.33 12.57 15.20
C PRO B 271 21.61 13.96 14.62
N GLY B 272 21.19 14.20 13.37
CA GLY B 272 21.52 15.38 12.57
C GLY B 272 20.72 16.60 13.00
N ARG B 273 19.40 16.63 12.80
CA ARG B 273 18.60 17.87 12.98
C ARG B 273 17.17 17.46 13.35
N THR B 274 16.64 17.87 14.51
CA THR B 274 15.19 17.85 14.81
C THR B 274 14.69 19.30 14.84
N ASN B 275 13.38 19.48 14.86
CA ASN B 275 12.78 20.83 14.72
C ASN B 275 11.64 20.95 15.71
N ARG B 276 11.77 20.31 16.85
CA ARG B 276 10.73 20.29 17.90
C ARG B 276 10.61 21.68 18.55
N TYR B 277 11.61 22.57 18.42
CA TYR B 277 11.61 23.92 19.04
C TYR B 277 11.35 25.02 18.00
N ALA B 278 11.07 24.64 16.75
CA ALA B 278 10.75 25.61 15.68
C ALA B 278 9.49 26.38 16.07
N LEU B 279 9.35 27.60 15.56
CA LEU B 279 8.14 28.45 15.68
C LEU B 279 6.97 27.80 14.91
N ALA B 280 5.73 28.00 15.35
CA ALA B 280 4.51 27.52 14.64
C ALA B 280 4.60 27.92 13.17
N GLY B 281 5.17 29.10 12.85
CA GLY B 281 5.25 29.60 11.46
C GLY B 281 6.29 28.88 10.61
N GLU B 282 7.44 28.51 11.18
CA GLU B 282 8.45 27.67 10.48
C GLU B 282 7.83 26.30 10.12
N PHE B 283 7.11 25.68 11.05
CA PHE B 283 6.36 24.40 10.83
C PHE B 283 5.32 24.56 9.72
N ASN B 284 4.53 25.65 9.77
CA ASN B 284 3.48 25.94 8.75
C ASN B 284 4.10 26.08 7.36
N GLU B 285 5.21 26.81 7.22
CA GLU B 285 5.94 26.91 5.93
C GLU B 285 6.37 25.50 5.49
N THR B 286 7.02 24.72 6.35
CA THR B 286 7.54 23.38 5.96
C THR B 286 6.37 22.48 5.52
N ALA B 287 5.30 22.43 6.29
CA ALA B 287 4.12 21.57 6.04
C ALA B 287 3.39 22.04 4.78
N SER B 288 3.29 23.35 4.54
CA SER B 288 2.42 23.90 3.46
C SER B 288 3.20 24.04 2.15
N PHE B 289 4.50 24.33 2.21
CA PHE B 289 5.34 24.54 1.00
C PHE B 289 6.51 23.54 0.89
N THR B 290 7.49 23.59 1.78
CA THR B 290 8.79 22.90 1.62
C THR B 290 8.60 21.41 1.33
N TYR B 291 7.90 20.66 2.20
CA TYR B 291 7.79 19.17 2.07
C TYR B 291 6.98 18.77 0.86
N PRO B 292 5.78 19.34 0.62
CA PRO B 292 5.04 19.01 -0.61
C PRO B 292 5.78 19.31 -1.91
N THR B 293 6.45 20.45 -1.97
CA THR B 293 7.17 20.93 -3.17
C THR B 293 8.34 20.00 -3.42
N ILE B 294 9.20 19.80 -2.43
CA ILE B 294 10.41 18.93 -2.59
C ILE B 294 9.97 17.54 -3.00
N ALA B 295 8.99 16.94 -2.32
CA ALA B 295 8.49 15.57 -2.63
C ALA B 295 8.02 15.49 -4.09
N LYS B 296 7.23 16.46 -4.56
CA LYS B 296 6.71 16.48 -5.96
C LYS B 296 7.88 16.49 -6.95
N HIS B 297 8.83 17.41 -6.79
CA HIS B 297 9.93 17.65 -7.76
C HIS B 297 10.93 16.49 -7.71
N TYR B 298 11.18 15.94 -6.52
CA TYR B 298 12.06 14.75 -6.32
C TYR B 298 11.41 13.53 -6.98
N ASN B 299 10.10 13.34 -6.79
CA ASN B 299 9.41 12.20 -7.44
C ASN B 299 9.58 12.28 -8.97
N ALA B 300 9.45 13.46 -9.57
CA ALA B 300 9.53 13.62 -11.05
C ALA B 300 10.98 13.38 -11.51
N VAL B 301 11.97 13.94 -10.81
CA VAL B 301 13.41 13.71 -11.08
C VAL B 301 13.74 12.22 -10.94
N LEU B 302 13.16 11.53 -9.96
CA LEU B 302 13.42 10.08 -9.75
C LEU B 302 12.90 9.28 -10.95
N LYS B 303 11.72 9.64 -11.49
CA LYS B 303 11.14 8.97 -12.68
C LYS B 303 12.15 9.05 -13.83
N MET B 304 12.67 10.25 -14.07
CA MET B 304 13.69 10.59 -15.09
C MET B 304 14.92 9.70 -14.91
N ILE B 305 15.49 9.66 -13.70
CA ILE B 305 16.74 8.90 -13.40
C ILE B 305 16.46 7.41 -13.62
N ALA B 306 15.29 6.94 -13.20
CA ALA B 306 14.84 5.53 -13.40
C ALA B 306 14.77 5.23 -14.91
N ASP B 307 14.16 6.13 -15.68
CA ASP B 307 13.95 5.98 -17.15
C ASP B 307 15.33 5.94 -17.83
N ALA B 308 16.23 6.85 -17.48
CA ALA B 308 17.62 6.97 -18.00
C ALA B 308 18.44 5.74 -17.62
N GLY B 309 18.33 5.26 -16.39
CA GLY B 309 19.10 4.11 -15.89
C GLY B 309 18.70 2.81 -16.59
N LYS B 310 17.42 2.70 -16.97
CA LYS B 310 16.91 1.53 -17.72
C LYS B 310 17.51 1.51 -19.14
N ALA B 311 17.63 2.67 -19.78
CA ALA B 311 18.24 2.85 -21.11
C ALA B 311 19.79 2.74 -21.08
N ASP B 312 20.43 2.95 -19.91
CA ASP B 312 21.92 2.96 -19.79
C ASP B 312 22.34 2.45 -18.40
N ALA B 313 22.94 1.25 -18.32
CA ALA B 313 23.42 0.61 -17.06
C ALA B 313 24.52 1.47 -16.44
N ASP B 314 25.25 2.24 -17.24
CA ASP B 314 26.29 3.17 -16.73
C ASP B 314 25.62 4.34 -16.00
N VAL B 315 24.51 4.89 -16.53
CA VAL B 315 23.70 5.90 -15.81
C VAL B 315 23.20 5.28 -14.49
N LYS B 316 22.69 4.04 -14.52
CA LYS B 316 22.07 3.41 -13.31
C LYS B 316 23.06 3.41 -12.14
N VAL B 317 24.27 2.88 -12.33
CA VAL B 317 25.26 2.71 -11.23
C VAL B 317 25.75 4.09 -10.76
N LYS B 318 26.11 4.98 -11.68
CA LYS B 318 26.68 6.30 -11.34
C LYS B 318 25.64 7.15 -10.59
N TYR B 319 24.34 6.99 -10.81
CA TYR B 319 23.33 7.84 -10.10
C TYR B 319 22.60 7.05 -9.00
N ALA B 320 23.11 5.87 -8.60
CA ALA B 320 22.45 4.98 -7.61
C ALA B 320 22.32 5.68 -6.25
N ALA B 321 23.39 6.35 -5.80
CA ALA B 321 23.46 7.01 -4.48
C ALA B 321 22.54 8.24 -4.45
N THR B 322 22.54 9.06 -5.51
CA THR B 322 21.64 10.23 -5.63
C THR B 322 20.18 9.80 -5.60
N ALA B 323 19.83 8.79 -6.39
CA ALA B 323 18.46 8.27 -6.49
C ALA B 323 18.02 7.69 -5.14
N ALA B 324 18.92 6.96 -4.47
CA ALA B 324 18.67 6.38 -3.13
C ALA B 324 18.33 7.48 -2.12
N SER B 325 19.13 8.55 -2.07
CA SER B 325 18.97 9.71 -1.15
C SER B 325 17.68 10.46 -1.46
N MET B 326 17.44 10.74 -2.73
CA MET B 326 16.25 11.54 -3.14
C MET B 326 14.96 10.74 -2.84
N ASN B 327 14.97 9.42 -3.07
CA ASN B 327 13.82 8.51 -2.77
C ASN B 327 13.54 8.56 -1.27
N ASN B 328 14.62 8.46 -0.49
CA ASN B 328 14.55 8.44 0.98
C ASN B 328 13.92 9.74 1.50
N VAL B 329 14.38 10.86 0.93
CA VAL B 329 13.91 12.20 1.37
C VAL B 329 12.45 12.35 0.94
N ALA B 330 12.12 12.02 -0.30
CA ALA B 330 10.77 12.21 -0.89
C ALA B 330 9.76 11.41 -0.09
N LYS B 331 10.08 10.15 0.20
CA LYS B 331 9.17 9.27 0.94
C LYS B 331 9.09 9.76 2.37
N ASN B 332 10.21 10.17 2.98
CA ASN B 332 10.22 10.72 4.34
C ASN B 332 9.23 11.89 4.41
N TYR B 333 9.32 12.83 3.46
CA TYR B 333 8.47 14.05 3.55
C TYR B 333 6.99 13.64 3.45
N LEU B 334 6.67 12.70 2.58
CA LEU B 334 5.25 12.28 2.40
C LEU B 334 4.79 11.71 3.74
N GLY B 335 5.67 10.95 4.41
CA GLY B 335 5.38 10.39 5.75
C GLY B 335 5.21 11.50 6.77
N GLN B 336 6.04 12.55 6.73
CA GLN B 336 5.91 13.67 7.70
C GLN B 336 4.55 14.35 7.49
N LEU B 337 4.21 14.66 6.26
CA LEU B 337 2.91 15.33 5.97
C LEU B 337 1.74 14.51 6.50
N GLU B 338 1.77 13.19 6.30
N GLU B 338 1.75 13.19 6.28
CA GLU B 338 0.73 12.24 6.75
CA GLU B 338 0.70 12.25 6.77
C GLU B 338 0.73 12.22 8.29
C GLU B 338 0.72 12.24 8.30
N GLY B 339 1.91 12.14 8.91
CA GLY B 339 2.06 12.22 10.37
C GLY B 339 1.49 13.49 10.95
N PHE B 340 1.72 14.63 10.31
CA PHE B 340 1.22 15.91 10.83
C PHE B 340 -0.31 15.80 10.95
N LYS B 341 -0.97 15.18 9.97
CA LYS B 341 -2.45 15.07 9.97
C LYS B 341 -2.87 14.08 11.06
N ARG B 342 -2.14 12.99 11.24
CA ARG B 342 -2.46 11.94 12.26
C ARG B 342 -2.51 12.54 13.67
N ILE B 343 -1.53 13.39 14.02
CA ILE B 343 -1.31 13.92 15.41
C ILE B 343 -1.81 15.38 15.51
N ASP B 344 -2.32 15.96 14.42
CA ASP B 344 -2.69 17.41 14.32
C ASP B 344 -1.52 18.27 14.82
N ALA B 345 -0.35 18.11 14.18
CA ALA B 345 0.88 18.87 14.45
C ALA B 345 0.60 20.37 14.40
N ALA B 346 -0.12 20.84 13.37
CA ALA B 346 -0.46 22.27 13.18
C ALA B 346 -1.15 22.79 14.46
N GLY B 347 -2.16 22.09 14.95
CA GLY B 347 -2.90 22.45 16.19
C GLY B 347 -2.00 22.44 17.41
N GLN B 348 -1.15 21.42 17.56
CA GLN B 348 -0.28 21.25 18.75
C GLN B 348 0.75 22.39 18.80
N LYS B 349 1.28 22.82 17.65
CA LYS B 349 2.30 23.89 17.52
C LYS B 349 1.64 25.24 17.84
N GLN B 350 0.48 25.53 17.24
CA GLN B 350 -0.33 26.74 17.58
C GLN B 350 -0.67 26.77 19.08
N ALA B 351 -1.14 25.68 19.68
CA ALA B 351 -1.56 25.62 21.10
C ALA B 351 -0.35 25.79 22.03
N GLU B 352 0.83 25.38 21.59
CA GLU B 352 2.08 25.50 22.39
C GLU B 352 2.61 26.93 22.30
N GLU B 353 2.72 27.47 21.09
CA GLU B 353 3.18 28.85 20.81
C GLU B 353 2.24 29.84 21.52
N ALA B 354 0.97 29.49 21.77
CA ALA B 354 -0.03 30.33 22.49
C ALA B 354 0.10 30.16 24.01
N ALA B 355 0.45 28.97 24.50
CA ALA B 355 0.59 28.69 25.96
C ALA B 355 1.90 29.32 26.51
N VAL B 356 2.98 29.29 25.73
CA VAL B 356 4.31 29.90 26.07
C VAL B 356 4.10 31.41 26.25
N LEU B 357 3.50 32.10 25.27
CA LEU B 357 3.25 33.57 25.31
C LEU B 357 2.37 33.95 26.51
N ALA B 358 1.36 33.15 26.88
CA ALA B 358 0.43 33.42 28.01
C ALA B 358 1.17 33.29 29.35
N TRP B 359 2.09 32.33 29.44
CA TRP B 359 2.89 32.03 30.65
C TRP B 359 3.97 33.09 30.83
N LEU B 360 4.53 33.61 29.73
CA LEU B 360 5.50 34.74 29.74
C LEU B 360 4.79 36.05 30.16
N LYS B 361 3.52 36.28 29.77
CA LYS B 361 2.76 37.53 30.08
C LYS B 361 2.18 37.49 31.51
N LYS B 362 2.38 36.39 32.24
CA LYS B 362 2.00 36.23 33.67
C LYS B 362 3.29 36.25 34.52
N GLN B 363 4.47 36.26 33.90
CA GLN B 363 5.80 36.31 34.58
C GLN B 363 6.22 37.76 34.80
N GLY B 364 5.47 38.74 34.25
CA GLY B 364 5.65 40.18 34.49
C GLY B 364 6.92 40.74 33.87
N ALA B 365 7.94 41.01 34.70
CA ALA B 365 9.23 41.61 34.28
C ALA B 365 10.15 40.54 33.69
N ALA B 366 10.21 39.35 34.30
CA ALA B 366 11.02 38.18 33.86
C ALA B 366 10.56 37.69 32.48
N GLY B 367 9.29 37.94 32.13
CA GLY B 367 8.65 37.48 30.88
C GLY B 367 9.03 38.31 29.66
N LYS B 368 9.35 39.60 29.83
CA LYS B 368 9.37 40.61 28.73
C LYS B 368 10.50 40.40 27.74
N PRO B 369 11.72 39.94 28.13
CA PRO B 369 12.81 39.73 27.17
C PRO B 369 12.50 38.62 26.13
N ALA B 370 11.84 37.55 26.57
CA ALA B 370 11.42 36.42 25.70
C ALA B 370 10.25 36.85 24.83
N LEU B 371 9.34 37.68 25.37
CA LEU B 371 8.13 38.21 24.67
C LEU B 371 8.53 39.12 23.50
N ALA B 372 9.66 39.84 23.64
CA ALA B 372 10.24 40.73 22.60
C ALA B 372 11.06 39.90 21.58
N ALA B 373 11.82 38.92 22.06
CA ALA B 373 12.59 37.93 21.26
C ALA B 373 11.65 37.18 20.30
N HIS B 374 10.45 36.79 20.74
CA HIS B 374 9.41 36.13 19.89
C HIS B 374 9.02 37.06 18.74
N ALA B 375 8.62 38.29 19.07
CA ALA B 375 8.17 39.34 18.11
C ALA B 375 9.27 39.60 17.05
N GLN B 376 10.53 39.70 17.49
CA GLN B 376 11.73 39.85 16.63
C GLN B 376 11.84 38.66 15.66
N LEU B 377 11.68 37.41 16.13
CA LEU B 377 11.74 36.18 15.27
C LEU B 377 10.52 36.10 14.35
N LEU B 378 9.33 36.46 14.86
CA LEU B 378 8.03 36.34 14.15
C LEU B 378 8.02 37.13 12.83
N LYS B 379 9.01 38.00 12.59
CA LYS B 379 9.10 38.85 11.37
C LYS B 379 10.33 38.44 10.52
N HIS B 380 10.67 37.15 10.49
CA HIS B 380 11.70 36.56 9.58
C HIS B 380 10.99 35.62 8.58
N LEU B 381 9.65 35.62 8.59
CA LEU B 381 8.78 34.60 7.93
C LEU B 381 8.27 35.12 6.57
N ASP B 382 7.80 36.37 6.51
CA ASP B 382 7.04 36.95 5.36
C ASP B 382 7.99 37.43 4.26
N THR B 383 9.17 36.83 4.15
CA THR B 383 10.29 37.25 3.26
C THR B 383 10.41 36.33 2.04
N SER B 384 9.64 35.24 2.00
CA SER B 384 9.91 34.06 1.13
C SER B 384 8.78 33.84 0.12
N LYS B 385 7.51 34.04 0.51
CA LYS B 385 6.32 33.56 -0.25
C LYS B 385 6.55 33.73 -1.76
N SER B 386 7.13 34.85 -2.19
CA SER B 386 7.29 35.21 -3.62
C SER B 386 8.54 34.55 -4.21
N THR B 387 9.65 34.43 -3.46
CA THR B 387 10.96 33.96 -4.02
C THR B 387 11.26 32.49 -3.69
N ARG B 388 10.41 31.77 -2.94
CA ARG B 388 10.75 30.39 -2.50
C ARG B 388 10.87 29.45 -3.72
N GLU B 389 9.90 29.46 -4.66
CA GLU B 389 9.94 28.54 -5.83
C GLU B 389 11.20 28.86 -6.65
N ARG B 390 11.43 30.14 -6.95
CA ARG B 390 12.62 30.57 -7.73
C ARG B 390 13.91 30.01 -7.07
N ASP B 391 14.09 30.23 -5.77
CA ASP B 391 15.35 29.88 -5.05
C ASP B 391 15.51 28.36 -5.06
N LEU B 392 14.39 27.62 -4.93
CA LEU B 392 14.44 26.14 -5.00
C LEU B 392 14.98 25.73 -6.36
N PHE B 393 14.33 26.21 -7.43
CA PHE B 393 14.61 25.75 -8.81
C PHE B 393 16.03 26.19 -9.20
N VAL B 394 16.44 27.40 -8.84
CA VAL B 394 17.77 27.97 -9.23
C VAL B 394 18.83 27.25 -8.39
N GLY B 395 18.58 27.08 -7.09
CA GLY B 395 19.40 26.30 -6.15
C GLY B 395 19.66 24.90 -6.69
N GLN B 396 18.63 24.19 -7.12
CA GLN B 396 18.80 22.83 -7.66
C GLN B 396 19.65 22.92 -8.93
N PHE B 397 19.33 23.84 -9.84
CA PHE B 397 20.07 23.93 -11.13
C PHE B 397 21.55 24.18 -10.85
N ASN B 398 21.84 25.12 -9.95
CA ASN B 398 23.21 25.52 -9.55
C ASN B 398 23.97 24.36 -8.90
N ASN B 399 23.23 23.34 -8.46
CA ASN B 399 23.82 22.18 -7.73
C ASN B 399 23.82 20.95 -8.63
N THR B 400 23.45 21.05 -9.91
CA THR B 400 23.74 19.98 -10.90
C THR B 400 25.27 19.90 -10.99
N SER B 401 25.82 18.84 -11.57
CA SER B 401 27.23 18.45 -11.33
C SER B 401 28.19 19.41 -12.04
N ALA B 402 28.07 19.59 -13.37
CA ALA B 402 29.03 20.42 -14.15
C ALA B 402 28.92 21.85 -13.63
N VAL B 403 27.70 22.38 -13.51
CA VAL B 403 27.47 23.79 -13.05
C VAL B 403 27.93 23.93 -11.61
N GLY B 404 27.60 22.97 -10.74
CA GLY B 404 27.96 23.00 -9.31
C GLY B 404 29.47 22.96 -9.12
N ALA B 405 30.17 22.10 -9.86
CA ALA B 405 31.66 22.05 -9.90
C ALA B 405 32.19 23.44 -10.29
N ALA B 406 31.60 24.02 -11.35
CA ALA B 406 32.06 25.30 -11.96
C ALA B 406 31.98 26.41 -10.91
N ILE B 407 30.84 26.50 -10.21
CA ILE B 407 30.61 27.49 -9.12
C ILE B 407 31.66 27.26 -8.03
N THR B 408 31.69 26.08 -7.37
CA THR B 408 32.60 25.75 -6.25
C THR B 408 34.06 26.08 -6.63
N LEU B 409 34.50 25.68 -7.82
CA LEU B 409 35.91 25.84 -8.28
C LEU B 409 36.19 27.34 -8.43
N TYR B 410 35.30 28.08 -9.10
CA TYR B 410 35.45 29.55 -9.26
C TYR B 410 35.45 30.20 -7.87
N ARG B 411 34.54 29.81 -6.96
CA ARG B 411 34.48 30.36 -5.58
C ARG B 411 35.82 30.15 -4.90
N LEU B 412 36.35 28.91 -4.93
CA LEU B 412 37.63 28.60 -4.24
C LEU B 412 38.72 29.55 -4.77
N SER B 413 38.81 29.76 -6.09
CA SER B 413 39.83 30.66 -6.71
C SER B 413 39.70 32.08 -6.14
N ILE B 414 38.46 32.58 -5.97
CA ILE B 414 38.17 33.88 -5.27
C ILE B 414 38.71 33.85 -3.83
N GLU B 415 38.42 32.79 -3.06
CA GLU B 415 38.79 32.69 -1.62
C GLU B 415 40.29 32.45 -1.45
N ARG B 416 40.94 31.76 -2.39
CA ARG B 416 42.38 31.43 -2.29
C ARG B 416 43.19 32.72 -2.11
N SER B 417 42.82 33.79 -2.83
CA SER B 417 43.54 35.09 -2.90
C SER B 417 43.39 35.89 -1.58
N LYS B 418 42.41 35.54 -0.73
CA LYS B 418 42.30 36.10 0.65
C LYS B 418 43.27 35.34 1.56
N PRO B 419 43.57 35.86 2.77
CA PRO B 419 44.18 35.06 3.84
C PRO B 419 43.18 34.09 4.48
N ASP B 420 43.72 33.04 5.13
CA ASP B 420 42.97 31.83 5.54
C ASP B 420 41.74 32.19 6.38
N ALA B 421 41.92 32.95 7.47
CA ALA B 421 40.89 33.13 8.52
C ALA B 421 39.76 34.06 8.04
N GLU B 422 39.89 34.66 6.85
CA GLU B 422 38.88 35.55 6.22
C GLU B 422 38.25 34.87 4.99
N ARG B 423 38.66 33.64 4.69
CA ARG B 423 38.05 32.79 3.64
C ARG B 423 36.76 32.17 4.20
N GLU B 424 35.72 32.05 3.36
CA GLU B 424 34.44 31.39 3.74
C GLU B 424 34.75 30.00 4.33
N ALA B 425 34.13 29.64 5.47
CA ALA B 425 34.05 28.26 6.01
C ALA B 425 33.65 27.30 4.88
N GLY B 426 34.43 26.23 4.69
CA GLY B 426 34.29 25.30 3.56
C GLY B 426 35.25 25.60 2.42
N TYR B 427 35.87 26.79 2.36
CA TYR B 427 36.89 27.10 1.32
C TYR B 427 38.25 27.41 1.97
N GLN B 428 38.45 26.99 3.22
CA GLN B 428 39.73 27.17 3.96
C GLN B 428 40.72 26.06 3.57
N GLU B 429 42.00 26.22 3.92
CA GLU B 429 43.07 25.19 3.75
C GLU B 429 42.57 23.84 4.26
N ARG B 430 42.01 23.83 5.48
CA ARG B 430 41.49 22.64 6.20
C ARG B 430 40.29 21.99 5.49
N ASP B 431 39.77 22.57 4.40
CA ASP B 431 38.63 22.06 3.59
C ASP B 431 39.09 21.62 2.19
N LEU B 432 40.35 21.92 1.81
CA LEU B 432 40.85 21.72 0.41
C LEU B 432 40.73 20.25 0.02
N THR B 433 41.07 19.35 0.95
CA THR B 433 41.09 17.88 0.76
C THR B 433 39.66 17.37 0.46
N THR B 434 38.67 17.86 1.21
CA THR B 434 37.22 17.57 1.01
C THR B 434 36.74 18.11 -0.32
N ILE B 435 37.14 19.33 -0.73
CA ILE B 435 36.73 19.87 -2.05
C ILE B 435 37.30 18.97 -3.13
N GLU B 436 38.61 18.69 -3.07
CA GLU B 436 39.29 17.87 -4.09
C GLU B 436 38.66 16.47 -4.08
N GLY B 437 38.33 15.95 -2.90
CA GLY B 437 37.66 14.64 -2.78
C GLY B 437 36.34 14.62 -3.53
N GLY B 438 35.52 15.66 -3.35
CA GLY B 438 34.26 15.85 -4.10
C GLY B 438 34.48 15.85 -5.60
N LEU B 439 35.50 16.54 -6.13
CA LEU B 439 35.77 16.59 -7.59
C LEU B 439 36.12 15.20 -8.14
N LYS B 440 36.83 14.39 -7.34
CA LYS B 440 37.24 13.01 -7.67
C LYS B 440 36.02 12.08 -7.61
N GLN B 441 35.22 12.18 -6.56
CA GLN B 441 34.00 11.35 -6.36
C GLN B 441 33.04 11.57 -7.54
N MET B 442 32.95 12.79 -8.08
CA MET B 442 32.04 13.11 -9.21
C MET B 442 32.25 12.18 -10.43
N ASP B 443 33.50 11.80 -10.68
CA ASP B 443 33.94 10.83 -11.70
C ASP B 443 33.03 9.58 -11.71
N ARG B 444 32.66 9.09 -10.53
CA ARG B 444 31.83 7.85 -10.40
C ARG B 444 30.36 8.23 -10.22
N ARG B 445 30.00 9.50 -10.44
CA ARG B 445 28.61 9.99 -10.19
C ARG B 445 28.13 10.95 -11.28
N TYR B 446 28.75 10.96 -12.47
CA TYR B 446 28.48 11.94 -13.55
C TYR B 446 28.33 11.22 -14.90
N VAL B 447 27.20 11.46 -15.57
CA VAL B 447 26.99 11.12 -17.00
C VAL B 447 26.34 12.34 -17.64
N ALA B 448 26.93 12.82 -18.74
CA ALA B 448 26.61 14.13 -19.37
C ALA B 448 25.12 14.17 -19.71
N LYS B 449 24.61 13.11 -20.31
CA LYS B 449 23.21 13.07 -20.82
C LYS B 449 22.25 13.08 -19.62
N MET B 450 22.64 12.50 -18.49
CA MET B 450 21.83 12.53 -17.24
C MET B 450 21.87 13.95 -16.65
N ASP B 451 23.07 14.52 -16.49
CA ASP B 451 23.20 15.88 -15.90
C ASP B 451 22.43 16.90 -16.76
N GLN B 452 22.40 16.71 -18.08
CA GLN B 452 21.65 17.60 -18.99
C GLN B 452 20.14 17.42 -18.75
N GLN B 453 19.69 16.17 -18.54
CA GLN B 453 18.28 15.86 -18.17
C GLN B 453 17.95 16.61 -16.87
N LEU B 454 18.87 16.65 -15.90
CA LEU B 454 18.66 17.29 -14.57
C LEU B 454 18.59 18.81 -14.73
N GLN B 455 19.56 19.40 -15.44
CA GLN B 455 19.57 20.84 -15.82
C GLN B 455 18.24 21.20 -16.49
N THR B 456 17.81 20.39 -17.47
CA THR B 456 16.56 20.56 -18.24
C THR B 456 15.40 20.58 -17.23
N TYR B 457 15.25 19.54 -16.41
CA TYR B 457 14.11 19.48 -15.44
C TYR B 457 14.01 20.81 -14.67
N TRP B 458 15.08 21.25 -14.04
CA TRP B 458 15.06 22.38 -13.08
C TRP B 458 14.87 23.71 -13.83
N LEU B 459 15.55 23.92 -14.95
CA LEU B 459 15.33 25.14 -15.78
C LEU B 459 13.87 25.18 -16.23
N ASP B 460 13.31 24.03 -16.59
CA ASP B 460 11.91 23.89 -17.06
C ASP B 460 10.97 24.39 -15.95
N GLN B 461 11.32 24.11 -14.69
CA GLN B 461 10.46 24.53 -13.54
C GLN B 461 10.58 26.05 -13.41
N TYR B 462 11.79 26.56 -13.63
CA TYR B 462 12.13 28.00 -13.54
C TYR B 462 11.31 28.79 -14.59
N VAL B 463 11.36 28.35 -15.85
CA VAL B 463 10.71 29.09 -16.98
C VAL B 463 9.19 28.88 -16.95
N ALA B 464 8.67 28.01 -16.08
CA ALA B 464 7.22 27.87 -15.83
C ALA B 464 6.71 28.95 -14.88
N LEU B 465 7.59 29.69 -14.19
CA LEU B 465 7.14 30.61 -13.11
C LEU B 465 6.50 31.85 -13.74
N PRO B 466 5.56 32.53 -13.05
CA PRO B 466 5.06 33.82 -13.55
C PRO B 466 6.20 34.83 -13.75
N ALA B 467 6.04 35.75 -14.70
CA ALA B 467 7.08 36.75 -15.10
C ALA B 467 7.68 37.43 -13.85
N ALA B 468 6.84 37.80 -12.88
CA ALA B 468 7.23 38.61 -11.69
C ALA B 468 8.24 37.83 -10.84
N GLN B 469 8.09 36.49 -10.75
CA GLN B 469 8.97 35.59 -9.96
C GLN B 469 10.21 35.18 -10.77
N ARG B 470 10.26 35.42 -12.09
CA ARG B 470 11.37 34.98 -12.99
C ARG B 470 12.36 36.11 -13.16
N ASP B 471 13.07 36.46 -12.09
CA ASP B 471 13.85 37.72 -12.01
C ASP B 471 15.27 37.36 -11.60
N ASN B 472 15.75 36.19 -12.00
CA ASN B 472 17.20 35.84 -11.95
C ASN B 472 17.83 36.39 -13.21
N GLU B 473 18.50 37.53 -13.10
CA GLU B 473 18.98 38.35 -14.25
C GLU B 473 19.85 37.49 -15.18
N VAL B 474 20.88 36.85 -14.64
CA VAL B 474 21.89 36.07 -15.43
C VAL B 474 21.18 34.92 -16.16
N LEU B 475 20.26 34.23 -15.47
CA LEU B 475 19.61 33.03 -16.04
C LEU B 475 18.70 33.47 -17.20
N ASN B 476 17.88 34.51 -16.98
CA ASN B 476 17.04 35.12 -18.05
C ASN B 476 17.92 35.49 -19.25
N LYS B 477 19.07 36.13 -18.99
CA LYS B 477 20.08 36.47 -20.02
C LYS B 477 20.45 35.18 -20.78
N TRP B 478 20.87 34.13 -20.05
CA TRP B 478 21.40 32.88 -20.67
C TRP B 478 20.27 32.11 -21.36
N LEU B 479 19.05 32.10 -20.79
CA LEU B 479 17.85 31.47 -21.43
C LEU B 479 17.44 32.26 -22.69
N ALA B 480 17.39 33.60 -22.60
CA ALA B 480 16.87 34.44 -23.70
C ALA B 480 15.55 33.86 -24.18
N GLY B 481 14.58 33.69 -23.26
CA GLY B 481 13.29 33.03 -23.53
C GLY B 481 12.82 32.26 -22.30
N SER B 482 11.59 31.75 -22.35
CA SER B 482 10.86 31.23 -21.17
C SER B 482 10.04 29.99 -21.53
N ASP B 483 10.55 29.13 -22.42
CA ASP B 483 9.88 27.86 -22.84
C ASP B 483 10.93 26.74 -22.99
N ALA B 484 10.47 25.52 -23.30
CA ALA B 484 11.29 24.28 -23.45
C ALA B 484 12.44 24.50 -24.44
N ALA B 485 12.18 25.29 -25.49
CA ALA B 485 13.15 25.55 -26.59
C ALA B 485 14.31 26.40 -26.06
N ALA B 486 14.03 27.52 -25.36
CA ALA B 486 15.05 28.37 -24.69
C ALA B 486 15.92 27.50 -23.76
N VAL B 487 15.28 26.65 -22.95
CA VAL B 487 15.97 25.70 -22.01
C VAL B 487 16.93 24.80 -22.78
N LYS B 488 16.41 24.09 -23.80
CA LYS B 488 17.18 23.15 -24.64
C LYS B 488 18.36 23.89 -25.26
N SER B 489 18.16 25.17 -25.60
CA SER B 489 19.18 26.08 -26.16
C SER B 489 20.32 26.28 -25.14
N LEU B 490 19.98 26.49 -23.87
CA LEU B 490 20.98 26.73 -22.80
C LEU B 490 21.65 25.40 -22.41
N VAL B 491 20.88 24.31 -22.33
CA VAL B 491 21.47 22.98 -21.97
C VAL B 491 22.47 22.60 -23.07
N ASN B 492 22.10 22.84 -24.34
CA ASN B 492 22.95 22.69 -25.55
C ASN B 492 24.24 23.50 -25.39
N LYS B 493 24.12 24.80 -25.05
CA LYS B 493 25.27 25.69 -24.78
C LYS B 493 26.19 25.04 -23.73
N LEU B 494 25.59 24.66 -22.60
CA LEU B 494 26.35 24.23 -21.40
C LEU B 494 27.00 22.86 -21.63
N GLY B 495 26.45 22.04 -22.53
CA GLY B 495 27.00 20.72 -22.87
C GLY B 495 28.42 20.85 -23.40
N GLY B 496 28.73 21.99 -24.01
CA GLY B 496 30.09 22.32 -24.50
C GLY B 496 31.14 22.36 -23.39
N THR B 497 30.79 22.19 -22.11
CA THR B 497 31.79 22.21 -21.01
C THR B 497 32.79 21.05 -21.12
N GLU B 498 33.98 21.18 -20.52
CA GLU B 498 35.00 20.09 -20.41
C GLU B 498 35.07 19.63 -18.96
N LEU B 499 34.18 20.15 -18.10
CA LEU B 499 34.19 19.90 -16.62
C LEU B 499 33.72 18.48 -16.32
N GLY B 500 33.10 17.82 -17.31
CA GLY B 500 32.81 16.38 -17.27
C GLY B 500 34.09 15.57 -17.09
N SER B 501 35.25 16.14 -17.42
CA SER B 501 36.55 15.44 -17.30
C SER B 501 37.16 15.72 -15.93
N LEU B 502 37.59 14.66 -15.22
CA LEU B 502 38.21 14.78 -13.87
C LEU B 502 39.50 15.59 -13.96
N ASP B 503 40.40 15.24 -14.89
CA ASP B 503 41.71 15.94 -15.05
C ASP B 503 41.44 17.44 -15.25
N THR B 504 40.39 17.81 -16.00
CA THR B 504 39.91 19.20 -16.19
C THR B 504 39.55 19.82 -14.83
N ARG B 505 38.73 19.13 -14.02
CA ARG B 505 38.28 19.63 -12.69
C ARG B 505 39.46 19.83 -11.74
N LEU B 506 40.42 18.90 -11.73
CA LEU B 506 41.64 19.03 -10.88
C LEU B 506 42.54 20.18 -11.40
N LYS B 507 42.63 20.41 -12.72
CA LYS B 507 43.36 21.59 -13.28
C LYS B 507 42.75 22.87 -12.68
N TRP B 508 41.43 23.06 -12.84
CA TRP B 508 40.69 24.25 -12.35
C TRP B 508 40.80 24.40 -10.83
N PHE B 509 40.92 23.28 -10.10
CA PHE B 509 41.06 23.27 -8.62
C PHE B 509 42.29 24.08 -8.18
N LYS B 510 43.36 24.09 -8.98
CA LYS B 510 44.64 24.78 -8.67
C LYS B 510 44.81 26.05 -9.51
N ALA B 511 43.81 26.47 -10.30
CA ALA B 511 43.87 27.65 -11.19
C ALA B 511 43.47 28.91 -10.41
N ASP B 512 43.96 30.09 -10.83
CA ASP B 512 43.67 31.38 -10.15
C ASP B 512 42.41 32.01 -10.76
N ARG B 513 41.87 33.01 -10.07
CA ARG B 513 40.67 33.82 -10.43
C ARG B 513 40.67 34.17 -11.92
N ALA B 514 41.82 34.63 -12.45
CA ALA B 514 41.96 35.23 -13.80
C ALA B 514 41.84 34.16 -14.90
N ALA B 515 42.37 32.96 -14.66
CA ALA B 515 42.26 31.81 -15.60
C ALA B 515 40.77 31.47 -15.78
N PHE B 516 40.00 31.54 -14.69
CA PHE B 516 38.52 31.33 -14.68
C PHE B 516 37.85 32.40 -15.54
N GLU B 517 38.20 33.68 -15.32
CA GLU B 517 37.57 34.86 -15.95
C GLU B 517 37.96 34.95 -17.42
N ALA B 518 39.09 34.33 -17.81
CA ALA B 518 39.55 34.21 -19.22
C ALA B 518 38.87 33.03 -19.94
N SER B 519 38.27 32.06 -19.22
CA SER B 519 37.78 30.79 -19.82
C SER B 519 36.60 31.04 -20.76
N ASN B 520 36.55 30.31 -21.88
CA ASN B 520 35.39 30.23 -22.81
C ASN B 520 34.59 28.95 -22.53
N ASP B 521 34.88 28.19 -21.48
CA ASP B 521 34.06 27.01 -21.07
C ASP B 521 32.72 27.55 -20.56
N PRO B 522 31.57 27.14 -21.13
CA PRO B 522 30.28 27.79 -20.81
C PRO B 522 29.84 27.65 -19.34
N ALA B 523 30.22 26.54 -18.68
CA ALA B 523 29.91 26.29 -17.24
C ALA B 523 30.75 27.23 -16.36
N ILE B 524 32.04 27.40 -16.72
CA ILE B 524 32.93 28.37 -16.04
C ILE B 524 32.35 29.78 -16.30
N GLN B 525 32.00 30.07 -17.56
CA GLN B 525 31.37 31.36 -17.94
C GLN B 525 30.09 31.56 -17.11
N TYR B 526 29.33 30.50 -16.81
CA TYR B 526 28.08 30.67 -16.03
C TYR B 526 28.45 31.00 -14.57
N ALA B 527 29.37 30.22 -13.99
CA ALA B 527 29.85 30.42 -12.60
C ALA B 527 30.25 31.89 -12.42
N VAL B 528 31.10 32.40 -13.30
CA VAL B 528 31.68 33.76 -13.17
C VAL B 528 30.51 34.77 -13.22
N ALA B 529 29.62 34.61 -14.20
CA ALA B 529 28.45 35.50 -14.46
C ALA B 529 27.50 35.55 -13.26
N VAL B 530 27.16 34.42 -12.63
CA VAL B 530 26.20 34.36 -11.47
C VAL B 530 26.87 34.70 -10.14
N MET B 531 28.21 34.64 -10.02
CA MET B 531 28.89 34.71 -8.69
C MET B 531 28.57 36.01 -7.95
N PRO B 532 28.52 37.20 -8.60
CA PRO B 532 28.14 38.43 -7.91
C PRO B 532 26.79 38.35 -7.17
N ALA B 533 25.73 37.95 -7.88
CA ALA B 533 24.38 37.73 -7.30
C ALA B 533 24.47 36.70 -6.17
N LEU B 534 25.38 35.71 -6.30
CA LEU B 534 25.54 34.61 -5.30
C LEU B 534 26.10 35.17 -3.98
N LEU B 535 27.16 35.99 -4.04
CA LEU B 535 27.85 36.53 -2.84
C LEU B 535 26.95 37.58 -2.17
N LYS B 536 26.20 38.33 -2.99
CA LYS B 536 25.14 39.29 -2.55
C LYS B 536 24.14 38.50 -1.69
N GLN B 537 23.59 37.43 -2.26
CA GLN B 537 22.56 36.57 -1.60
C GLN B 537 23.12 35.98 -0.30
N GLU B 538 24.43 35.66 -0.28
CA GLU B 538 25.13 35.08 0.89
C GLU B 538 25.34 36.15 1.98
N GLU B 539 25.52 37.42 1.59
CA GLU B 539 25.56 38.55 2.56
C GLU B 539 24.18 38.71 3.19
N GLN B 540 23.11 38.75 2.38
CA GLN B 540 21.72 38.96 2.88
C GLN B 540 21.31 37.78 3.77
N LYS B 541 21.96 36.61 3.59
CA LYS B 541 21.79 35.39 4.42
C LYS B 541 22.48 35.58 5.78
N LYS B 542 23.72 36.08 5.83
CA LYS B 542 24.51 36.26 7.08
C LYS B 542 23.91 37.37 7.94
N ILE B 543 23.43 38.45 7.32
CA ILE B 543 22.54 39.47 7.96
C ILE B 543 21.37 38.74 8.62
N ARG B 544 20.59 37.98 7.84
CA ARG B 544 19.45 37.18 8.34
C ARG B 544 19.88 36.40 9.60
N GLU B 545 21.00 35.66 9.51
CA GLU B 545 21.54 34.84 10.62
C GLU B 545 21.80 35.74 11.84
N GLY B 546 22.44 36.89 11.61
CA GLY B 546 22.84 37.89 12.63
C GLY B 546 21.68 38.34 13.51
N GLU B 547 20.56 38.77 12.91
CA GLU B 547 19.35 39.30 13.63
C GLU B 547 18.76 38.25 14.58
N SER B 548 18.96 36.96 14.29
CA SER B 548 18.34 35.81 15.00
C SER B 548 19.19 35.39 16.21
N LEU B 549 20.49 35.72 16.21
CA LEU B 549 21.51 35.09 17.08
C LEU B 549 21.33 35.42 18.57
N THR B 550 20.48 36.41 18.92
CA THR B 550 20.20 36.82 20.34
C THR B 550 18.74 36.50 20.73
N ALA B 551 17.79 36.78 19.85
CA ALA B 551 16.34 36.49 20.03
C ALA B 551 16.12 34.98 20.24
N ARG B 552 16.69 34.16 19.36
CA ARG B 552 16.47 32.69 19.29
C ARG B 552 16.79 32.07 20.65
N PRO B 553 18.00 32.33 21.20
CA PRO B 553 18.33 31.88 22.54
C PRO B 553 17.23 32.20 23.56
N LEU B 554 16.76 33.45 23.58
CA LEU B 554 15.81 33.97 24.61
C LEU B 554 14.45 33.27 24.49
N TYR B 555 13.90 33.17 23.29
CA TYR B 555 12.56 32.55 23.11
C TYR B 555 12.61 31.05 23.41
N LEU B 556 13.66 30.35 22.97
CA LEU B 556 13.79 28.88 23.12
C LEU B 556 14.01 28.51 24.59
N GLN B 557 14.71 29.35 25.36
CA GLN B 557 14.83 29.14 26.83
C GLN B 557 13.45 29.25 27.49
N ALA B 558 12.60 30.17 27.03
CA ALA B 558 11.24 30.40 27.57
C ALA B 558 10.40 29.13 27.38
N VAL B 559 10.43 28.58 26.16
CA VAL B 559 9.72 27.31 25.78
C VAL B 559 10.23 26.19 26.68
N ALA B 560 11.56 26.09 26.84
CA ALA B 560 12.21 25.04 27.67
C ALA B 560 11.69 25.16 29.11
N ASP B 561 11.70 26.39 29.62
CA ASP B 561 11.20 26.73 30.97
C ASP B 561 9.70 26.39 31.00
N TYR B 562 8.92 26.86 30.02
CA TYR B 562 7.46 26.52 29.99
C TYR B 562 7.29 25.00 30.01
N LYS B 563 8.05 24.28 29.16
CA LYS B 563 7.97 22.79 29.09
C LYS B 563 8.36 22.21 30.45
N LYS B 564 9.48 22.65 31.04
CA LYS B 564 9.97 22.18 32.36
C LYS B 564 8.83 22.38 33.38
N SER B 565 8.15 23.53 33.30
CA SER B 565 7.01 23.93 34.17
C SER B 565 5.81 22.99 33.99
N GLN B 566 5.59 22.47 32.77
CA GLN B 566 4.44 21.57 32.47
C GLN B 566 4.79 20.11 32.79
N GLY B 567 6.04 19.82 33.17
CA GLY B 567 6.48 18.46 33.53
C GLY B 567 6.96 17.67 32.32
N GLU B 568 7.20 18.35 31.19
CA GLU B 568 7.55 17.72 29.89
C GLU B 568 9.08 17.67 29.74
N PHE B 569 9.60 16.56 29.23
CA PHE B 569 11.04 16.31 29.00
C PHE B 569 11.65 17.51 28.27
N VAL B 570 12.84 17.94 28.70
CA VAL B 570 13.62 19.06 28.06
C VAL B 570 14.99 18.51 27.67
N TYR B 571 15.30 18.62 26.39
CA TYR B 571 16.50 18.10 25.68
C TYR B 571 16.59 18.95 24.43
N PRO B 572 17.80 19.28 23.95
CA PRO B 572 17.93 20.08 22.75
C PRO B 572 17.61 19.30 21.46
N ASP B 573 17.17 20.02 20.44
CA ASP B 573 16.97 19.50 19.06
C ASP B 573 18.31 18.93 18.61
N ALA B 574 18.29 17.87 17.82
CA ALA B 574 19.50 17.23 17.27
C ALA B 574 20.30 18.31 16.55
N ASN B 575 21.62 18.24 16.64
CA ASN B 575 22.49 19.25 15.96
C ASN B 575 23.78 18.59 15.48
N LEU B 576 23.74 17.29 15.19
CA LEU B 576 24.89 16.44 14.70
C LEU B 576 25.89 16.09 15.81
N SER B 577 25.55 16.31 17.07
CA SER B 577 26.42 15.98 18.23
C SER B 577 25.95 14.66 18.86
N LEU B 578 26.74 14.14 19.81
CA LEU B 578 26.53 12.83 20.45
C LEU B 578 25.29 12.89 21.36
N ARG B 579 24.38 11.93 21.21
CA ARG B 579 23.14 11.83 22.03
C ARG B 579 22.93 10.40 22.48
N ILE B 580 22.25 10.22 23.59
CA ILE B 580 21.84 8.90 24.14
C ILE B 580 20.31 8.86 24.13
N THR B 581 19.73 7.76 23.64
CA THR B 581 18.29 7.47 23.76
C THR B 581 18.16 6.06 24.30
N PHE B 582 17.07 5.78 24.99
CA PHE B 582 16.89 4.47 25.67
C PHE B 582 15.40 4.18 25.72
N GLY B 583 15.09 2.91 25.94
CA GLY B 583 13.74 2.35 25.99
C GLY B 583 13.80 0.85 25.93
N ASN B 584 12.73 0.24 25.40
CA ASN B 584 12.51 -1.21 25.45
C ASN B 584 12.07 -1.71 24.09
N VAL B 585 12.39 -2.96 23.77
CA VAL B 585 11.92 -3.69 22.57
C VAL B 585 10.40 -3.81 22.68
N MET B 586 9.70 -3.19 21.74
CA MET B 586 8.23 -3.16 21.82
C MET B 586 7.65 -2.78 20.46
N GLY B 587 6.51 -3.38 20.19
CA GLY B 587 5.72 -3.09 19.00
C GLY B 587 4.87 -1.86 19.23
N TYR B 588 3.87 -1.71 18.39
CA TYR B 588 2.93 -0.59 18.41
C TYR B 588 1.66 -1.07 17.72
N GLY B 589 0.65 -0.23 17.69
CA GLY B 589 -0.60 -0.66 17.04
C GLY B 589 -1.39 0.49 16.48
N LYS B 590 -2.42 0.11 15.71
CA LYS B 590 -3.49 1.04 15.31
C LYS B 590 -4.75 0.20 15.21
N ASP B 591 -5.85 0.83 14.88
CA ASP B 591 -7.14 0.11 14.95
C ASP B 591 -7.06 -1.16 14.09
N GLY B 592 -7.34 -2.32 14.70
CA GLY B 592 -7.39 -3.61 14.01
C GLY B 592 -6.02 -4.27 13.84
N VAL B 593 -4.93 -3.68 14.33
CA VAL B 593 -3.58 -4.26 14.06
C VAL B 593 -2.63 -4.01 15.23
N LYS B 594 -1.89 -5.04 15.61
CA LYS B 594 -0.79 -4.94 16.58
C LYS B 594 0.47 -5.36 15.82
N TYR B 595 1.44 -4.48 15.71
CA TYR B 595 2.77 -4.79 15.11
C TYR B 595 3.60 -5.46 16.21
N THR B 596 4.17 -6.62 15.93
CA THR B 596 4.90 -7.36 16.97
C THR B 596 6.35 -6.93 16.83
N PRO B 597 7.12 -7.03 17.91
CA PRO B 597 8.44 -6.40 17.97
C PRO B 597 9.52 -7.02 17.08
N PHE B 598 9.34 -8.25 16.58
CA PHE B 598 10.36 -8.95 15.73
C PHE B 598 9.77 -9.42 14.40
N THR B 599 10.61 -9.38 13.38
CA THR B 599 10.47 -10.14 12.13
C THR B 599 11.49 -11.32 12.22
N THR B 600 11.35 -12.28 11.32
CA THR B 600 12.11 -13.57 11.36
C THR B 600 12.42 -13.97 9.94
N LEU B 601 13.26 -15.01 9.73
CA LEU B 601 13.68 -15.43 8.37
C LEU B 601 12.46 -15.73 7.49
N GLU B 602 11.49 -16.42 8.06
CA GLU B 602 10.32 -16.89 7.27
C GLU B 602 9.64 -15.68 6.66
N GLY B 603 9.70 -14.53 7.33
CA GLY B 603 9.12 -13.28 6.82
C GLY B 603 9.82 -12.77 5.57
N VAL B 604 11.14 -12.98 5.47
CA VAL B 604 11.96 -12.58 4.29
C VAL B 604 11.48 -13.38 3.07
N ALA B 605 11.49 -14.71 3.23
CA ALA B 605 11.05 -15.72 2.24
C ALA B 605 9.63 -15.41 1.77
N ALA B 606 8.71 -15.14 2.69
CA ALA B 606 7.29 -14.82 2.35
C ALA B 606 7.22 -13.57 1.48
N LYS B 607 8.21 -12.68 1.52
CA LYS B 607 8.15 -11.42 0.72
C LYS B 607 8.77 -11.61 -0.69
N GLU B 608 9.38 -12.77 -0.98
CA GLU B 608 10.08 -13.09 -2.26
C GLU B 608 9.15 -12.97 -3.48
N THR B 609 9.46 -12.10 -4.46
CA THR B 609 8.79 -12.05 -5.78
C THR B 609 9.73 -12.47 -6.91
N GLY B 610 11.04 -12.57 -6.67
CA GLY B 610 12.07 -12.74 -7.70
C GLY B 610 12.34 -11.47 -8.50
N GLU B 611 11.56 -10.40 -8.28
CA GLU B 611 11.69 -9.07 -8.93
C GLU B 611 12.25 -8.05 -7.92
N ASP B 612 13.23 -7.23 -8.31
CA ASP B 612 13.74 -6.09 -7.51
C ASP B 612 12.55 -5.23 -7.07
N PRO B 613 12.42 -4.84 -5.78
CA PRO B 613 13.41 -5.10 -4.73
C PRO B 613 13.20 -6.29 -3.78
N PHE B 614 12.36 -7.26 -4.16
CA PHE B 614 12.09 -8.47 -3.36
C PHE B 614 12.71 -9.68 -4.07
N ASP B 615 14.03 -9.71 -4.16
CA ASP B 615 14.80 -10.73 -4.92
C ASP B 615 16.01 -11.19 -4.08
N SER B 616 15.75 -11.91 -2.99
CA SER B 616 16.79 -12.39 -2.05
C SER B 616 17.79 -13.29 -2.78
N PRO B 617 19.03 -13.45 -2.29
CA PRO B 617 19.94 -14.43 -2.89
C PRO B 617 19.24 -15.79 -2.82
N LYS B 618 19.51 -16.62 -3.83
CA LYS B 618 19.08 -18.05 -3.88
C LYS B 618 19.53 -18.73 -2.58
N ALA B 619 20.73 -18.42 -2.07
CA ALA B 619 21.31 -19.09 -0.88
C ALA B 619 20.51 -18.71 0.37
N LEU B 620 19.88 -17.52 0.38
CA LEU B 620 18.98 -17.12 1.49
C LEU B 620 17.73 -17.98 1.42
N LEU B 621 17.01 -17.95 0.29
CA LEU B 621 15.75 -18.73 0.08
C LEU B 621 16.00 -20.22 0.35
N ASP B 622 17.13 -20.79 -0.09
CA ASP B 622 17.52 -22.21 0.15
C ASP B 622 17.69 -22.46 1.65
N ALA B 623 18.40 -21.59 2.36
CA ALA B 623 18.66 -21.78 3.80
C ALA B 623 17.35 -21.68 4.61
N VAL B 624 16.41 -20.82 4.19
CA VAL B 624 15.15 -20.53 4.95
C VAL B 624 14.28 -21.77 4.86
N LYS B 625 14.00 -22.21 3.62
CA LYS B 625 13.33 -23.49 3.27
C LYS B 625 13.87 -24.61 4.17
N ALA B 626 15.19 -24.77 4.22
CA ALA B 626 15.93 -25.88 4.88
C ALA B 626 16.03 -25.68 6.40
N LYS B 627 15.51 -24.57 6.95
CA LYS B 627 15.60 -24.18 8.38
C LYS B 627 17.04 -24.29 8.90
N ARG B 628 18.01 -23.92 8.06
CA ARG B 628 19.43 -23.75 8.47
C ARG B 628 19.52 -22.45 9.27
N TYR B 629 19.32 -22.54 10.58
CA TYR B 629 19.27 -21.38 11.51
C TYR B 629 20.66 -21.05 12.00
N GLY B 630 21.64 -21.92 11.71
CA GLY B 630 23.06 -21.69 11.99
C GLY B 630 23.35 -21.49 13.47
N GLY B 631 22.48 -22.00 14.37
CA GLY B 631 22.63 -21.86 15.83
C GLY B 631 22.07 -20.55 16.36
N LEU B 632 21.26 -19.84 15.56
CA LEU B 632 20.88 -18.43 15.88
C LEU B 632 19.38 -18.30 16.15
N GLU B 633 18.67 -19.43 16.20
CA GLU B 633 17.25 -19.54 16.61
C GLU B 633 17.05 -18.72 17.87
N ASP B 634 15.98 -17.91 17.93
CA ASP B 634 15.39 -17.51 19.21
C ASP B 634 14.16 -18.40 19.43
N LYS B 635 14.22 -19.23 20.47
CA LYS B 635 13.15 -20.21 20.84
C LYS B 635 11.80 -19.49 20.94
N ARG B 636 11.80 -18.24 21.44
CA ARG B 636 10.57 -17.43 21.67
C ARG B 636 9.93 -17.04 20.33
N LEU B 637 10.73 -16.93 19.26
CA LEU B 637 10.21 -16.57 17.91
C LEU B 637 10.05 -17.82 17.06
N GLY B 638 10.81 -18.88 17.36
CA GLY B 638 10.84 -20.13 16.58
C GLY B 638 11.53 -19.94 15.25
N SER B 639 12.44 -18.95 15.17
CA SER B 639 13.19 -18.60 13.95
C SER B 639 14.34 -17.65 14.30
N VAL B 640 15.16 -17.31 13.31
CA VAL B 640 16.23 -16.29 13.54
C VAL B 640 15.51 -14.95 13.36
N PRO B 641 15.64 -14.00 14.31
CA PRO B 641 15.08 -12.66 14.13
C PRO B 641 15.89 -11.89 13.08
N VAL B 642 15.24 -10.92 12.44
CA VAL B 642 15.77 -10.17 11.27
C VAL B 642 15.86 -8.70 11.70
N ASN B 643 14.72 -8.08 11.96
CA ASN B 643 14.64 -6.71 12.53
C ASN B 643 13.80 -6.68 13.80
N PHE B 644 13.92 -5.61 14.56
CA PHE B 644 13.09 -5.40 15.76
C PHE B 644 12.74 -3.92 15.87
N LEU B 645 11.67 -3.70 16.64
CA LEU B 645 11.12 -2.38 17.00
C LEU B 645 11.43 -2.07 18.46
N SER B 646 11.59 -0.78 18.75
CA SER B 646 11.76 -0.24 20.10
C SER B 646 11.33 1.22 20.13
N ASN B 647 10.96 1.70 21.31
CA ASN B 647 10.46 3.08 21.55
C ASN B 647 11.64 4.01 21.89
N LEU B 648 12.69 4.00 21.08
CA LEU B 648 13.79 4.97 21.19
C LEU B 648 13.47 6.17 20.32
N ASP B 649 14.24 7.23 20.52
CA ASP B 649 14.00 8.51 19.83
C ASP B 649 15.24 8.80 18.99
N ILE B 650 15.19 8.48 17.70
CA ILE B 650 16.34 8.62 16.76
C ILE B 650 15.85 9.40 15.53
N THR B 651 16.79 9.79 14.69
CA THR B 651 16.51 10.55 13.46
C THR B 651 17.70 10.41 12.51
N GLY B 652 17.60 11.04 11.34
CA GLY B 652 18.64 11.05 10.32
C GLY B 652 19.98 11.37 10.97
N GLY B 653 21.02 10.57 10.72
CA GLY B 653 22.30 10.63 11.46
C GLY B 653 22.48 9.44 12.38
N ASN B 654 21.38 8.92 12.94
CA ASN B 654 21.41 7.77 13.88
C ASN B 654 21.60 6.44 13.15
N SER B 655 21.53 6.41 11.82
CA SER B 655 21.76 5.17 11.06
C SER B 655 23.18 4.68 11.36
N GLY B 656 23.31 3.39 11.64
CA GLY B 656 24.60 2.75 11.97
C GLY B 656 24.91 2.82 13.45
N SER B 657 24.07 3.50 14.22
CA SER B 657 24.21 3.59 15.70
C SER B 657 24.13 2.18 16.24
N PRO B 658 25.07 1.79 17.13
CA PRO B 658 24.96 0.50 17.81
C PRO B 658 23.75 0.56 18.75
N VAL B 659 22.94 -0.50 18.73
CA VAL B 659 21.91 -0.77 19.76
C VAL B 659 22.52 -1.69 20.81
N LEU B 660 22.60 -1.18 22.02
CA LEU B 660 23.25 -1.89 23.16
C LEU B 660 22.15 -2.42 24.08
N ASP B 661 22.34 -3.66 24.56
CA ASP B 661 21.48 -4.29 25.59
C ASP B 661 21.85 -3.74 26.96
N ALA B 662 21.24 -4.35 27.98
CA ALA B 662 21.38 -4.03 29.42
C ALA B 662 22.88 -3.99 29.80
N ASN B 663 23.73 -4.80 29.15
CA ASN B 663 25.17 -4.93 29.52
C ASN B 663 26.11 -4.28 28.48
N GLY B 664 25.58 -3.45 27.58
CA GLY B 664 26.41 -2.60 26.71
C GLY B 664 27.02 -3.39 25.56
N LYS B 665 26.50 -4.59 25.33
CA LYS B 665 26.83 -5.48 24.20
C LYS B 665 25.91 -5.12 23.03
N LEU B 666 26.41 -5.29 21.80
CA LEU B 666 25.77 -4.89 20.53
C LEU B 666 24.68 -5.90 20.19
N VAL B 667 23.41 -5.50 20.19
CA VAL B 667 22.27 -6.41 19.83
C VAL B 667 21.71 -6.06 18.45
N GLY B 668 22.26 -5.03 17.80
CA GLY B 668 21.87 -4.67 16.44
C GLY B 668 22.29 -3.26 16.09
N LEU B 669 21.86 -2.80 14.92
CA LEU B 669 22.16 -1.43 14.44
C LEU B 669 20.82 -0.73 14.18
N ALA B 670 20.67 0.51 14.65
CA ALA B 670 19.57 1.41 14.23
C ALA B 670 19.69 1.57 12.73
N PHE B 671 18.58 1.51 11.98
CA PHE B 671 18.63 1.87 10.55
C PHE B 671 17.38 2.62 10.07
N ASP B 672 16.23 2.52 10.73
CA ASP B 672 15.07 3.21 10.12
C ASP B 672 14.02 3.43 11.18
N GLY B 673 12.89 3.96 10.74
CA GLY B 673 11.77 4.21 11.62
C GLY B 673 10.51 3.81 10.90
N ASN B 674 9.50 3.44 11.64
CA ASN B 674 8.21 3.02 11.04
C ASN B 674 7.53 4.28 10.50
N TRP B 675 6.44 4.10 9.78
CA TRP B 675 5.85 5.18 8.95
C TRP B 675 5.43 6.35 9.84
N GLU B 676 4.80 6.04 10.97
CA GLU B 676 4.20 7.04 11.88
C GLU B 676 5.27 7.79 12.67
N SER B 677 6.52 7.29 12.67
CA SER B 677 7.61 7.88 13.47
C SER B 677 8.10 9.19 12.85
N VAL B 678 7.98 9.39 11.54
CA VAL B 678 8.80 10.40 10.80
C VAL B 678 8.35 11.83 11.19
N SER B 679 7.06 12.06 11.47
CA SER B 679 6.55 13.40 11.89
C SER B 679 7.12 13.79 13.27
N SER B 680 7.74 12.87 14.03
CA SER B 680 8.33 13.17 15.36
C SER B 680 9.54 14.11 15.23
N ASN B 681 10.00 14.38 14.03
CA ASN B 681 11.00 15.43 13.74
C ASN B 681 10.46 16.81 14.14
N TRP B 682 9.14 17.01 14.17
CA TRP B 682 8.49 18.31 14.52
C TRP B 682 7.70 18.22 15.82
N VAL B 683 6.97 17.14 16.01
CA VAL B 683 6.09 16.89 17.18
C VAL B 683 6.23 15.43 17.54
N PHE B 684 6.93 15.13 18.62
CA PHE B 684 7.21 13.74 19.04
C PHE B 684 5.88 13.09 19.42
N ASP B 685 5.74 11.82 19.11
CA ASP B 685 4.53 11.04 19.48
C ASP B 685 5.00 9.73 20.06
N PRO B 686 4.86 9.50 21.38
CA PRO B 686 5.40 8.28 21.99
C PRO B 686 4.62 7.01 21.62
N VAL B 687 3.35 7.16 21.22
CA VAL B 687 2.46 6.01 20.90
C VAL B 687 2.99 5.24 19.68
N MET B 688 3.32 5.93 18.59
CA MET B 688 3.60 5.25 17.29
C MET B 688 5.01 5.58 16.79
N THR B 689 5.88 6.15 17.60
CA THR B 689 7.28 6.36 17.19
C THR B 689 8.08 5.15 17.64
N ARG B 690 8.65 4.41 16.70
CA ARG B 690 9.57 3.29 16.99
C ARG B 690 10.82 3.42 16.11
N MET B 691 11.96 2.96 16.64
CA MET B 691 13.16 2.65 15.83
C MET B 691 13.02 1.25 15.24
N ILE B 692 13.45 1.10 13.99
CA ILE B 692 13.69 -0.22 13.36
C ILE B 692 15.19 -0.45 13.32
N ALA B 693 15.56 -1.60 13.85
CA ALA B 693 16.97 -2.03 13.99
C ALA B 693 17.14 -3.42 13.37
N VAL B 694 18.35 -3.71 12.86
CA VAL B 694 18.69 -5.04 12.30
C VAL B 694 19.28 -5.82 13.48
N ASP B 695 18.81 -7.05 13.69
CA ASP B 695 19.28 -7.91 14.79
C ASP B 695 20.68 -8.40 14.42
N SER B 696 21.55 -8.33 15.40
CA SER B 696 22.95 -8.84 15.34
C SER B 696 22.97 -10.34 15.01
N ARG B 697 21.88 -11.09 15.28
CA ARG B 697 21.84 -12.53 14.92
C ARG B 697 21.53 -12.64 13.43
N TYR B 698 20.78 -11.68 12.86
CA TYR B 698 20.56 -11.67 11.41
C TYR B 698 21.90 -11.36 10.71
N MET B 699 22.70 -10.47 11.30
CA MET B 699 23.99 -10.00 10.73
C MET B 699 24.92 -11.22 10.63
N GLN B 700 25.11 -11.90 11.76
CA GLN B 700 25.90 -13.17 11.82
C GLN B 700 25.32 -14.21 10.84
N TRP B 701 23.98 -14.37 10.80
CA TRP B 701 23.34 -15.45 10.01
C TRP B 701 23.63 -15.21 8.53
N ILE B 702 23.57 -13.96 8.11
CA ILE B 702 23.89 -13.58 6.71
C ILE B 702 25.37 -13.92 6.45
N MET B 703 26.26 -13.65 7.38
CA MET B 703 27.72 -13.77 7.11
C MET B 703 28.15 -15.24 7.23
N GLN B 704 27.26 -16.10 7.74
CA GLN B 704 27.45 -17.57 7.90
C GLN B 704 26.80 -18.30 6.72
N GLU B 705 25.52 -18.02 6.51
CA GLU B 705 24.66 -18.95 5.76
C GLU B 705 24.46 -18.43 4.35
N VAL B 706 24.66 -17.13 4.06
CA VAL B 706 24.06 -16.53 2.82
C VAL B 706 25.13 -15.87 1.92
N ALA B 707 25.81 -14.84 2.41
CA ALA B 707 26.89 -14.11 1.70
C ALA B 707 28.11 -14.16 2.61
N PRO B 708 28.85 -15.29 2.61
CA PRO B 708 29.75 -15.61 3.73
C PRO B 708 30.87 -14.58 3.92
N ALA B 709 31.28 -14.41 5.16
CA ALA B 709 32.44 -13.58 5.57
C ALA B 709 33.12 -14.29 6.73
N PRO B 710 33.73 -15.49 6.48
CA PRO B 710 34.30 -16.32 7.55
C PRO B 710 35.38 -15.56 8.33
N GLN B 711 36.15 -14.71 7.64
CA GLN B 711 37.24 -13.88 8.22
C GLN B 711 36.64 -12.89 9.22
N LEU B 712 35.47 -12.33 8.92
CA LEU B 712 34.79 -11.35 9.79
C LEU B 712 34.29 -12.06 11.05
N LEU B 713 33.58 -13.18 10.86
CA LEU B 713 33.06 -13.99 12.00
C LEU B 713 34.22 -14.30 12.95
N LYS B 714 35.37 -14.79 12.44
CA LYS B 714 36.62 -14.97 13.23
C LYS B 714 36.97 -13.68 14.01
N GLU B 715 37.21 -12.58 13.29
CA GLU B 715 37.64 -11.28 13.88
C GLU B 715 36.66 -10.80 14.93
N LEU B 716 35.35 -11.06 14.76
CA LEU B 716 34.30 -10.63 15.72
C LEU B 716 34.16 -11.61 16.88
N ASN B 717 34.80 -12.79 16.79
CA ASN B 717 34.76 -13.88 17.80
C ASN B 717 33.37 -14.52 17.82
N LEU B 718 32.80 -14.76 16.64
CA LEU B 718 31.50 -15.47 16.49
C LEU B 718 31.76 -16.87 15.90
N ALA B 719 33.03 -17.16 15.57
CA ALA B 719 33.53 -18.45 15.05
C ALA B 719 34.86 -18.78 15.75
N PHE C . -15.05 -7.08 -2.11
CA PHE C . -16.50 -7.22 -1.80
C PHE C . -17.02 -8.55 -2.38
O PHE C . -16.69 -8.84 -3.52
CB PHE C . -17.36 -6.10 -2.39
CG PHE C . -17.04 -4.72 -1.88
CD1 PHE C . -17.29 -4.37 -0.58
CD2 PHE C . -16.51 -3.75 -2.75
CE1 PHE C . -16.98 -3.11 -0.10
CE2 PHE C . -16.20 -2.50 -2.25
CZ PHE C . -16.43 -2.18 -0.94
N TYR D . -17.78 -9.32 -1.58
CA TYR D . -18.33 -10.62 -1.96
C TYR D . -19.76 -10.42 -2.47
O TYR D . -20.09 -9.33 -2.95
CB TYR D . -18.22 -11.59 -0.77
CG TYR D . -16.85 -12.20 -0.57
CD1 TYR D . -16.07 -12.61 -1.65
CD2 TYR D . -16.33 -12.35 0.71
CE1 TYR D . -14.86 -13.25 -1.45
CE2 TYR D . -15.13 -12.99 0.91
CZ TYR D . -14.38 -13.41 -0.16
OH TYR D . -13.14 -13.95 0.10
OXT TYR D . -20.58 -11.33 -2.40
C1 GOL E . -42.96 -17.30 -13.54
O1 GOL E . -43.52 -16.54 -12.49
C2 GOL E . -42.35 -18.56 -12.96
O2 GOL E . -42.38 -19.60 -13.92
C3 GOL E . -40.94 -18.35 -12.45
O3 GOL E . -40.55 -16.99 -12.55
C1 GOL F . -32.05 -18.10 -6.73
O1 GOL F . -32.61 -19.27 -7.32
C2 GOL F . -30.56 -18.09 -6.90
O2 GOL F . -30.19 -16.84 -7.47
C3 GOL F . -29.79 -18.41 -5.63
O3 GOL F . -28.40 -18.07 -5.68
C1 GOL G . -18.53 -15.29 25.31
O1 GOL G . -17.26 -15.36 24.67
C2 GOL G . -19.12 -13.89 25.27
O2 GOL G . -18.59 -13.17 24.15
C3 GOL G . -20.63 -13.88 25.23
O3 GOL G . -21.15 -12.57 25.03
C1 GOL H . -19.34 -4.37 -5.57
O1 GOL H . -18.29 -5.30 -5.80
C2 GOL H . -20.49 -4.60 -6.53
O2 GOL H . -21.57 -5.35 -5.96
C3 GOL H . -21.06 -3.28 -6.94
O3 GOL H . -21.48 -2.56 -5.80
N PHE I . 14.93 5.51 5.73
CA PHE I . 16.35 5.31 6.25
C PHE I . 16.80 6.51 7.06
O PHE I . 16.52 7.68 6.67
CB PHE I . 17.35 5.06 5.11
CG PHE I . 17.05 3.78 4.37
CD1 PHE I . 17.24 2.56 5.00
CD2 PHE I . 16.49 3.82 3.10
CE1 PHE I . 16.92 1.39 4.36
CE2 PHE I . 16.15 2.63 2.46
CZ PHE I . 16.37 1.43 3.09
N TYR J . 17.47 6.24 8.18
CA TYR J . 18.03 7.29 9.05
C TYR J . 19.51 7.53 8.72
O TYR J . 19.91 7.30 7.58
CB TYR J . 17.77 6.94 10.50
CG TYR J . 16.39 7.26 10.99
CD1 TYR J . 15.70 8.40 10.56
CD2 TYR J . 15.77 6.42 11.90
CE1 TYR J . 14.44 8.71 11.07
CE2 TYR J . 14.51 6.71 12.39
CZ TYR J . 13.85 7.86 12.00
OH TYR J . 12.61 8.12 12.53
OXT TYR J . 20.26 7.95 9.64
C1 GOL K . 21.36 5.69 0.27
O1 GOL K . 22.29 4.88 0.98
C2 GOL K . 20.69 6.68 1.18
O2 GOL K . 21.61 7.06 2.20
C3 GOL K . 19.43 6.12 1.81
O3 GOL K . 18.64 7.18 2.35
#